data_9GKP
#
_entry.id   9GKP
#
_cell.length_a   1.00
_cell.length_b   1.00
_cell.length_c   1.00
_cell.angle_alpha   90.00
_cell.angle_beta   90.00
_cell.angle_gamma   90.00
#
_symmetry.space_group_name_H-M   'P 1'
#
loop_
_entity.id
_entity.type
_entity.pdbx_description
1 polymer DELTA-actitoxin-Afr1a
2 non-polymer sphingomyelin
3 non-polymer CHOLESTEROL
4 water water
#
_entity_poly.entity_id   1
_entity_poly.type   'polypeptide(L)'
_entity_poly.pdbx_seq_one_letter_code
;ADVAGAVIDGAGLGFDVLKTVLEALGNVKRKIAVGIDNESGKTWTAMNTYFRSGTSDIVLPHKVAHGKALLYNGQKNRGP
VATGVVGVIAYSMSDGNTLAVLFSVPYDYNWYSNWWNVRVYKGQKRADQRMYEELYYHRSPFRGDNGWHSRGLGYGLKSR
GFMNSSGHAILEIHVTKA
;
_entity_poly.pdbx_strand_id   G,A,B,C,D,E,F,H
#
# COMPACT_ATOMS: atom_id res chain seq x y z
N ALA A 1 47.09 2.55 -10.16
CA ALA A 1 47.36 1.18 -10.59
C ALA A 1 46.60 0.18 -9.73
N ASP A 2 47.26 -0.95 -9.42
CA ASP A 2 46.62 -1.96 -8.59
C ASP A 2 46.39 -1.44 -7.18
N VAL A 3 47.34 -0.67 -6.64
CA VAL A 3 47.19 -0.12 -5.29
C VAL A 3 46.00 0.82 -5.24
N ALA A 4 45.87 1.71 -6.23
CA ALA A 4 44.76 2.65 -6.25
C ALA A 4 43.43 1.93 -6.35
N GLY A 5 43.36 0.89 -7.19
CA GLY A 5 42.14 0.12 -7.29
C GLY A 5 41.78 -0.57 -5.99
N ALA A 6 42.78 -1.13 -5.30
CA ALA A 6 42.54 -1.75 -4.01
C ALA A 6 42.06 -0.72 -3.00
N VAL A 7 42.67 0.48 -3.00
CA VAL A 7 42.26 1.52 -2.08
C VAL A 7 40.82 1.94 -2.35
N ILE A 8 40.45 2.08 -3.61
CA ILE A 8 39.08 2.47 -3.96
C ILE A 8 38.10 1.38 -3.56
N ASP A 9 38.45 0.12 -3.77
CA ASP A 9 37.57 -0.98 -3.37
C ASP A 9 37.39 -1.01 -1.85
N GLY A 10 38.49 -0.82 -1.11
CA GLY A 10 38.38 -0.75 0.34
C GLY A 10 37.55 0.42 0.80
N ALA A 11 37.69 1.57 0.13
CA ALA A 11 36.88 2.73 0.46
C ALA A 11 35.40 2.47 0.20
N GLY A 12 35.09 1.77 -0.89
CA GLY A 12 33.71 1.43 -1.16
C GLY A 12 33.14 0.47 -0.13
N LEU A 13 33.93 -0.52 0.28
CA LEU A 13 33.50 -1.42 1.34
C LEU A 13 33.28 -0.68 2.64
N GLY A 14 34.19 0.23 2.99
CA GLY A 14 34.00 1.04 4.18
C GLY A 14 32.79 1.93 4.08
N PHE A 15 32.51 2.46 2.89
CA PHE A 15 31.31 3.26 2.69
C PHE A 15 30.04 2.43 2.91
N ASP A 16 30.01 1.21 2.39
CA ASP A 16 28.86 0.35 2.60
C ASP A 16 28.68 0.00 4.07
N VAL A 17 29.79 -0.31 4.75
CA VAL A 17 29.73 -0.61 6.17
C VAL A 17 29.23 0.60 6.95
N LEU A 18 29.73 1.79 6.61
CA LEU A 18 29.30 3.01 7.29
C LEU A 18 27.84 3.30 7.05
N LYS A 19 27.35 3.09 5.83
CA LYS A 19 25.94 3.28 5.55
C LYS A 19 25.09 2.33 6.38
N THR A 20 25.49 1.05 6.45
CA THR A 20 24.73 0.10 7.24
C THR A 20 24.75 0.48 8.72
N VAL A 21 25.91 0.89 9.24
CA VAL A 21 26.02 1.25 10.64
C VAL A 21 25.17 2.47 10.96
N LEU A 22 25.22 3.48 10.09
CA LEU A 22 24.43 4.69 10.31
C LEU A 22 22.94 4.40 10.25
N GLU A 23 22.52 3.55 9.31
CA GLU A 23 21.10 3.19 9.24
C GLU A 23 20.67 2.45 10.50
N ALA A 24 21.50 1.53 10.99
CA ALA A 24 21.18 0.82 12.22
C ALA A 24 21.09 1.77 13.40
N LEU A 25 22.04 2.71 13.50
CA LEU A 25 22.03 3.66 14.60
C LEU A 25 20.80 4.56 14.54
N GLY A 26 20.42 4.99 13.34
CA GLY A 26 19.24 5.83 13.20
C GLY A 26 17.94 5.09 13.39
N ASN A 27 17.93 3.77 13.21
CA ASN A 27 16.73 2.98 13.41
C ASN A 27 16.46 2.67 14.88
N VAL A 28 17.40 2.98 15.77
CA VAL A 28 17.18 2.76 17.19
C VAL A 28 16.19 3.78 17.72
N LYS A 29 15.17 3.31 18.41
CA LYS A 29 14.10 4.16 18.94
C LYS A 29 14.19 4.19 20.46
N ARG A 30 14.25 5.40 21.01
CA ARG A 30 14.20 5.61 22.46
C ARG A 30 13.20 6.72 22.71
N LYS A 31 11.99 6.36 23.11
CA LYS A 31 10.95 7.34 23.37
C LYS A 31 10.33 7.07 24.73
N ILE A 32 9.78 8.12 25.32
CA ILE A 32 9.17 8.08 26.64
C ILE A 32 7.79 8.72 26.55
N ALA A 33 6.80 8.07 27.13
CA ALA A 33 5.45 8.62 27.23
C ALA A 33 5.11 8.78 28.70
N VAL A 34 4.95 10.01 29.14
CA VAL A 34 4.71 10.33 30.54
C VAL A 34 3.24 10.64 30.73
N GLY A 35 2.61 9.96 31.69
CA GLY A 35 1.25 10.26 32.07
C GLY A 35 1.14 10.43 33.58
N ILE A 36 0.79 11.62 34.04
CA ILE A 36 0.77 11.94 35.46
C ILE A 36 -0.64 12.35 35.85
N ASP A 37 -1.24 11.60 36.75
CA ASP A 37 -2.57 11.90 37.26
C ASP A 37 -2.45 12.81 38.47
N ASN A 38 -3.24 13.88 38.49
CA ASN A 38 -3.21 14.90 39.52
C ASN A 38 -4.44 14.72 40.41
N GLU A 39 -4.26 14.05 41.54
CA GLU A 39 -5.25 13.99 42.61
C GLU A 39 -4.68 14.66 43.86
N SER A 40 -3.97 15.76 43.65
CA SER A 40 -3.32 16.49 44.73
C SER A 40 -4.19 17.58 45.33
N GLY A 41 -5.34 17.88 44.71
CA GLY A 41 -6.20 18.94 45.19
C GLY A 41 -5.78 20.33 44.77
N LYS A 42 -4.74 20.47 43.95
CA LYS A 42 -4.29 21.77 43.50
C LYS A 42 -3.98 21.73 42.02
N THR A 43 -4.11 22.88 41.37
CA THR A 43 -3.84 22.98 39.95
C THR A 43 -2.34 23.05 39.68
N TRP A 44 -1.91 22.43 38.59
CA TRP A 44 -0.52 22.43 38.19
C TRP A 44 -0.33 23.33 36.97
N THR A 45 0.67 24.21 37.04
CA THR A 45 1.04 25.07 35.93
C THR A 45 2.41 24.63 35.42
N ALA A 46 2.50 24.39 34.12
CA ALA A 46 3.75 23.93 33.54
C ALA A 46 4.83 24.99 33.68
N MET A 47 6.00 24.59 34.14
CA MET A 47 7.16 25.47 34.14
C MET A 47 8.08 25.15 32.97
N ASN A 48 8.60 23.93 32.90
CA ASN A 48 9.48 23.61 31.77
C ASN A 48 9.92 22.15 31.85
N THR A 49 10.36 21.63 30.72
CA THR A 49 10.97 20.31 30.64
C THR A 49 12.42 20.47 30.19
N TYR A 50 13.35 20.17 31.08
CA TYR A 50 14.77 20.21 30.74
C TYR A 50 15.18 18.85 30.20
N PHE A 51 15.62 18.80 28.96
CA PHE A 51 16.05 17.57 28.31
C PHE A 51 17.57 17.47 28.42
N ARG A 52 18.05 16.64 29.34
CA ARG A 52 19.46 16.30 29.35
C ARG A 52 19.85 15.58 28.07
N SER A 53 18.98 14.69 27.59
CA SER A 53 19.14 14.05 26.30
C SER A 53 17.79 14.01 25.61
N GLY A 54 17.82 13.99 24.29
CA GLY A 54 16.59 13.90 23.52
C GLY A 54 15.85 15.22 23.45
N THR A 55 14.60 15.14 23.01
CA THR A 55 13.76 16.31 22.81
C THR A 55 12.31 15.86 22.78
N SER A 56 11.42 16.82 22.58
CA SER A 56 9.99 16.57 22.47
C SER A 56 9.42 17.32 21.28
N ASP A 57 8.40 16.74 20.65
CA ASP A 57 7.78 17.32 19.47
C ASP A 57 6.44 17.97 19.78
N ILE A 58 6.04 18.03 21.04
CA ILE A 58 4.73 18.55 21.41
C ILE A 58 4.90 19.62 22.48
N VAL A 59 3.82 20.36 22.71
CA VAL A 59 3.80 21.40 23.73
C VAL A 59 3.55 20.78 25.09
N LEU A 60 4.32 21.22 26.08
CA LEU A 60 4.07 20.80 27.45
C LEU A 60 2.77 21.42 27.92
N PRO A 61 1.77 20.63 28.32
CA PRO A 61 0.45 21.19 28.67
C PRO A 61 0.56 22.21 29.80
N HIS A 62 0.05 23.41 29.53
CA HIS A 62 0.27 24.52 30.45
C HIS A 62 -0.42 24.30 31.79
N LYS A 63 -1.64 23.80 31.77
CA LYS A 63 -2.43 23.62 32.98
C LYS A 63 -2.87 22.17 33.11
N VAL A 64 -2.77 21.64 34.33
CA VAL A 64 -3.26 20.31 34.67
C VAL A 64 -4.07 20.48 35.95
N ALA A 65 -5.39 20.60 35.80
CA ALA A 65 -6.25 20.78 36.96
C ALA A 65 -6.34 19.50 37.78
N HIS A 66 -6.80 19.65 39.01
CA HIS A 66 -7.00 18.50 39.88
C HIS A 66 -8.01 17.55 39.26
N GLY A 67 -7.69 16.25 39.28
CA GLY A 67 -8.52 15.26 38.65
C GLY A 67 -8.26 15.06 37.18
N LYS A 68 -7.34 15.80 36.59
CA LYS A 68 -6.98 15.64 35.19
C LYS A 68 -5.62 14.95 35.09
N ALA A 69 -5.21 14.67 33.86
CA ALA A 69 -3.98 13.95 33.61
C ALA A 69 -3.08 14.74 32.67
N LEU A 70 -1.82 14.89 33.05
CA LEU A 70 -0.79 15.43 32.19
C LEU A 70 -0.32 14.33 31.25
N LEU A 71 -0.42 14.59 29.95
CA LEU A 71 0.08 13.69 28.92
C LEU A 71 1.22 14.37 28.19
N TYR A 72 2.36 13.68 28.11
CA TYR A 72 3.55 14.26 27.50
C TYR A 72 4.35 13.13 26.87
N ASN A 73 5.20 13.47 25.93
CA ASN A 73 6.07 12.44 25.35
C ASN A 73 7.29 13.10 24.75
N GLY A 74 8.36 12.32 24.65
CA GLY A 74 9.59 12.76 24.05
C GLY A 74 10.29 11.58 23.44
N GLN A 75 11.38 11.87 22.72
CA GLN A 75 12.16 10.82 22.09
C GLN A 75 13.58 11.31 21.90
N LYS A 76 14.45 10.38 21.52
CA LYS A 76 15.84 10.72 21.29
C LYS A 76 15.98 11.57 20.02
N ASN A 77 17.10 12.28 19.94
CA ASN A 77 17.34 13.18 18.83
C ASN A 77 17.35 12.41 17.51
N ARG A 78 16.72 12.98 16.49
CA ARG A 78 16.69 12.34 15.18
C ARG A 78 18.10 12.20 14.62
N GLY A 79 18.32 11.10 13.91
CA GLY A 79 19.60 10.82 13.31
C GLY A 79 20.37 9.77 14.06
N PRO A 80 21.50 9.33 13.50
CA PRO A 80 22.29 8.26 14.12
C PRO A 80 23.17 8.77 15.25
N VAL A 81 22.53 9.15 16.35
CA VAL A 81 23.22 9.64 17.54
C VAL A 81 22.97 8.65 18.67
N ALA A 82 24.03 8.31 19.40
CA ALA A 82 23.95 7.31 20.46
C ALA A 82 23.57 7.96 21.79
N THR A 83 22.41 8.62 21.78
CA THR A 83 21.88 9.26 22.97
C THR A 83 20.42 8.88 23.14
N GLY A 84 20.00 8.76 24.39
CA GLY A 84 18.62 8.45 24.73
C GLY A 84 17.80 9.69 24.95
N VAL A 85 16.76 9.57 25.77
CA VAL A 85 15.92 10.70 26.15
C VAL A 85 15.90 10.76 27.68
N VAL A 86 16.58 11.76 28.23
CA VAL A 86 16.70 11.93 29.67
C VAL A 86 16.29 13.36 30.00
N GLY A 87 15.40 13.53 30.96
CA GLY A 87 14.93 14.87 31.25
C GLY A 87 14.19 14.95 32.55
N VAL A 88 13.83 16.19 32.90
CA VAL A 88 13.07 16.49 34.11
C VAL A 88 11.95 17.44 33.74
N ILE A 89 10.73 17.10 34.12
CA ILE A 89 9.56 17.94 33.94
C ILE A 89 9.29 18.67 35.25
N ALA A 90 9.18 19.99 35.18
CA ALA A 90 8.91 20.81 36.36
C ALA A 90 7.60 21.54 36.13
N TYR A 91 6.66 21.31 37.05
CA TYR A 91 5.34 21.93 37.05
C TYR A 91 5.20 22.76 38.31
N SER A 92 4.58 23.92 38.20
CA SER A 92 4.30 24.74 39.37
C SER A 92 2.97 24.32 39.97
N MET A 93 2.94 24.17 41.29
CA MET A 93 1.72 23.80 41.99
C MET A 93 1.08 25.01 42.64
N SER A 94 -0.23 24.89 42.89
CA SER A 94 -0.98 26.03 43.41
C SER A 94 -0.49 26.47 44.79
N ASP A 95 0.03 25.54 45.59
CA ASP A 95 0.52 25.89 46.92
C ASP A 95 1.81 26.69 46.87
N GLY A 96 2.43 26.82 45.71
CA GLY A 96 3.69 27.53 45.60
C GLY A 96 4.91 26.65 45.51
N ASN A 97 4.74 25.33 45.41
CA ASN A 97 5.85 24.40 45.30
C ASN A 97 5.94 23.87 43.88
N THR A 98 7.01 23.12 43.62
CA THR A 98 7.30 22.60 42.29
C THR A 98 7.27 21.09 42.32
N LEU A 99 6.58 20.48 41.36
CA LEU A 99 6.60 19.04 41.16
C LEU A 99 7.60 18.73 40.05
N ALA A 100 8.62 17.95 40.39
CA ALA A 100 9.66 17.56 39.45
C ALA A 100 9.61 16.07 39.21
N VAL A 101 9.57 15.68 37.94
CA VAL A 101 9.52 14.28 37.53
C VAL A 101 10.70 14.01 36.61
N LEU A 102 11.60 13.15 37.04
CA LEU A 102 12.76 12.76 36.27
C LEU A 102 12.45 11.49 35.50
N PHE A 103 12.75 11.48 34.20
CA PHE A 103 12.68 10.31 33.37
C PHE A 103 14.01 10.12 32.67
N SER A 104 14.38 8.86 32.44
CA SER A 104 15.66 8.55 31.82
C SER A 104 15.53 7.26 31.04
N VAL A 105 15.52 7.36 29.72
CA VAL A 105 15.53 6.21 28.83
C VAL A 105 16.85 6.24 28.07
N PRO A 106 17.86 5.50 28.52
CA PRO A 106 19.19 5.61 27.92
C PRO A 106 19.27 4.95 26.56
N TYR A 107 20.31 5.32 25.83
CA TYR A 107 20.58 4.68 24.54
C TYR A 107 21.27 3.34 24.72
N ASP A 108 22.38 3.33 25.46
CA ASP A 108 23.15 2.12 25.70
C ASP A 108 22.62 1.42 26.93
N TYR A 109 21.93 0.30 26.73
CA TYR A 109 21.40 -0.48 27.83
C TYR A 109 22.42 -1.44 28.42
N ASN A 110 23.63 -1.51 27.85
CA ASN A 110 24.68 -2.33 28.44
C ASN A 110 25.18 -1.74 29.74
N TRP A 111 25.20 -0.40 29.85
CA TRP A 111 25.69 0.27 31.04
C TRP A 111 24.60 0.96 31.83
N TYR A 112 23.48 1.31 31.22
CA TYR A 112 22.46 2.12 31.86
C TYR A 112 21.13 1.40 31.81
N SER A 113 20.19 1.89 32.62
CA SER A 113 18.84 1.36 32.68
C SER A 113 17.85 2.52 32.66
N ASN A 114 16.58 2.17 32.49
CA ASN A 114 15.52 3.18 32.63
C ASN A 114 15.43 3.62 34.09
N TRP A 115 15.32 4.92 34.31
CA TRP A 115 15.17 5.45 35.65
C TRP A 115 14.06 6.50 35.67
N TRP A 116 13.45 6.65 36.83
CA TRP A 116 12.47 7.72 37.01
C TRP A 116 12.45 8.11 38.48
N ASN A 117 11.97 9.31 38.73
CA ASN A 117 11.90 9.84 40.09
C ASN A 117 10.83 10.91 40.14
N VAL A 118 10.28 11.12 41.33
CA VAL A 118 9.32 12.19 41.57
C VAL A 118 9.70 12.88 42.87
N ARG A 119 9.68 14.20 42.87
CA ARG A 119 10.03 14.96 44.05
C ARG A 119 9.27 16.27 44.04
N VAL A 120 9.10 16.84 45.23
CA VAL A 120 8.48 18.15 45.39
C VAL A 120 9.52 19.09 45.99
N TYR A 121 9.77 20.19 45.32
CA TYR A 121 10.69 21.22 45.76
C TYR A 121 9.92 22.39 46.35
N LYS A 122 10.43 22.95 47.43
CA LYS A 122 9.84 24.16 47.97
C LYS A 122 10.11 25.33 47.03
N GLY A 123 9.09 26.17 46.83
CA GLY A 123 9.21 27.29 45.92
C GLY A 123 9.03 26.88 44.48
N GLN A 124 9.16 27.86 43.60
CA GLN A 124 9.04 27.65 42.17
C GLN A 124 10.44 27.53 41.56
N LYS A 125 10.78 26.33 41.11
CA LYS A 125 12.09 26.04 40.54
C LYS A 125 11.91 25.46 39.14
N ARG A 126 12.67 25.96 38.19
CA ARG A 126 12.63 25.43 36.83
C ARG A 126 13.58 24.25 36.71
N ALA A 127 13.18 23.26 35.93
CA ALA A 127 14.01 22.09 35.69
C ALA A 127 15.27 22.51 34.93
N ASP A 128 16.42 22.00 35.38
CA ASP A 128 17.70 22.33 34.77
C ASP A 128 18.65 21.16 35.02
N GLN A 129 19.93 21.38 34.71
CA GLN A 129 20.91 20.33 34.87
C GLN A 129 21.09 19.95 36.34
N ARG A 130 21.11 20.95 37.23
CA ARG A 130 21.29 20.67 38.65
C ARG A 130 20.13 19.86 39.21
N MET A 131 18.90 20.21 38.83
CA MET A 131 17.74 19.45 39.28
C MET A 131 17.80 18.02 38.76
N TYR A 132 18.20 17.85 37.50
CA TYR A 132 18.33 16.50 36.96
C TYR A 132 19.37 15.70 37.71
N GLU A 133 20.52 16.31 38.02
CA GLU A 133 21.55 15.60 38.76
C GLU A 133 21.07 15.24 40.15
N GLU A 134 20.34 16.14 40.81
CA GLU A 134 19.78 15.84 42.12
C GLU A 134 18.83 14.65 42.05
N LEU A 135 17.93 14.65 41.07
CA LEU A 135 16.93 13.59 40.99
C LEU A 135 17.53 12.27 40.53
N TYR A 136 18.62 12.30 39.79
CA TYR A 136 19.19 11.09 39.22
C TYR A 136 20.29 10.47 40.07
N TYR A 137 21.01 11.27 40.87
CA TYR A 137 22.16 10.77 41.59
C TYR A 137 22.02 10.84 43.11
N HIS A 138 21.13 11.67 43.65
CA HIS A 138 21.09 11.90 45.08
C HIS A 138 19.73 11.74 45.72
N ARG A 139 18.65 11.66 44.95
CA ARG A 139 17.32 11.56 45.53
C ARG A 139 16.72 10.17 45.37
N SER A 140 17.55 9.15 45.16
CA SER A 140 17.14 7.75 45.11
C SER A 140 16.09 7.53 44.04
N PRO A 141 16.44 7.61 42.76
CA PRO A 141 15.46 7.37 41.71
C PRO A 141 15.01 5.92 41.68
N PHE A 142 13.78 5.70 41.24
CA PHE A 142 13.26 4.36 41.06
C PHE A 142 13.72 3.80 39.72
N ARG A 143 14.09 2.53 39.72
CA ARG A 143 14.46 1.89 38.47
C ARG A 143 13.22 1.60 37.64
N GLY A 144 13.33 1.77 36.33
CA GLY A 144 12.26 1.40 35.44
C GLY A 144 12.26 -0.09 35.22
N ASP A 145 11.81 -0.84 36.23
CA ASP A 145 11.94 -2.30 36.24
C ASP A 145 10.59 -2.99 36.14
N ASN A 146 9.63 -2.37 35.46
CA ASN A 146 8.28 -2.91 35.33
C ASN A 146 7.65 -3.17 36.70
N GLY A 147 7.92 -2.29 37.65
CA GLY A 147 7.39 -2.43 38.99
C GLY A 147 6.76 -1.15 39.47
N TRP A 148 5.75 -1.29 40.32
CA TRP A 148 5.08 -0.17 40.93
C TRP A 148 5.83 0.25 42.18
N HIS A 149 6.11 1.54 42.30
CA HIS A 149 6.81 2.10 43.45
C HIS A 149 6.00 3.24 44.03
N SER A 150 5.92 3.28 45.35
CA SER A 150 5.20 4.33 46.06
C SER A 150 6.15 5.05 47.01
N ARG A 151 6.03 6.36 47.09
CA ARG A 151 6.88 7.15 47.97
C ARG A 151 6.13 8.40 48.38
N GLY A 152 6.16 8.70 49.68
CA GLY A 152 5.56 9.92 50.17
C GLY A 152 6.37 11.13 49.71
N LEU A 153 5.73 12.01 48.96
CA LEU A 153 6.39 13.22 48.47
C LEU A 153 6.47 14.31 49.52
N GLY A 154 5.66 14.22 50.58
CA GLY A 154 5.61 15.28 51.55
C GLY A 154 4.64 16.36 51.12
N TYR A 155 4.52 17.38 51.98
CA TYR A 155 3.55 18.46 51.76
C TYR A 155 2.14 17.91 51.58
N GLY A 156 1.82 16.86 52.33
CA GLY A 156 0.53 16.20 52.20
C GLY A 156 0.34 15.56 50.85
N LEU A 157 1.40 15.06 50.23
CA LEU A 157 1.35 14.46 48.92
C LEU A 157 2.13 13.15 48.90
N LYS A 158 1.60 12.17 48.17
CA LYS A 158 2.26 10.91 47.94
C LYS A 158 2.19 10.59 46.45
N SER A 159 3.10 9.75 46.00
CA SER A 159 3.18 9.39 44.59
C SER A 159 3.26 7.88 44.44
N ARG A 160 2.61 7.36 43.40
CA ARG A 160 2.65 5.95 43.05
C ARG A 160 2.90 5.85 41.55
N GLY A 161 4.04 5.29 41.18
CA GLY A 161 4.48 5.32 39.80
C GLY A 161 4.90 3.97 39.28
N PHE A 162 5.02 3.90 37.96
CA PHE A 162 5.37 2.69 37.25
C PHE A 162 6.12 3.07 35.99
N MET A 163 7.17 2.31 35.67
CA MET A 163 7.92 2.52 34.45
C MET A 163 8.46 1.19 33.96
N ASN A 164 8.24 0.88 32.69
CA ASN A 164 8.75 -0.35 32.12
C ASN A 164 10.23 -0.23 31.81
N SER A 165 10.83 -1.35 31.41
CA SER A 165 12.28 -1.42 31.21
C SER A 165 12.69 -1.36 29.75
N SER A 166 11.75 -1.18 28.83
CA SER A 166 12.07 -1.19 27.41
C SER A 166 12.42 0.22 26.92
N GLY A 167 12.95 0.27 25.70
CA GLY A 167 13.25 1.55 25.08
C GLY A 167 12.03 2.36 24.72
N HIS A 168 10.89 1.70 24.51
CA HIS A 168 9.62 2.39 24.31
C HIS A 168 8.95 2.61 25.66
N ALA A 169 9.58 3.44 26.48
CA ALA A 169 9.24 3.54 27.88
C ALA A 169 7.94 4.29 28.09
N ILE A 170 7.14 3.81 29.05
CA ILE A 170 5.95 4.50 29.52
C ILE A 170 6.12 4.72 31.01
N LEU A 171 5.95 5.97 31.44
CA LEU A 171 6.07 6.35 32.84
C LEU A 171 4.73 6.87 33.31
N GLU A 172 4.03 6.08 34.12
CA GLU A 172 2.72 6.45 34.62
C GLU A 172 2.83 6.72 36.11
N ILE A 173 2.48 7.93 36.52
CA ILE A 173 2.59 8.36 37.91
C ILE A 173 1.23 8.89 38.36
N HIS A 174 0.86 8.60 39.59
CA HIS A 174 -0.32 9.17 40.23
C HIS A 174 0.15 9.94 41.44
N VAL A 175 -0.01 11.26 41.42
CA VAL A 175 0.35 12.10 42.55
C VAL A 175 -0.95 12.46 43.26
N THR A 176 -1.15 11.89 44.45
CA THR A 176 -2.39 12.02 45.18
C THR A 176 -2.14 12.64 46.54
N LYS A 177 -3.24 13.09 47.16
CA LYS A 177 -3.16 13.60 48.52
C LYS A 177 -2.72 12.49 49.46
N ALA A 178 -1.75 12.80 50.32
CA ALA A 178 -1.24 11.81 51.27
C ALA A 178 -2.26 11.58 52.38
N ALA B 1 43.90 3.21 -19.72
CA ALA B 1 44.53 1.99 -19.23
C ALA B 1 44.12 1.72 -17.78
N ASP B 2 45.08 1.22 -16.99
CA ASP B 2 44.80 0.95 -15.58
C ASP B 2 44.50 2.24 -14.83
N VAL B 3 45.23 3.32 -15.14
CA VAL B 3 45.00 4.59 -14.45
C VAL B 3 43.59 5.11 -14.75
N ALA B 4 43.17 5.05 -16.01
CA ALA B 4 41.84 5.52 -16.37
C ALA B 4 40.76 4.69 -15.68
N GLY B 5 40.94 3.37 -15.63
CA GLY B 5 39.98 2.54 -14.93
C GLY B 5 39.89 2.84 -13.45
N ALA B 6 41.05 3.08 -12.82
CA ALA B 6 41.06 3.47 -11.42
C ALA B 6 40.36 4.81 -11.22
N VAL B 7 40.61 5.77 -12.12
CA VAL B 7 39.97 7.07 -12.01
C VAL B 7 38.46 6.93 -12.15
N ILE B 8 38.00 6.12 -13.10
CA ILE B 8 36.56 5.93 -13.29
C ILE B 8 35.95 5.25 -12.07
N ASP B 9 36.63 4.25 -11.50
CA ASP B 9 36.10 3.59 -10.31
C ASP B 9 36.02 4.56 -9.14
N GLY B 10 37.06 5.38 -8.96
CA GLY B 10 37.01 6.39 -7.91
C GLY B 10 35.91 7.40 -8.13
N ALA B 11 35.69 7.79 -9.39
CA ALA B 11 34.60 8.71 -9.70
C ALA B 11 33.25 8.09 -9.39
N GLY B 12 33.09 6.80 -9.69
CA GLY B 12 31.84 6.13 -9.35
C GLY B 12 31.62 6.04 -7.85
N LEU B 13 32.68 5.74 -7.11
CA LEU B 13 32.57 5.73 -5.65
C LEU B 13 32.21 7.10 -5.11
N GLY B 14 32.85 8.15 -5.64
CA GLY B 14 32.51 9.50 -5.23
C GLY B 14 31.08 9.86 -5.60
N PHE B 15 30.61 9.38 -6.75
CA PHE B 15 29.23 9.61 -7.14
C PHE B 15 28.26 8.96 -6.15
N ASP B 16 28.55 7.71 -5.76
CA ASP B 16 27.68 7.04 -4.80
C ASP B 16 27.70 7.75 -3.45
N VAL B 17 28.88 8.17 -3.01
CA VAL B 17 28.98 8.92 -1.76
C VAL B 17 28.20 10.22 -1.85
N LEU B 18 28.32 10.93 -2.96
CA LEU B 18 27.61 12.19 -3.13
C LEU B 18 26.11 11.99 -3.16
N LYS B 19 25.64 10.92 -3.83
CA LYS B 19 24.22 10.62 -3.83
C LYS B 19 23.72 10.36 -2.42
N THR B 20 24.45 9.55 -1.65
CA THR B 20 24.04 9.28 -0.28
C THR B 20 24.02 10.54 0.56
N VAL B 21 25.05 11.38 0.42
CA VAL B 21 25.12 12.61 1.20
C VAL B 21 23.98 13.54 0.84
N LEU B 22 23.69 13.70 -0.45
CA LEU B 22 22.62 14.58 -0.88
C LEU B 22 21.27 14.07 -0.41
N GLU B 23 21.05 12.75 -0.46
CA GLU B 23 19.80 12.19 0.04
C GLU B 23 19.65 12.45 1.54
N ALA B 24 20.74 12.25 2.30
CA ALA B 24 20.68 12.51 3.73
C ALA B 24 20.39 13.98 4.02
N LEU B 25 21.04 14.88 3.27
CA LEU B 25 20.82 16.31 3.48
C LEU B 25 19.39 16.70 3.14
N GLY B 26 18.84 16.14 2.07
CA GLY B 26 17.47 16.43 1.70
C GLY B 26 16.43 15.80 2.61
N ASN B 27 16.80 14.73 3.31
CA ASN B 27 15.86 14.10 4.23
C ASN B 27 15.78 14.81 5.57
N VAL B 28 16.64 15.80 5.82
CA VAL B 28 16.56 16.56 7.06
C VAL B 28 15.35 17.48 7.02
N LYS B 29 14.53 17.42 8.07
CA LYS B 29 13.31 18.20 8.15
C LYS B 29 13.45 19.26 9.23
N ARG B 30 13.20 20.52 8.86
CA ARG B 30 13.17 21.64 9.80
C ARG B 30 11.91 22.42 9.50
N LYS B 31 10.87 22.23 10.30
CA LYS B 31 9.62 22.93 10.10
C LYS B 31 9.16 23.54 11.42
N ILE B 32 8.37 24.60 11.30
CA ILE B 32 7.87 25.34 12.44
C ILE B 32 6.36 25.50 12.28
N ALA B 33 5.62 25.25 13.34
CA ALA B 33 4.18 25.47 13.37
C ALA B 33 3.89 26.52 14.43
N VAL B 34 3.41 27.68 14.01
CA VAL B 34 3.16 28.82 14.89
C VAL B 34 1.67 28.91 15.17
N GLY B 35 1.31 28.95 16.44
CA GLY B 35 -0.06 29.19 16.84
C GLY B 35 -0.13 30.30 17.87
N ILE B 36 -0.79 31.40 17.52
CA ILE B 36 -0.82 32.59 18.38
C ILE B 36 -2.27 32.90 18.72
N ASP B 37 -2.59 32.86 20.00
CA ASP B 37 -3.92 33.19 20.49
C ASP B 37 -4.00 34.69 20.77
N ASN B 38 -5.06 35.32 20.28
CA ASN B 38 -5.26 36.76 20.39
C ASN B 38 -6.34 37.01 21.44
N GLU B 39 -5.92 37.33 22.66
CA GLU B 39 -6.80 37.83 23.70
C GLU B 39 -6.40 39.25 24.08
N SER B 40 -6.02 40.03 23.06
CA SER B 40 -5.56 41.39 23.24
C SER B 40 -6.67 42.41 23.18
N GLY B 41 -7.88 42.02 22.79
CA GLY B 41 -8.98 42.95 22.66
C GLY B 41 -8.99 43.74 21.38
N LYS B 42 -8.07 43.48 20.45
CA LYS B 42 -8.03 44.19 19.19
C LYS B 42 -7.79 43.21 18.05
N THR B 43 -8.26 43.58 16.87
CA THR B 43 -8.12 42.74 15.69
C THR B 43 -6.71 42.88 15.12
N TRP B 44 -6.18 41.76 14.61
CA TRP B 44 -4.86 41.73 14.00
C TRP B 44 -5.00 41.60 12.50
N THR B 45 -4.29 42.45 11.76
CA THR B 45 -4.22 42.39 10.31
C THR B 45 -2.82 41.97 9.90
N ALA B 46 -2.73 40.94 9.07
CA ALA B 46 -1.43 40.43 8.66
C ALA B 46 -0.69 41.48 7.84
N MET B 47 0.58 41.70 8.18
CA MET B 47 1.44 42.53 7.36
C MET B 47 2.34 41.68 6.48
N ASN B 48 3.19 40.85 7.09
CA ASN B 48 4.07 40.00 6.27
C ASN B 48 4.89 39.09 7.16
N THR B 49 5.40 38.03 6.55
CA THR B 49 6.36 37.14 7.21
C THR B 49 7.68 37.21 6.44
N TYR B 50 8.70 37.75 7.08
CA TYR B 50 10.04 37.79 6.47
C TYR B 50 10.78 36.53 6.86
N PHE B 51 11.16 35.74 5.86
CA PHE B 51 11.89 34.49 6.08
C PHE B 51 13.37 34.76 5.87
N ARG B 52 14.11 34.86 6.98
CA ARG B 52 15.57 34.88 6.88
C ARG B 52 16.07 33.56 6.31
N SER B 53 15.46 32.45 6.73
CA SER B 53 15.73 31.15 6.15
C SER B 53 14.41 30.41 5.96
N GLY B 54 14.38 29.51 4.99
CA GLY B 54 13.18 28.73 4.76
C GLY B 54 12.10 29.49 4.03
N THR B 55 10.91 28.91 4.05
CA THR B 55 9.76 29.48 3.35
C THR B 55 8.49 28.88 3.93
N SER B 56 7.36 29.29 3.38
CA SER B 56 6.06 28.77 3.78
C SER B 56 5.25 28.41 2.54
N ASP B 57 4.41 27.40 2.68
CA ASP B 57 3.58 26.90 1.59
C ASP B 57 2.13 27.34 1.70
N ILE B 58 1.78 28.17 2.68
CA ILE B 58 0.40 28.57 2.91
C ILE B 58 0.33 30.09 2.99
N VAL B 59 -0.90 30.58 2.94
CA VAL B 59 -1.17 32.01 3.02
C VAL B 59 -1.16 32.44 4.48
N LEU B 60 -0.50 33.56 4.76
CA LEU B 60 -0.56 34.13 6.09
C LEU B 60 -1.95 34.67 6.34
N PRO B 61 -2.67 34.19 7.36
CA PRO B 61 -4.07 34.61 7.56
C PRO B 61 -4.18 36.12 7.71
N HIS B 62 -5.02 36.71 6.86
CA HIS B 62 -5.09 38.16 6.78
C HIS B 62 -5.61 38.79 8.07
N LYS B 63 -6.65 38.19 8.65
CA LYS B 63 -7.28 38.74 9.84
C LYS B 63 -7.30 37.72 10.96
N VAL B 64 -6.99 38.18 12.17
CA VAL B 64 -7.07 37.37 13.38
C VAL B 64 -7.84 38.20 14.39
N ALA B 65 -9.14 37.96 14.51
CA ALA B 65 -9.96 38.72 15.43
C ALA B 65 -9.63 38.34 16.88
N HIS B 66 -10.06 39.20 17.80
CA HIS B 66 -9.88 38.92 19.22
C HIS B 66 -10.62 37.65 19.59
N GLY B 67 -9.95 36.79 20.36
CA GLY B 67 -10.50 35.50 20.71
C GLY B 67 -10.27 34.41 19.70
N LYS B 68 -9.63 34.71 18.57
CA LYS B 68 -9.30 33.71 17.57
C LYS B 68 -7.82 33.38 17.63
N ALA B 69 -7.40 32.43 16.81
CA ALA B 69 -6.03 31.96 16.81
C ALA B 69 -5.44 32.05 15.41
N LEU B 70 -4.25 32.64 15.32
CA LEU B 70 -3.46 32.62 14.10
C LEU B 70 -2.76 31.28 13.99
N LEU B 71 -2.99 30.57 12.89
CA LEU B 71 -2.31 29.32 12.60
C LEU B 71 -1.44 29.51 11.37
N TYR B 72 -0.15 29.17 11.49
CA TYR B 72 0.79 29.37 10.41
C TYR B 72 1.83 28.28 10.49
N ASN B 73 2.51 28.05 9.38
CA ASN B 73 3.60 27.07 9.41
C ASN B 73 4.56 27.36 8.27
N GLY B 74 5.80 26.91 8.46
CA GLY B 74 6.82 27.03 7.46
C GLY B 74 7.80 25.89 7.60
N GLN B 75 8.72 25.81 6.64
CA GLN B 75 9.72 24.76 6.67
C GLN B 75 10.95 25.24 5.90
N LYS B 76 12.02 24.47 6.01
CA LYS B 76 13.25 24.81 5.31
C LYS B 76 13.08 24.59 3.82
N ASN B 77 13.94 25.24 3.04
CA ASN B 77 13.87 25.16 1.59
C ASN B 77 14.02 23.74 1.11
N ARG B 78 13.22 23.35 0.13
CA ARG B 78 13.30 22.01 -0.41
C ARG B 78 14.66 21.77 -1.05
N GLY B 79 15.14 20.53 -0.93
CA GLY B 79 16.42 20.17 -1.48
C GLY B 79 17.49 20.04 -0.43
N PRO B 80 18.67 19.56 -0.82
CA PRO B 80 19.75 19.33 0.14
C PRO B 80 20.51 20.61 0.46
N VAL B 81 19.85 21.51 1.17
CA VAL B 81 20.43 22.78 1.58
C VAL B 81 20.52 22.80 3.10
N ALA B 82 21.67 23.23 3.61
CA ALA B 82 21.93 23.21 5.05
C ALA B 82 21.45 24.51 5.69
N THR B 83 20.15 24.77 5.53
CA THR B 83 19.52 25.94 6.11
C THR B 83 18.25 25.53 6.82
N GLY B 84 17.94 26.21 7.90
CA GLY B 84 16.73 25.98 8.67
C GLY B 84 15.60 26.87 8.22
N VAL B 85 14.68 27.16 9.15
CA VAL B 85 13.58 28.08 8.90
C VAL B 85 13.61 29.15 9.99
N VAL B 86 14.02 30.36 9.60
CA VAL B 86 14.15 31.47 10.52
C VAL B 86 13.38 32.65 9.94
N GLY B 87 12.52 33.26 10.75
CA GLY B 87 11.72 34.34 10.21
C GLY B 87 11.05 35.15 11.30
N VAL B 88 10.38 36.21 10.85
CA VAL B 88 9.63 37.10 11.71
C VAL B 88 8.26 37.33 11.08
N ILE B 89 7.21 37.13 11.87
CA ILE B 89 5.84 37.42 11.46
C ILE B 89 5.45 38.77 12.02
N ALA B 90 4.96 39.65 11.16
CA ALA B 90 4.54 40.99 11.56
C ALA B 90 3.06 41.12 11.23
N TYR B 91 2.27 41.42 12.26
CA TYR B 91 0.83 41.64 12.16
C TYR B 91 0.53 43.05 12.60
N SER B 92 -0.39 43.71 11.91
CA SER B 92 -0.83 45.04 12.31
C SER B 92 -1.96 44.91 13.33
N MET B 93 -1.89 45.68 14.40
CA MET B 93 -2.91 45.67 15.43
C MET B 93 -3.84 46.87 15.28
N SER B 94 -5.04 46.73 15.84
CA SER B 94 -6.06 47.76 15.67
C SER B 94 -5.64 49.09 16.29
N ASP B 95 -4.84 49.04 17.35
CA ASP B 95 -4.40 50.28 18.00
C ASP B 95 -3.39 51.06 17.18
N GLY B 96 -2.89 50.48 16.09
CA GLY B 96 -1.89 51.13 15.27
C GLY B 96 -0.47 50.65 15.48
N ASN B 97 -0.27 49.61 16.29
CA ASN B 97 1.04 49.05 16.56
C ASN B 97 1.20 47.72 15.83
N THR B 98 2.42 47.20 15.87
CA THR B 98 2.79 45.99 15.15
C THR B 98 3.19 44.91 16.15
N LEU B 99 2.64 43.72 15.98
CA LEU B 99 3.06 42.54 16.74
C LEU B 99 4.05 41.75 15.91
N ALA B 100 5.27 41.60 16.42
CA ALA B 100 6.33 40.87 15.73
C ALA B 100 6.67 39.62 16.52
N VAL B 101 6.68 38.48 15.85
CA VAL B 101 7.01 37.20 16.44
C VAL B 101 8.17 36.59 15.67
N LEU B 102 9.29 36.42 16.34
CA LEU B 102 10.48 35.81 15.75
C LEU B 102 10.50 34.33 16.07
N PHE B 103 10.72 33.52 15.04
CA PHE B 103 10.94 32.09 15.20
C PHE B 103 12.24 31.72 14.50
N SER B 104 12.93 30.72 15.04
CA SER B 104 14.22 30.31 14.49
C SER B 104 14.41 28.83 14.78
N VAL B 105 14.31 28.02 13.73
CA VAL B 105 14.60 26.59 13.82
C VAL B 105 15.82 26.33 12.94
N PRO B 106 17.01 26.28 13.51
CA PRO B 106 18.23 26.19 12.69
C PRO B 106 18.42 24.81 12.10
N TYR B 107 19.28 24.76 11.09
CA TYR B 107 19.64 23.49 10.48
C TYR B 107 20.70 22.77 11.31
N ASP B 108 21.79 23.45 11.62
CA ASP B 108 22.90 22.88 12.39
C ASP B 108 22.64 23.11 13.87
N TYR B 109 22.29 22.05 14.59
CA TYR B 109 22.05 22.14 16.02
C TYR B 109 23.34 22.02 16.84
N ASN B 110 24.48 21.80 16.18
CA ASN B 110 25.74 21.78 16.91
C ASN B 110 26.12 23.18 17.37
N TRP B 111 25.78 24.21 16.60
CA TRP B 111 26.12 25.58 16.93
C TRP B 111 24.92 26.43 17.32
N TYR B 112 23.72 26.07 16.90
CA TYR B 112 22.54 26.90 17.09
C TYR B 112 21.46 26.13 17.81
N SER B 113 20.47 26.85 18.31
CA SER B 113 19.32 26.28 19.00
C SER B 113 18.05 26.93 18.47
N ASN B 114 16.92 26.34 18.85
CA ASN B 114 15.64 26.97 18.54
C ASN B 114 15.50 28.25 19.35
N TRP B 115 15.03 29.31 18.71
CA TRP B 115 14.81 30.57 19.40
C TRP B 115 13.46 31.15 19.00
N TRP B 116 12.88 31.94 19.90
CA TRP B 116 11.66 32.65 19.58
C TRP B 116 11.60 33.91 20.42
N ASN B 117 10.81 34.87 19.94
CA ASN B 117 10.67 36.15 20.62
C ASN B 117 9.35 36.77 20.22
N VAL B 118 8.81 37.62 21.09
CA VAL B 118 7.60 38.38 20.81
C VAL B 118 7.85 39.81 21.24
N ARG B 119 7.45 40.76 20.39
CA ARG B 119 7.65 42.17 20.71
C ARG B 119 6.55 42.97 20.04
N VAL B 120 6.28 44.16 20.59
CA VAL B 120 5.33 45.08 20.01
C VAL B 120 6.08 46.34 19.62
N TYR B 121 5.98 46.73 18.36
CA TYR B 121 6.60 47.94 17.83
C TYR B 121 5.55 49.02 17.69
N LYS B 122 5.95 50.25 18.01
CA LYS B 122 5.07 51.39 17.78
C LYS B 122 4.95 51.64 16.28
N GLY B 123 3.74 51.92 15.83
CA GLY B 123 3.49 52.14 14.42
C GLY B 123 3.36 50.84 13.66
N GLN B 124 3.17 50.98 12.35
CA GLN B 124 3.03 49.84 11.45
C GLN B 124 4.37 49.59 10.78
N LYS B 125 5.01 48.48 11.12
CA LYS B 125 6.33 48.11 10.59
C LYS B 125 6.24 46.72 9.99
N ARG B 126 6.79 46.57 8.78
CA ARG B 126 6.84 45.28 8.13
C ARG B 126 8.07 44.51 8.57
N ALA B 127 7.91 43.20 8.72
CA ALA B 127 9.04 42.36 9.09
C ALA B 127 10.08 42.36 7.99
N ASP B 128 11.34 42.50 8.39
CA ASP B 128 12.45 42.54 7.45
C ASP B 128 13.70 42.04 8.16
N GLN B 129 14.85 42.21 7.50
CA GLN B 129 16.10 41.74 8.07
C GLN B 129 16.45 42.49 9.34
N ARG B 130 16.23 43.81 9.36
CA ARG B 130 16.56 44.59 10.54
C ARG B 130 15.70 44.19 11.73
N MET B 131 14.40 43.97 11.51
CA MET B 131 13.53 43.53 12.59
C MET B 131 13.96 42.16 13.11
N TYR B 132 14.33 41.26 12.20
CA TYR B 132 14.80 39.94 12.62
C TYR B 132 16.06 40.06 13.45
N GLU B 133 17.01 40.89 13.03
CA GLU B 133 18.24 41.07 13.81
C GLU B 133 17.95 41.66 15.17
N GLU B 134 17.02 42.62 15.23
CA GLU B 134 16.64 43.19 16.52
C GLU B 134 16.07 42.14 17.44
N LEU B 135 15.14 41.32 16.93
CA LEU B 135 14.49 40.33 17.76
C LEU B 135 15.40 39.16 18.12
N TYR B 136 16.41 38.89 17.32
CA TYR B 136 17.27 37.73 17.54
C TYR B 136 18.53 38.05 18.31
N TYR B 137 19.03 39.28 18.23
CA TYR B 137 20.30 39.63 18.82
C TYR B 137 20.24 40.66 19.93
N HIS B 138 19.18 41.47 20.00
CA HIS B 138 19.16 42.59 20.92
C HIS B 138 17.92 42.67 21.80
N ARG B 139 16.87 41.92 21.53
CA ARG B 139 15.65 41.99 22.32
C ARG B 139 15.46 40.79 23.23
N SER B 140 16.54 40.06 23.53
CA SER B 140 16.52 38.95 24.47
C SER B 140 15.52 37.87 24.06
N PRO B 141 15.78 37.14 22.99
CA PRO B 141 14.84 36.08 22.59
C PRO B 141 14.83 34.95 23.59
N PHE B 142 13.68 34.29 23.69
CA PHE B 142 13.56 33.11 24.53
C PHE B 142 14.09 31.89 23.79
N ARG B 143 14.80 31.04 24.51
CA ARG B 143 15.27 29.80 23.91
C ARG B 143 14.12 28.81 23.77
N GLY B 144 14.12 28.08 22.67
CA GLY B 144 13.14 27.02 22.49
C GLY B 144 13.55 25.80 23.27
N ASP B 145 13.40 25.86 24.59
CA ASP B 145 13.92 24.85 25.50
C ASP B 145 12.81 24.05 26.18
N ASN B 146 11.69 23.87 25.50
CA ASN B 146 10.54 23.15 26.05
C ASN B 146 10.07 23.78 27.36
N GLY B 147 10.13 25.09 27.44
CA GLY B 147 9.74 25.80 28.64
C GLY B 147 8.79 26.95 28.32
N TRP B 148 7.91 27.22 29.27
CA TRP B 148 6.98 28.34 29.16
C TRP B 148 7.65 29.61 29.65
N HIS B 149 7.55 30.66 28.84
CA HIS B 149 8.13 31.96 29.18
C HIS B 149 7.06 33.03 29.06
N SER B 150 7.04 33.94 30.03
CA SER B 150 6.09 35.05 30.05
C SER B 150 6.86 36.36 30.08
N ARG B 151 6.36 37.34 29.32
CA ARG B 151 7.00 38.65 29.28
C ARG B 151 5.96 39.69 28.96
N GLY B 152 5.98 40.78 29.72
CA GLY B 152 5.08 41.89 29.43
C GLY B 152 5.50 42.59 28.15
N LEU B 153 4.60 42.60 27.17
CA LEU B 153 4.86 43.25 25.90
C LEU B 153 4.68 44.76 25.95
N GLY B 154 3.99 45.27 26.97
CA GLY B 154 3.69 46.68 27.03
C GLY B 154 2.44 47.00 26.24
N TYR B 155 2.07 48.27 26.25
CA TYR B 155 0.84 48.74 25.62
C TYR B 155 -0.37 47.98 26.16
N GLY B 156 -0.34 47.68 27.45
CA GLY B 156 -1.40 46.89 28.06
C GLY B 156 -1.48 45.48 27.51
N LEU B 157 -0.34 44.90 27.15
CA LEU B 157 -0.30 43.56 26.57
C LEU B 157 0.83 42.76 27.22
N LYS B 158 0.55 41.47 27.42
CA LYS B 158 1.53 40.52 27.91
C LYS B 158 1.47 39.28 27.02
N SER B 159 2.57 38.52 27.03
CA SER B 159 2.67 37.33 26.20
C SER B 159 3.16 36.15 27.03
N ARG B 160 2.62 34.98 26.73
CA ARG B 160 3.05 33.73 27.37
C ARG B 160 3.25 32.70 26.28
N GLY B 161 4.48 32.23 26.10
CA GLY B 161 4.80 31.41 24.95
C GLY B 161 5.57 30.16 25.35
N PHE B 162 5.63 29.24 24.39
CA PHE B 162 6.28 27.95 24.56
C PHE B 162 6.83 27.51 23.21
N MET B 163 8.02 26.94 23.22
CA MET B 163 8.63 26.40 22.02
C MET B 163 9.50 25.20 22.39
N ASN B 164 9.30 24.09 21.70
CA ASN B 164 10.10 22.91 21.95
C ASN B 164 11.47 23.05 21.30
N SER B 165 12.35 22.08 21.59
CA SER B 165 13.74 22.14 21.16
C SER B 165 14.04 21.27 19.95
N SER B 166 13.04 20.62 19.37
CA SER B 166 13.29 19.71 18.26
C SER B 166 13.20 20.46 16.92
N GLY B 167 13.63 19.76 15.87
CA GLY B 167 13.54 20.32 14.53
C GLY B 167 12.12 20.44 14.02
N HIS B 168 11.21 19.64 14.54
CA HIS B 168 9.78 19.77 14.24
C HIS B 168 9.14 20.72 15.26
N ALA B 169 9.55 21.98 15.18
CA ALA B 169 9.26 22.94 16.23
C ALA B 169 7.82 23.39 16.20
N ILE B 170 7.24 23.55 17.38
CA ILE B 170 5.94 24.15 17.57
C ILE B 170 6.10 25.35 18.50
N LEU B 171 5.62 26.50 18.06
CA LEU B 171 5.70 27.74 18.82
C LEU B 171 4.29 28.19 19.13
N GLU B 172 3.88 28.05 20.38
CA GLU B 172 2.54 28.42 20.82
C GLU B 172 2.64 29.65 21.72
N ILE B 173 1.99 30.73 21.33
CA ILE B 173 2.05 31.99 22.06
C ILE B 173 0.62 32.43 22.35
N HIS B 174 0.41 32.99 23.53
CA HIS B 174 -0.85 33.62 23.90
C HIS B 174 -0.55 35.08 24.21
N VAL B 175 -1.08 35.99 23.40
CA VAL B 175 -0.91 37.41 23.60
C VAL B 175 -2.22 37.92 24.19
N THR B 176 -2.20 38.27 25.47
CA THR B 176 -3.40 38.64 26.21
C THR B 176 -3.26 40.06 26.76
N LYS B 177 -4.40 40.60 27.17
CA LYS B 177 -4.40 41.89 27.84
C LYS B 177 -3.60 41.81 29.14
N ALA B 178 -2.73 42.78 29.36
CA ALA B 178 -1.92 42.80 30.57
C ALA B 178 -2.76 43.20 31.77
N ALA C 1 40.17 -3.29 -26.52
CA ALA C 1 41.13 -3.72 -25.52
C ALA C 1 40.90 -3.01 -24.19
N ASP C 2 41.99 -2.66 -23.51
CA ASP C 2 41.87 -1.96 -22.24
C ASP C 2 41.26 -0.58 -22.43
N VAL C 3 41.63 0.11 -23.51
CA VAL C 3 41.09 1.44 -23.77
C VAL C 3 39.59 1.37 -24.00
N ALA C 4 39.14 0.40 -24.80
CA ALA C 4 37.72 0.26 -25.06
C ALA C 4 36.94 -0.06 -23.79
N GLY C 5 37.50 -0.94 -22.94
CA GLY C 5 36.84 -1.23 -21.67
C GLY C 5 36.75 -0.03 -20.77
N ALA C 6 37.82 0.77 -20.71
CA ALA C 6 37.78 1.99 -19.93
C ALA C 6 36.75 2.96 -20.48
N VAL C 7 36.67 3.09 -21.80
CA VAL C 7 35.70 3.98 -22.41
C VAL C 7 34.28 3.53 -22.09
N ILE C 8 34.03 2.23 -22.16
CA ILE C 8 32.70 1.71 -21.86
C ILE C 8 32.35 1.93 -20.38
N ASP C 9 33.32 1.72 -19.49
CA ASP C 9 33.07 1.95 -18.07
C ASP C 9 32.78 3.42 -17.80
N GLY C 10 33.54 4.32 -18.43
CA GLY C 10 33.27 5.74 -18.28
C GLY C 10 31.92 6.13 -18.84
N ALA C 11 31.53 5.52 -19.97
CA ALA C 11 30.22 5.79 -20.54
C ALA C 11 29.11 5.31 -19.61
N GLY C 12 29.30 4.15 -18.97
CA GLY C 12 28.31 3.68 -18.01
C GLY C 12 28.21 4.58 -16.80
N LEU C 13 29.35 5.06 -16.30
CA LEU C 13 29.32 6.01 -15.19
C LEU C 13 28.61 7.29 -15.59
N GLY C 14 28.91 7.80 -16.79
CA GLY C 14 28.21 8.99 -17.27
C GLY C 14 26.73 8.76 -17.45
N PHE C 15 26.35 7.56 -17.89
CA PHE C 15 24.94 7.22 -18.00
C PHE C 15 24.26 7.23 -16.65
N ASP C 16 24.90 6.65 -15.63
CA ASP C 16 24.31 6.67 -14.29
C ASP C 16 24.18 8.09 -13.76
N VAL C 17 25.22 8.90 -13.96
CA VAL C 17 25.17 10.30 -13.53
C VAL C 17 24.05 11.04 -14.25
N LEU C 18 23.91 10.81 -15.55
CA LEU C 18 22.87 11.48 -16.33
C LEU C 18 21.49 11.05 -15.88
N LYS C 19 21.32 9.75 -15.58
CA LYS C 19 20.03 9.29 -15.08
C LYS C 19 19.70 9.95 -13.75
N THR C 20 20.66 10.03 -12.85
CA THR C 20 20.42 10.68 -11.56
C THR C 20 20.08 12.15 -11.74
N VAL C 21 20.82 12.85 -12.61
CA VAL C 21 20.59 14.27 -12.83
C VAL C 21 19.21 14.49 -13.44
N LEU C 22 18.83 13.67 -14.43
CA LEU C 22 17.53 13.84 -15.05
C LEU C 22 16.40 13.55 -14.08
N GLU C 23 16.57 12.53 -13.23
CA GLU C 23 15.55 12.24 -12.23
C GLU C 23 15.41 13.41 -11.24
N ALA C 24 16.54 13.98 -10.81
CA ALA C 24 16.49 15.11 -9.91
C ALA C 24 15.82 16.31 -10.57
N LEU C 25 16.15 16.58 -11.83
CA LEU C 25 15.54 17.70 -12.53
C LEU C 25 14.05 17.51 -12.72
N GLY C 26 13.62 16.28 -13.01
CA GLY C 26 12.21 16.00 -13.17
C GLY C 26 11.44 15.98 -11.87
N ASN C 27 12.13 15.75 -10.75
CA ASN C 27 11.45 15.75 -9.46
C ASN C 27 11.23 17.15 -8.90
N VAL C 28 11.79 18.17 -9.53
CA VAL C 28 11.57 19.54 -9.09
C VAL C 28 10.15 19.97 -9.42
N LYS C 29 9.44 20.48 -8.44
CA LYS C 29 8.05 20.89 -8.60
C LYS C 29 7.94 22.40 -8.51
N ARG C 30 7.34 23.02 -9.52
CA ARG C 30 7.03 24.44 -9.54
C ARG C 30 5.59 24.58 -9.98
N LYS C 31 4.69 24.80 -9.03
CA LYS C 31 3.28 24.95 -9.32
C LYS C 31 2.74 26.19 -8.65
N ILE C 32 1.68 26.74 -9.23
CA ILE C 32 1.04 27.96 -8.75
C ILE C 32 -0.45 27.69 -8.63
N ALA C 33 -1.04 28.10 -7.51
CA ALA C 33 -2.48 28.03 -7.31
C ALA C 33 -2.99 29.44 -7.12
N VAL C 34 -3.81 29.91 -8.07
CA VAL C 34 -4.31 31.27 -8.08
C VAL C 34 -5.76 31.26 -7.60
N GLY C 35 -6.05 32.09 -6.61
CA GLY C 35 -7.41 32.30 -6.16
C GLY C 35 -7.74 33.77 -6.09
N ILE C 36 -8.69 34.22 -6.89
CA ILE C 36 -9.01 35.63 -7.01
C ILE C 36 -10.48 35.84 -6.62
N ASP C 37 -10.71 36.61 -5.58
CA ASP C 37 -12.05 36.95 -5.14
C ASP C 37 -12.53 38.20 -5.88
N ASN C 38 -13.75 38.14 -6.38
CA ASN C 38 -14.34 39.20 -7.17
C ASN C 38 -15.40 39.90 -6.32
N GLU C 39 -15.03 41.03 -5.72
CA GLU C 39 -15.96 41.94 -5.06
C GLU C 39 -15.94 43.27 -5.79
N SER C 40 -15.86 43.22 -7.11
CA SER C 40 -15.78 44.40 -7.95
C SER C 40 -17.14 44.91 -8.40
N GLY C 41 -18.21 44.15 -8.15
CA GLY C 41 -19.52 44.53 -8.60
C GLY C 41 -19.83 44.24 -10.05
N LYS C 42 -18.92 43.58 -10.77
CA LYS C 42 -19.14 43.26 -12.18
C LYS C 42 -18.70 41.82 -12.43
N THR C 43 -19.31 41.21 -13.43
CA THR C 43 -19.00 39.84 -13.80
C THR C 43 -17.72 39.80 -14.63
N TRP C 44 -16.93 38.76 -14.42
CA TRP C 44 -15.68 38.55 -15.15
C TRP C 44 -15.85 37.42 -16.14
N THR C 45 -15.45 37.66 -17.38
CA THR C 45 -15.44 36.64 -18.43
C THR C 45 -14.00 36.32 -18.78
N ALA C 46 -13.66 35.03 -18.76
CA ALA C 46 -12.30 34.63 -19.03
C ALA C 46 -11.92 34.95 -20.47
N MET C 47 -10.76 35.55 -20.65
CA MET C 47 -10.21 35.75 -21.99
C MET C 47 -9.15 34.71 -22.29
N ASN C 48 -8.07 34.67 -21.50
CA ASN C 48 -7.03 33.67 -21.77
C ASN C 48 -5.94 33.75 -20.71
N THR C 49 -5.18 32.67 -20.60
CA THR C 49 -3.98 32.65 -19.77
C THR C 49 -2.78 32.40 -20.68
N TYR C 50 -1.92 33.40 -20.79
CA TYR C 50 -0.68 33.26 -21.56
C TYR C 50 0.40 32.74 -20.64
N PHE C 51 0.94 31.57 -20.95
CA PHE C 51 2.00 30.95 -20.16
C PHE C 51 3.34 31.26 -20.82
N ARG C 52 4.07 32.21 -20.24
CA ARG C 52 5.46 32.41 -20.65
C ARG C 52 6.28 31.16 -20.35
N SER C 53 6.03 30.54 -19.20
CA SER C 53 6.63 29.26 -18.85
C SER C 53 5.56 28.39 -18.23
N GLY C 54 5.73 27.08 -18.36
CA GLY C 54 4.80 26.14 -17.76
C GLY C 54 3.50 26.02 -18.54
N THR C 55 2.53 25.40 -17.89
CA THR C 55 1.23 25.13 -18.51
C THR C 55 0.21 24.88 -17.41
N SER C 56 -1.02 24.59 -17.82
CA SER C 56 -2.10 24.27 -16.91
C SER C 56 -2.83 23.04 -17.41
N ASP C 57 -3.35 22.25 -16.47
CA ASP C 57 -4.05 21.01 -16.78
C ASP C 57 -5.57 21.15 -16.65
N ILE C 58 -6.08 22.35 -16.37
CA ILE C 58 -7.50 22.55 -16.14
C ILE C 58 -8.00 23.68 -17.04
N VAL C 59 -9.31 23.78 -17.10
CA VAL C 59 -9.97 24.82 -17.90
C VAL C 59 -10.01 26.10 -17.10
N LEU C 60 -9.68 27.21 -17.75
CA LEU C 60 -9.82 28.52 -17.12
C LEU C 60 -11.30 28.83 -16.97
N PRO C 61 -11.79 29.04 -15.75
CA PRO C 61 -13.24 29.23 -15.55
C PRO C 61 -13.77 30.40 -16.36
N HIS C 62 -14.79 30.11 -17.18
CA HIS C 62 -15.26 31.09 -18.15
C HIS C 62 -15.88 32.31 -17.48
N LYS C 63 -16.67 32.10 -16.44
CA LYS C 63 -17.38 33.18 -15.78
C LYS C 63 -17.04 33.19 -14.29
N VAL C 64 -16.82 34.39 -13.76
CA VAL C 64 -16.61 34.60 -12.33
C VAL C 64 -17.53 35.76 -11.93
N ALA C 65 -18.69 35.43 -11.40
CA ALA C 65 -19.65 36.46 -11.01
C ALA C 65 -19.16 37.21 -9.79
N HIS C 66 -19.76 38.38 -9.56
CA HIS C 66 -19.44 39.16 -8.38
C HIS C 66 -19.77 38.37 -7.12
N GLY C 67 -18.84 38.38 -6.17
CA GLY C 67 -18.99 37.61 -4.95
C GLY C 67 -18.52 36.18 -5.06
N LYS C 68 -18.04 35.75 -6.23
CA LYS C 68 -17.50 34.42 -6.41
C LYS C 68 -15.98 34.48 -6.49
N ALA C 69 -15.36 33.31 -6.58
CA ALA C 69 -13.90 33.20 -6.59
C ALA C 69 -13.44 32.44 -7.81
N LEU C 70 -12.48 33.00 -8.53
CA LEU C 70 -11.78 32.31 -9.59
C LEU C 70 -10.72 31.41 -8.98
N LEU C 71 -10.80 30.12 -9.28
CA LEU C 71 -9.82 29.13 -8.86
C LEU C 71 -9.10 28.60 -10.09
N TYR C 72 -7.77 28.65 -10.06
CA TYR C 72 -6.98 28.24 -11.21
C TYR C 72 -5.66 27.70 -10.69
N ASN C 73 -5.00 26.89 -11.51
CA ASN C 73 -3.69 26.41 -11.12
C ASN C 73 -2.90 26.01 -12.35
N GLY C 74 -1.58 26.03 -12.20
CA GLY C 74 -0.69 25.64 -13.26
C GLY C 74 0.58 25.08 -12.66
N GLN C 75 1.43 24.55 -13.52
CA GLN C 75 2.70 23.99 -13.05
C GLN C 75 3.69 24.02 -14.20
N LYS C 76 4.94 23.73 -13.87
CA LYS C 76 5.99 23.72 -14.88
C LYS C 76 5.81 22.52 -15.81
N ASN C 77 6.42 22.62 -16.98
CA ASN C 77 6.30 21.57 -18.00
C ASN C 77 6.83 20.25 -17.47
N ARG C 78 6.11 19.18 -17.77
CA ARG C 78 6.53 17.85 -17.33
C ARG C 78 7.88 17.49 -17.96
N GLY C 79 8.69 16.77 -17.19
CA GLY C 79 9.99 16.35 -17.66
C GLY C 79 11.10 17.17 -17.04
N PRO C 80 12.34 16.76 -17.29
CA PRO C 80 13.50 17.43 -16.69
C PRO C 80 13.89 18.70 -17.43
N VAL C 81 13.03 19.71 -17.33
CA VAL C 81 13.25 21.00 -17.97
C VAL C 81 13.41 22.05 -16.89
N ALA C 82 14.41 22.90 -17.04
CA ALA C 82 14.74 23.90 -16.02
C ALA C 82 13.95 25.19 -16.26
N THR C 83 12.64 25.05 -16.25
CA THR C 83 11.72 26.17 -16.43
C THR C 83 10.65 26.12 -15.36
N GLY C 84 10.22 27.29 -14.92
CA GLY C 84 9.16 27.42 -13.93
C GLY C 84 7.81 27.57 -14.57
N VAL C 85 6.90 28.24 -13.87
CA VAL C 85 5.58 28.54 -14.39
C VAL C 85 5.36 30.04 -14.28
N VAL C 86 5.38 30.72 -15.41
CA VAL C 86 5.24 32.17 -15.48
C VAL C 86 4.15 32.48 -16.48
N GLY C 87 3.19 33.31 -16.08
CA GLY C 87 2.09 33.58 -16.98
C GLY C 87 1.28 34.78 -16.54
N VAL C 88 0.32 35.13 -17.39
CA VAL C 88 -0.61 36.21 -17.16
C VAL C 88 -2.02 35.73 -17.46
N ILE C 89 -2.93 35.92 -16.51
CA ILE C 89 -4.34 35.61 -16.69
C ILE C 89 -5.08 36.89 -17.05
N ALA C 90 -5.83 36.86 -18.14
CA ALA C 90 -6.59 38.01 -18.60
C ALA C 90 -8.06 37.64 -18.59
N TYR C 91 -8.85 38.40 -17.84
CA TYR C 91 -10.30 38.24 -17.73
C TYR C 91 -10.96 39.50 -18.24
N SER C 92 -12.06 39.35 -18.95
CA SER C 92 -12.83 40.49 -19.40
C SER C 92 -13.83 40.88 -18.32
N MET C 93 -13.92 42.18 -18.04
CA MET C 93 -14.85 42.68 -17.03
C MET C 93 -16.08 43.28 -17.70
N SER C 94 -17.17 43.34 -16.93
CA SER C 94 -18.44 43.80 -17.48
C SER C 94 -18.38 45.24 -17.97
N ASP C 95 -17.55 46.07 -17.33
CA ASP C 95 -17.44 47.47 -17.73
C ASP C 95 -16.74 47.65 -19.07
N GLY C 96 -16.15 46.59 -19.62
CA GLY C 96 -15.41 46.67 -20.85
C GLY C 96 -13.91 46.72 -20.71
N ASN C 97 -13.39 46.55 -19.50
CA ASN C 97 -11.95 46.57 -19.25
C ASN C 97 -11.46 45.15 -18.98
N THR C 98 -10.14 45.02 -18.89
CA THR C 98 -9.50 43.72 -18.73
C THR C 98 -8.75 43.69 -17.40
N LEU C 99 -8.95 42.62 -16.64
CA LEU C 99 -8.18 42.37 -15.43
C LEU C 99 -7.06 41.41 -15.77
N ALA C 100 -5.82 41.85 -15.56
CA ALA C 100 -4.63 41.05 -15.84
C ALA C 100 -3.91 40.75 -14.55
N VAL C 101 -3.61 39.48 -14.33
CA VAL C 101 -2.91 39.01 -13.14
C VAL C 101 -1.67 38.26 -13.58
N LEU C 102 -0.50 38.79 -13.23
CA LEU C 102 0.77 38.16 -13.56
C LEU C 102 1.22 37.31 -12.38
N PHE C 103 1.61 36.08 -12.67
CA PHE C 103 2.24 35.19 -11.70
C PHE C 103 3.55 34.69 -12.27
N SER C 104 4.52 34.46 -11.39
CA SER C 104 5.85 34.02 -11.83
C SER C 104 6.45 33.18 -10.72
N VAL C 105 6.53 31.88 -10.95
CA VAL C 105 7.21 30.95 -10.05
C VAL C 105 8.42 30.40 -10.80
N PRO C 106 9.60 30.95 -10.61
CA PRO C 106 10.74 30.55 -11.44
C PRO C 106 11.29 29.19 -11.03
N TYR C 107 12.08 28.62 -11.96
CA TYR C 107 12.75 27.36 -11.67
C TYR C 107 14.00 27.59 -10.84
N ASP C 108 14.88 28.47 -11.29
CA ASP C 108 16.13 28.77 -10.61
C ASP C 108 15.90 29.90 -9.61
N TYR C 109 15.89 29.56 -8.32
CA TYR C 109 15.73 30.54 -7.27
C TYR C 109 17.02 31.24 -6.88
N ASN C 110 18.15 30.83 -7.49
CA ASN C 110 19.40 31.54 -7.23
C ASN C 110 19.40 32.92 -7.86
N TRP C 111 18.73 33.08 -9.00
CA TRP C 111 18.69 34.34 -9.71
C TRP C 111 17.33 35.01 -9.69
N TYR C 112 16.26 34.25 -9.50
CA TYR C 112 14.90 34.77 -9.63
C TYR C 112 14.12 34.51 -8.35
N SER C 113 13.00 35.20 -8.22
CA SER C 113 12.10 35.05 -7.09
C SER C 113 10.66 34.93 -7.60
N ASN C 114 9.76 34.57 -6.70
CA ASN C 114 8.34 34.59 -7.03
C ASN C 114 7.89 36.04 -7.21
N TRP C 115 7.11 36.29 -8.26
CA TRP C 115 6.57 37.61 -8.50
C TRP C 115 5.10 37.52 -8.85
N TRP C 116 4.37 38.59 -8.57
CA TRP C 116 2.98 38.68 -8.98
C TRP C 116 2.62 40.14 -9.15
N ASN C 117 1.57 40.36 -9.94
CA ASN C 117 1.11 41.71 -10.21
C ASN C 117 -0.36 41.66 -10.61
N VAL C 118 -1.06 42.76 -10.39
CA VAL C 118 -2.44 42.91 -10.81
C VAL C 118 -2.59 44.26 -11.46
N ARG C 119 -3.28 44.31 -12.59
CA ARG C 119 -3.48 45.57 -13.30
C ARG C 119 -4.79 45.51 -14.05
N VAL C 120 -5.35 46.68 -14.34
CA VAL C 120 -6.56 46.79 -15.15
C VAL C 120 -6.20 47.56 -16.40
N TYR C 121 -6.48 46.98 -17.55
CA TYR C 121 -6.25 47.59 -18.84
C TYR C 121 -7.56 48.10 -19.42
N LYS C 122 -7.52 49.26 -20.05
CA LYS C 122 -8.69 49.76 -20.75
C LYS C 122 -8.95 48.92 -21.99
N GLY C 123 -10.22 48.61 -22.22
CA GLY C 123 -10.59 47.76 -23.34
C GLY C 123 -10.39 46.30 -23.05
N GLN C 124 -10.68 45.48 -24.05
CA GLN C 124 -10.53 44.04 -23.96
C GLN C 124 -9.21 43.64 -24.61
N LYS C 125 -8.26 43.19 -23.79
CA LYS C 125 -6.94 42.80 -24.25
C LYS C 125 -6.65 41.37 -23.80
N ARG C 126 -6.15 40.55 -24.71
CA ARG C 126 -5.77 39.19 -24.37
C ARG C 126 -4.35 39.15 -23.84
N ALA C 127 -4.13 38.29 -22.86
CA ALA C 127 -2.79 38.12 -22.30
C ALA C 127 -1.85 37.57 -23.35
N ASP C 128 -0.66 38.17 -23.44
CA ASP C 128 0.34 37.75 -24.40
C ASP C 128 1.72 38.09 -23.85
N GLN C 129 2.73 37.97 -24.70
CA GLN C 129 4.10 38.24 -24.26
C GLN C 129 4.29 39.69 -23.88
N ARG C 130 3.71 40.61 -24.65
CA ARG C 130 3.86 42.02 -24.35
C ARG C 130 3.22 42.39 -23.02
N MET C 131 2.02 41.85 -22.76
CA MET C 131 1.36 42.11 -21.48
C MET C 131 2.18 41.55 -20.33
N TYR C 132 2.75 40.36 -20.50
CA TYR C 132 3.59 39.78 -19.46
C TYR C 132 4.81 40.64 -19.20
N GLU C 133 5.47 41.13 -20.27
CA GLU C 133 6.63 41.99 -20.09
C GLU C 133 6.26 43.29 -19.39
N GLU C 134 5.10 43.85 -19.75
CA GLU C 134 4.63 45.06 -19.08
C GLU C 134 4.43 44.82 -17.59
N LEU C 135 3.75 43.72 -17.24
CA LEU C 135 3.44 43.45 -15.85
C LEU C 135 4.66 43.03 -15.05
N TYR C 136 5.66 42.46 -15.69
CA TYR C 136 6.82 41.94 -14.99
C TYR C 136 7.98 42.90 -14.91
N TYR C 137 8.11 43.82 -15.87
CA TYR C 137 9.28 44.70 -15.94
C TYR C 137 8.97 46.17 -15.76
N HIS C 138 7.73 46.61 -15.98
CA HIS C 138 7.44 48.03 -16.01
C HIS C 138 6.28 48.47 -15.14
N ARG C 139 5.47 47.55 -14.62
CA ARG C 139 4.32 47.93 -13.81
C ARG C 139 4.53 47.63 -12.33
N SER C 140 5.78 47.51 -11.89
CA SER C 140 6.13 47.34 -10.48
C SER C 140 5.45 46.12 -9.87
N PRO C 141 5.84 44.91 -10.26
CA PRO C 141 5.23 43.72 -9.67
C PRO C 141 5.59 43.58 -8.20
N PHE C 142 4.68 42.97 -7.46
CA PHE C 142 4.93 42.66 -6.06
C PHE C 142 5.74 41.38 -5.94
N ARG C 143 6.70 41.38 -5.03
CA ARG C 143 7.47 40.17 -4.79
C ARG C 143 6.64 39.16 -4.01
N GLY C 144 6.78 37.89 -4.35
CA GLY C 144 6.13 36.85 -3.60
C GLY C 144 6.92 36.57 -2.33
N ASP C 145 6.81 37.47 -1.36
CA ASP C 145 7.65 37.45 -0.17
C ASP C 145 6.85 37.14 1.10
N ASN C 146 5.78 36.35 0.97
CA ASN C 146 4.92 36.01 2.09
C ASN C 146 4.35 37.26 2.76
N GLY C 147 4.05 38.27 1.96
CA GLY C 147 3.53 39.52 2.49
C GLY C 147 2.29 39.96 1.74
N TRP C 148 1.41 40.65 2.47
CA TRP C 148 0.20 41.20 1.88
C TRP C 148 0.51 42.56 1.28
N HIS C 149 0.09 42.76 0.04
CA HIS C 149 0.29 44.02 -0.67
C HIS C 149 -1.04 44.53 -1.19
N SER C 150 -1.27 45.83 -1.05
CA SER C 150 -2.49 46.47 -1.53
C SER C 150 -2.13 47.56 -2.52
N ARG C 151 -2.90 47.68 -3.58
CA ARG C 151 -2.66 48.69 -4.59
C ARG C 151 -3.98 49.04 -5.26
N GLY C 152 -4.23 50.35 -5.40
CA GLY C 152 -5.42 50.79 -6.11
C GLY C 152 -5.28 50.50 -7.59
N LEU C 153 -6.20 49.69 -8.12
CA LEU C 153 -6.19 49.35 -9.53
C LEU C 153 -6.78 50.44 -10.41
N GLY C 154 -7.53 51.36 -9.83
CA GLY C 154 -8.22 52.37 -10.61
C GLY C 154 -9.55 51.85 -11.11
N TYR C 155 -10.25 52.71 -11.84
CA TYR C 155 -11.60 52.40 -12.32
C TYR C 155 -12.51 52.01 -11.17
N GLY C 156 -12.34 52.67 -10.03
CA GLY C 156 -13.10 52.32 -8.84
C GLY C 156 -12.81 50.93 -8.32
N LEU C 157 -11.58 50.47 -8.48
CA LEU C 157 -11.19 49.13 -8.07
C LEU C 157 -9.86 49.17 -7.34
N LYS C 158 -9.75 48.34 -6.31
CA LYS C 158 -8.51 48.16 -5.56
C LYS C 158 -8.27 46.67 -5.41
N SER C 159 -7.01 46.30 -5.17
CA SER C 159 -6.61 44.91 -5.05
C SER C 159 -5.77 44.73 -3.80
N ARG C 160 -5.96 43.58 -3.15
CA ARG C 160 -5.18 43.18 -1.98
C ARG C 160 -4.76 41.74 -2.18
N GLY C 161 -3.45 41.50 -2.29
CA GLY C 161 -2.96 40.20 -2.68
C GLY C 161 -1.86 39.70 -1.77
N PHE C 162 -1.59 38.40 -1.91
CA PHE C 162 -0.60 37.70 -1.11
C PHE C 162 -0.02 36.58 -1.94
N MET C 163 1.29 36.38 -1.84
CA MET C 163 1.96 35.29 -2.52
C MET C 163 3.15 34.84 -1.69
N ASN C 164 3.24 33.53 -1.44
CA ASN C 164 4.36 32.99 -0.69
C ASN C 164 5.60 32.91 -1.56
N SER C 165 6.72 32.55 -0.93
CA SER C 165 8.02 32.55 -1.60
C SER C 165 8.49 31.17 -2.01
N SER C 166 7.69 30.13 -1.80
CA SER C 166 8.12 28.77 -2.10
C SER C 166 7.77 28.40 -3.53
N GLY C 167 8.31 27.26 -3.97
CA GLY C 167 8.00 26.74 -5.29
C GLY C 167 6.58 26.24 -5.42
N HIS C 168 5.96 25.85 -4.32
CA HIS C 168 4.54 25.50 -4.30
C HIS C 168 3.71 26.75 -4.01
N ALA C 169 3.74 27.67 -4.97
CA ALA C 169 3.26 29.02 -4.73
C ALA C 169 1.74 29.08 -4.72
N ILE C 170 1.20 29.88 -3.81
CA ILE C 170 -0.21 30.21 -3.76
C ILE C 170 -0.34 31.72 -3.88
N LEU C 171 -1.15 32.17 -4.82
CA LEU C 171 -1.39 33.58 -5.08
C LEU C 171 -2.85 33.88 -4.81
N GLU C 172 -3.13 34.56 -3.70
CA GLU C 172 -4.50 34.87 -3.32
C GLU C 172 -4.69 36.37 -3.46
N ILE C 173 -5.64 36.78 -4.29
CA ILE C 173 -5.92 38.18 -4.56
C ILE C 173 -7.39 38.45 -4.31
N HIS C 174 -7.69 39.61 -3.74
CA HIS C 174 -9.06 40.09 -3.59
C HIS C 174 -9.15 41.40 -4.36
N VAL C 175 -9.96 41.40 -5.42
CA VAL C 175 -10.20 42.61 -6.20
C VAL C 175 -11.57 43.14 -5.80
N THR C 176 -11.58 44.25 -5.08
CA THR C 176 -12.78 44.81 -4.50
C THR C 176 -13.02 46.21 -5.02
N LYS C 177 -14.25 46.69 -4.82
CA LYS C 177 -14.58 48.06 -5.14
C LYS C 177 -13.74 49.02 -4.31
N ALA C 178 -13.16 50.01 -4.96
CA ALA C 178 -12.32 50.98 -4.26
C ALA C 178 -13.19 51.94 -3.45
N ALA D 1 38.08 -13.15 -26.51
CA ALA D 1 39.19 -12.62 -25.71
C ALA D 1 38.82 -11.26 -25.13
N ASP D 2 39.80 -10.36 -25.09
CA ASP D 2 39.55 -9.02 -24.57
C ASP D 2 38.58 -8.26 -25.45
N VAL D 3 38.70 -8.43 -26.77
CA VAL D 3 37.79 -7.74 -27.69
C VAL D 3 36.35 -8.20 -27.48
N ALA D 4 36.15 -9.52 -27.35
CA ALA D 4 34.81 -10.04 -27.13
C ALA D 4 34.23 -9.55 -25.82
N GLY D 5 35.04 -9.52 -24.76
CA GLY D 5 34.57 -9.00 -23.49
C GLY D 5 34.18 -7.54 -23.57
N ALA D 6 34.99 -6.74 -24.28
CA ALA D 6 34.65 -5.34 -24.46
C ALA D 6 33.36 -5.19 -25.25
N VAL D 7 33.19 -6.00 -26.30
CA VAL D 7 31.96 -5.94 -27.10
C VAL D 7 30.75 -6.30 -26.25
N ILE D 8 30.87 -7.32 -25.41
CA ILE D 8 29.76 -7.72 -24.56
C ILE D 8 29.43 -6.64 -23.54
N ASP D 9 30.47 -6.02 -22.96
CA ASP D 9 30.23 -4.94 -22.01
C ASP D 9 29.56 -3.76 -22.68
N GLY D 10 30.00 -3.40 -23.88
CA GLY D 10 29.35 -2.33 -24.62
C GLY D 10 27.92 -2.66 -24.98
N ALA D 11 27.66 -3.92 -25.32
CA ALA D 11 26.30 -4.35 -25.62
C ALA D 11 25.42 -4.26 -24.39
N GLY D 12 25.95 -4.62 -23.22
CA GLY D 12 25.20 -4.50 -21.99
C GLY D 12 24.90 -3.05 -21.65
N LEU D 13 25.89 -2.17 -21.84
CA LEU D 13 25.65 -0.74 -21.62
C LEU D 13 24.58 -0.22 -22.58
N GLY D 14 24.66 -0.60 -23.85
CA GLY D 14 23.64 -0.19 -24.80
C GLY D 14 22.27 -0.75 -24.45
N PHE D 15 22.23 -1.97 -23.93
CA PHE D 15 20.97 -2.54 -23.48
C PHE D 15 20.38 -1.73 -22.33
N ASP D 16 21.20 -1.35 -21.36
CA ASP D 16 20.70 -0.55 -20.25
C ASP D 16 20.21 0.81 -20.74
N VAL D 17 20.96 1.44 -21.64
CA VAL D 17 20.55 2.72 -22.20
C VAL D 17 19.23 2.57 -22.93
N LEU D 18 19.09 1.52 -23.73
CA LEU D 18 17.87 1.29 -24.49
C LEU D 18 16.69 1.04 -23.56
N LYS D 19 16.90 0.27 -22.49
CA LYS D 19 15.83 0.06 -21.53
C LYS D 19 15.38 1.37 -20.91
N THR D 20 16.34 2.21 -20.50
CA THR D 20 15.98 3.49 -19.92
C THR D 20 15.24 4.37 -20.91
N VAL D 21 15.71 4.41 -22.15
CA VAL D 21 15.07 5.24 -23.17
C VAL D 21 13.66 4.75 -23.45
N LEU D 22 13.47 3.44 -23.58
CA LEU D 22 12.15 2.90 -23.85
C LEU D 22 11.20 3.16 -22.69
N GLU D 23 11.68 3.02 -21.45
CA GLU D 23 10.84 3.32 -20.30
C GLU D 23 10.43 4.78 -20.29
N ALA D 24 11.38 5.68 -20.58
CA ALA D 24 11.05 7.10 -20.63
C ALA D 24 10.04 7.40 -21.72
N LEU D 25 10.22 6.80 -22.90
CA LEU D 25 9.29 7.03 -24.01
C LEU D 25 7.90 6.50 -23.67
N GLY D 26 7.82 5.34 -23.02
CA GLY D 26 6.54 4.79 -22.63
C GLY D 26 5.87 5.52 -21.49
N ASN D 27 6.65 6.23 -20.67
CA ASN D 27 6.07 6.99 -19.57
C ASN D 27 5.50 8.32 -20.00
N VAL D 28 5.71 8.72 -21.24
CA VAL D 28 5.14 9.98 -21.74
C VAL D 28 3.64 9.80 -21.94
N LYS D 29 2.86 10.72 -21.38
CA LYS D 29 1.41 10.65 -21.44
C LYS D 29 0.88 11.78 -22.31
N ARG D 30 0.08 11.42 -23.31
CA ARG D 30 -0.61 12.39 -24.17
C ARG D 30 -2.06 11.95 -24.25
N LYS D 31 -2.93 12.59 -23.49
CA LYS D 31 -4.34 12.24 -23.48
C LYS D 31 -5.17 13.50 -23.65
N ILE D 32 -6.37 13.31 -24.20
CA ILE D 32 -7.30 14.40 -24.47
C ILE D 32 -8.65 14.02 -23.88
N ALA D 33 -9.28 14.97 -23.19
CA ALA D 33 -10.62 14.79 -22.66
C ALA D 33 -11.51 15.85 -23.31
N VAL D 34 -12.46 15.40 -24.12
CA VAL D 34 -13.34 16.28 -24.88
C VAL D 34 -14.69 16.34 -24.20
N GLY D 35 -15.15 17.56 -23.93
CA GLY D 35 -16.50 17.78 -23.42
C GLY D 35 -17.22 18.82 -24.22
N ILE D 36 -18.30 18.43 -24.89
CA ILE D 36 -19.01 19.31 -25.80
C ILE D 36 -20.45 19.46 -25.33
N ASP D 37 -20.84 20.69 -25.00
CA ASP D 37 -22.20 20.98 -24.58
C ASP D 37 -23.04 21.30 -25.81
N ASN D 38 -24.22 20.70 -25.87
CA ASN D 38 -25.13 20.84 -27.00
C ASN D 38 -26.29 21.73 -26.58
N GLU D 39 -26.22 23.00 -26.94
CA GLU D 39 -27.33 23.94 -26.83
C GLU D 39 -27.74 24.41 -28.21
N SER D 40 -27.71 23.49 -29.17
CA SER D 40 -28.01 23.78 -30.56
C SER D 40 -29.47 23.61 -30.91
N GLY D 41 -30.27 23.05 -30.01
CA GLY D 41 -31.67 22.80 -30.28
C GLY D 41 -31.95 21.55 -31.10
N LYS D 42 -30.93 20.75 -31.41
CA LYS D 42 -31.12 19.54 -32.19
C LYS D 42 -30.30 18.41 -31.57
N THR D 43 -30.77 17.19 -31.77
CA THR D 43 -30.10 16.01 -31.24
C THR D 43 -28.90 15.64 -32.12
N TRP D 44 -27.84 15.19 -31.47
CA TRP D 44 -26.62 14.76 -32.16
C TRP D 44 -26.52 13.24 -32.13
N THR D 45 -26.26 12.65 -33.29
CA THR D 45 -26.03 11.22 -33.43
C THR D 45 -24.57 11.01 -33.80
N ALA D 46 -23.89 10.16 -33.04
CA ALA D 46 -22.48 9.91 -33.29
C ALA D 46 -22.28 9.25 -34.65
N MET D 47 -21.34 9.77 -35.43
CA MET D 47 -20.94 9.10 -36.66
C MET D 47 -19.65 8.34 -36.46
N ASN D 48 -18.56 9.02 -36.09
CA ASN D 48 -17.30 8.31 -35.89
C ASN D 48 -16.23 9.28 -35.41
N THR D 49 -15.19 8.71 -34.81
CA THR D 49 -13.98 9.46 -34.45
C THR D 49 -12.81 8.88 -35.24
N TYR D 50 -12.28 9.67 -36.15
CA TYR D 50 -11.09 9.28 -36.91
C TYR D 50 -9.85 9.71 -36.14
N PHE D 51 -9.04 8.75 -35.75
CA PHE D 51 -7.80 9.02 -35.01
C PHE D 51 -6.64 9.04 -36.00
N ARG D 52 -6.17 10.24 -36.33
CA ARG D 52 -4.93 10.35 -37.07
C ARG D 52 -3.76 9.81 -36.25
N SER D 53 -3.77 10.08 -34.94
CA SER D 53 -2.82 9.50 -34.01
C SER D 53 -3.57 9.11 -32.75
N GLY D 54 -3.05 8.11 -32.06
CA GLY D 54 -3.65 7.68 -30.82
C GLY D 54 -4.89 6.84 -31.01
N THR D 55 -5.62 6.66 -29.92
CA THR D 55 -6.81 5.83 -29.92
C THR D 55 -7.66 6.20 -28.71
N SER D 56 -8.78 5.50 -28.56
CA SER D 56 -9.68 5.70 -27.44
C SER D 56 -10.06 4.35 -26.85
N ASP D 57 -10.29 4.33 -25.54
CA ASP D 57 -10.64 3.11 -24.82
C ASP D 57 -12.12 3.03 -24.47
N ILE D 58 -12.93 3.99 -24.92
CA ILE D 58 -14.34 4.04 -24.55
C ILE D 58 -15.17 4.16 -25.82
N VAL D 59 -16.47 3.95 -25.64
CA VAL D 59 -17.43 4.05 -26.74
C VAL D 59 -17.79 5.50 -26.96
N LEU D 60 -17.82 5.92 -28.22
CA LEU D 60 -18.29 7.26 -28.55
C LEU D 60 -19.79 7.33 -28.30
N PRO D 61 -20.27 8.22 -27.43
CA PRO D 61 -21.70 8.22 -27.08
C PRO D 61 -22.57 8.42 -28.30
N HIS D 62 -23.50 7.49 -28.49
CA HIS D 62 -24.28 7.45 -29.73
C HIS D 62 -25.17 8.67 -29.86
N LYS D 63 -25.83 9.08 -28.78
CA LYS D 63 -26.77 10.18 -28.83
C LYS D 63 -26.39 11.25 -27.81
N VAL D 64 -26.48 12.51 -28.23
CA VAL D 64 -26.26 13.66 -27.36
C VAL D 64 -27.45 14.59 -27.60
N ALA D 65 -28.46 14.51 -26.73
CA ALA D 65 -29.63 15.34 -26.89
C ALA D 65 -29.32 16.80 -26.58
N HIS D 66 -30.21 17.68 -27.01
CA HIS D 66 -30.06 19.10 -26.71
C HIS D 66 -30.09 19.32 -25.21
N GLY D 67 -29.16 20.13 -24.71
CA GLY D 67 -29.02 20.37 -23.30
C GLY D 67 -28.17 19.35 -22.57
N LYS D 68 -27.65 18.34 -23.27
CA LYS D 68 -26.78 17.35 -22.68
C LYS D 68 -25.33 17.62 -23.12
N ALA D 69 -24.42 16.83 -22.58
CA ALA D 69 -23.00 17.00 -22.86
C ALA D 69 -22.40 15.70 -23.37
N LEU D 70 -21.67 15.80 -24.47
CA LEU D 70 -20.85 14.70 -24.98
C LEU D 70 -19.56 14.66 -24.18
N LEU D 71 -19.28 13.51 -23.57
CA LEU D 71 -18.05 13.26 -22.85
C LEU D 71 -17.27 12.18 -23.58
N TYR D 72 -16.01 12.47 -23.90
CA TYR D 72 -15.19 11.54 -24.66
C TYR D 72 -13.75 11.72 -24.22
N ASN D 73 -12.93 10.70 -24.47
CA ASN D 73 -11.52 10.86 -24.16
C ASN D 73 -10.71 9.87 -25.00
N GLY D 74 -9.46 10.22 -25.20
CA GLY D 74 -8.53 9.39 -25.93
C GLY D 74 -7.13 9.62 -25.41
N GLN D 75 -6.20 8.80 -25.90
CA GLN D 75 -4.82 8.93 -25.48
C GLN D 75 -3.93 8.37 -26.58
N LYS D 76 -2.63 8.59 -26.44
CA LYS D 76 -1.68 8.08 -27.40
C LYS D 76 -1.55 6.57 -27.28
N ASN D 77 -1.06 5.96 -28.36
CA ASN D 77 -0.94 4.51 -28.41
C ASN D 77 -0.03 4.01 -27.29
N ARG D 78 -0.44 2.90 -26.67
CA ARG D 78 0.37 2.32 -25.61
C ARG D 78 1.73 1.88 -26.14
N GLY D 79 2.75 2.02 -25.30
CA GLY D 79 4.08 1.63 -25.67
C GLY D 79 4.96 2.83 -25.99
N PRO D 80 6.24 2.58 -26.18
CA PRO D 80 7.20 3.68 -26.43
C PRO D 80 7.17 4.15 -27.88
N VAL D 81 6.07 4.80 -28.26
CA VAL D 81 5.89 5.33 -29.59
C VAL D 81 5.81 6.85 -29.50
N ALA D 82 6.53 7.53 -30.38
CA ALA D 82 6.61 8.99 -30.35
C ALA D 82 5.47 9.62 -31.17
N THR D 83 4.25 9.29 -30.76
CA THR D 83 3.06 9.81 -31.41
C THR D 83 2.09 10.31 -30.34
N GLY D 84 1.36 11.37 -30.66
CA GLY D 84 0.38 11.95 -29.78
C GLY D 84 -1.00 11.38 -30.05
N VAL D 85 -2.02 12.17 -29.74
CA VAL D 85 -3.41 11.81 -30.02
C VAL D 85 -4.03 12.92 -30.84
N VAL D 86 -4.25 12.65 -32.12
CA VAL D 86 -4.79 13.63 -33.06
C VAL D 86 -5.99 12.99 -33.76
N GLY D 87 -7.12 13.68 -33.78
CA GLY D 87 -8.30 13.08 -34.36
C GLY D 87 -9.39 14.08 -34.61
N VAL D 88 -10.45 13.59 -35.24
CA VAL D 88 -11.64 14.38 -35.56
C VAL D 88 -12.85 13.57 -35.15
N ILE D 89 -13.74 14.18 -34.37
CA ILE D 89 -15.01 13.59 -33.98
C ILE D 89 -16.09 14.15 -34.90
N ALA D 90 -16.86 13.26 -35.52
CA ALA D 90 -17.95 13.64 -36.42
C ALA D 90 -19.24 13.12 -35.85
N TYR D 91 -20.18 14.03 -35.60
CA TYR D 91 -21.51 13.74 -35.08
C TYR D 91 -22.53 14.18 -36.11
N SER D 92 -23.58 13.40 -36.29
CA SER D 92 -24.66 13.79 -37.18
C SER D 92 -25.67 14.62 -36.41
N MET D 93 -26.11 15.73 -37.00
CA MET D 93 -27.09 16.60 -36.37
C MET D 93 -28.47 16.36 -36.96
N SER D 94 -29.49 16.74 -36.19
CA SER D 94 -30.87 16.47 -36.61
C SER D 94 -31.24 17.19 -37.89
N ASP D 95 -30.65 18.36 -38.14
CA ASP D 95 -30.95 19.11 -39.35
C ASP D 95 -30.39 18.46 -40.61
N GLY D 96 -29.56 17.43 -40.47
CA GLY D 96 -28.94 16.79 -41.60
C GLY D 96 -27.50 17.19 -41.87
N ASN D 97 -26.90 17.97 -40.99
CA ASN D 97 -25.52 18.40 -41.14
C ASN D 97 -24.63 17.66 -40.14
N THR D 98 -23.33 17.85 -40.29
CA THR D 98 -22.33 17.15 -39.50
C THR D 98 -21.55 18.14 -38.67
N LEU D 99 -21.39 17.85 -37.37
CA LEU D 99 -20.53 18.63 -36.50
C LEU D 99 -19.19 17.91 -36.39
N ALA D 100 -18.12 18.58 -36.79
CA ALA D 100 -16.78 18.03 -36.76
C ALA D 100 -15.93 18.81 -35.77
N VAL D 101 -15.28 18.09 -34.87
CA VAL D 101 -14.41 18.68 -33.85
C VAL D 101 -13.04 18.06 -33.99
N LEU D 102 -12.05 18.88 -34.33
CA LEU D 102 -10.67 18.44 -34.45
C LEU D 102 -9.94 18.70 -33.15
N PHE D 103 -9.24 17.69 -32.66
CA PHE D 103 -8.34 17.81 -31.52
C PHE D 103 -6.97 17.30 -31.92
N SER D 104 -5.93 17.90 -31.34
CA SER D 104 -4.56 17.52 -31.68
C SER D 104 -3.68 17.77 -30.46
N VAL D 105 -3.25 16.69 -29.83
CA VAL D 105 -2.29 16.75 -28.72
C VAL D 105 -1.03 16.06 -29.20
N PRO D 106 -0.04 16.78 -29.68
CA PRO D 106 1.13 16.15 -30.29
C PRO D 106 2.05 15.53 -29.25
N TYR D 107 2.92 14.65 -29.75
CA TYR D 107 3.94 14.05 -28.89
C TYR D 107 5.12 15.01 -28.69
N ASP D 108 5.68 15.48 -29.80
CA ASP D 108 6.84 16.37 -29.76
C ASP D 108 6.34 17.82 -29.69
N TYR D 109 6.51 18.44 -28.53
CA TYR D 109 6.12 19.83 -28.34
C TYR D 109 7.19 20.81 -28.78
N ASN D 110 8.35 20.31 -29.23
CA ASN D 110 9.37 21.21 -29.76
C ASN D 110 8.94 21.78 -31.11
N TRP D 111 8.20 21.00 -31.90
CA TRP D 111 7.77 21.43 -33.22
C TRP D 111 6.27 21.69 -33.33
N TYR D 112 5.47 21.08 -32.46
CA TYR D 112 4.02 21.13 -32.58
C TYR D 112 3.41 21.67 -31.30
N SER D 113 2.14 22.05 -31.39
CA SER D 113 1.38 22.55 -30.26
C SER D 113 0.01 21.87 -30.24
N ASN D 114 -0.70 22.05 -29.13
CA ASN D 114 -2.08 21.60 -29.08
C ASN D 114 -2.94 22.43 -30.02
N TRP D 115 -3.80 21.77 -30.78
CA TRP D 115 -4.69 22.47 -31.69
C TRP D 115 -6.11 21.90 -31.55
N TRP D 116 -7.09 22.73 -31.85
CA TRP D 116 -8.46 22.28 -31.91
C TRP D 116 -9.24 23.15 -32.87
N ASN D 117 -10.35 22.60 -33.36
CA ASN D 117 -11.18 23.29 -34.32
C ASN D 117 -12.58 22.73 -34.25
N VAL D 118 -13.56 23.56 -34.63
CA VAL D 118 -14.95 23.13 -34.72
C VAL D 118 -15.51 23.65 -36.04
N ARG D 119 -16.24 22.79 -36.75
CA ARG D 119 -16.81 23.18 -38.02
C ARG D 119 -18.10 22.40 -38.23
N VAL D 120 -18.98 22.95 -39.07
CA VAL D 120 -20.20 22.28 -39.47
C VAL D 120 -20.14 22.05 -40.97
N TYR D 121 -20.30 20.80 -41.38
CA TYR D 121 -20.32 20.41 -42.77
C TYR D 121 -21.75 20.16 -43.22
N LYS D 122 -22.06 20.58 -44.44
CA LYS D 122 -23.36 20.27 -45.01
C LYS D 122 -23.44 18.78 -45.33
N GLY D 123 -24.57 18.17 -45.02
CA GLY D 123 -24.75 16.75 -45.23
C GLY D 123 -24.14 15.93 -44.12
N GLN D 124 -24.22 14.61 -44.28
CA GLN D 124 -23.68 13.66 -43.32
C GLN D 124 -22.34 13.17 -43.84
N LYS D 125 -21.26 13.57 -43.16
CA LYS D 125 -19.90 13.22 -43.56
C LYS D 125 -19.20 12.55 -42.38
N ARG D 126 -18.54 11.44 -42.64
CA ARG D 126 -17.77 10.75 -41.61
C ARG D 126 -16.38 11.33 -41.52
N ALA D 127 -15.87 11.40 -40.29
CA ALA D 127 -14.51 11.89 -40.08
C ALA D 127 -13.51 10.96 -40.71
N ASP D 128 -12.54 11.54 -41.42
CA ASP D 128 -11.51 10.76 -42.09
C ASP D 128 -10.26 11.61 -42.21
N GLN D 129 -9.30 11.14 -43.00
CA GLN D 129 -8.04 11.86 -43.14
C GLN D 129 -8.24 13.20 -43.83
N ARG D 130 -9.10 13.23 -44.85
CA ARG D 130 -9.34 14.48 -45.58
C ARG D 130 -9.99 15.53 -44.67
N MET D 131 -10.97 15.11 -43.87
CA MET D 131 -11.61 16.04 -42.94
C MET D 131 -10.61 16.56 -41.92
N TYR D 132 -9.74 15.68 -41.42
CA TYR D 132 -8.72 16.11 -40.47
C TYR D 132 -7.78 17.12 -41.11
N GLU D 133 -7.35 16.87 -42.35
CA GLU D 133 -6.46 17.81 -43.03
C GLU D 133 -7.16 19.15 -43.26
N GLU D 134 -8.43 19.12 -43.61
CA GLU D 134 -9.19 20.35 -43.79
C GLU D 134 -9.25 21.14 -42.49
N LEU D 135 -9.56 20.47 -41.38
CA LEU D 135 -9.72 21.17 -40.11
C LEU D 135 -8.39 21.61 -39.53
N TYR D 136 -7.29 20.95 -39.87
CA TYR D 136 -6.00 21.24 -39.28
C TYR D 136 -5.15 22.20 -40.10
N TYR D 137 -5.34 22.24 -41.42
CA TYR D 137 -4.48 23.02 -42.28
C TYR D 137 -5.17 24.14 -43.03
N HIS D 138 -6.50 24.09 -43.18
CA HIS D 138 -7.18 25.03 -44.05
C HIS D 138 -8.36 25.74 -43.43
N ARG D 139 -8.86 25.29 -42.27
CA ARG D 139 -10.03 25.91 -41.66
C ARG D 139 -9.68 26.73 -40.42
N SER D 140 -8.42 27.16 -40.30
CA SER D 140 -7.96 28.04 -39.24
C SER D 140 -8.25 27.45 -37.86
N PRO D 141 -7.55 26.39 -37.46
CA PRO D 141 -7.77 25.83 -36.13
C PRO D 141 -7.32 26.78 -35.04
N PHE D 142 -7.98 26.68 -33.89
CA PHE D 142 -7.58 27.45 -32.72
C PHE D 142 -6.43 26.75 -32.01
N ARG D 143 -5.47 27.53 -31.55
CA ARG D 143 -4.38 26.97 -30.77
C ARG D 143 -4.86 26.62 -29.37
N GLY D 144 -4.37 25.51 -28.85
CA GLY D 144 -4.66 25.15 -27.47
C GLY D 144 -3.77 25.94 -26.55
N ASP D 145 -4.08 27.22 -26.38
CA ASP D 145 -3.22 28.15 -25.67
C ASP D 145 -3.82 28.64 -24.37
N ASN D 146 -4.63 27.80 -23.72
CA ASN D 146 -5.32 28.16 -22.48
C ASN D 146 -6.16 29.41 -22.66
N GLY D 147 -6.79 29.54 -23.82
CA GLY D 147 -7.61 30.70 -24.11
C GLY D 147 -8.95 30.30 -24.65
N TRP D 148 -9.95 31.12 -24.37
CA TRP D 148 -11.30 30.92 -24.87
C TRP D 148 -11.42 31.54 -26.25
N HIS D 149 -11.94 30.78 -27.21
CA HIS D 149 -12.13 31.24 -28.56
C HIS D 149 -13.58 31.02 -28.98
N SER D 150 -14.16 32.00 -29.65
CA SER D 150 -15.53 31.93 -30.14
C SER D 150 -15.54 32.11 -31.64
N ARG D 151 -16.37 31.34 -32.32
CA ARG D 151 -16.47 31.43 -33.77
C ARG D 151 -17.87 31.01 -34.20
N GLY D 152 -18.48 31.80 -35.07
CA GLY D 152 -19.78 31.43 -35.60
C GLY D 152 -19.65 30.25 -36.55
N LEU D 153 -20.32 29.16 -36.22
CA LEU D 153 -20.28 27.97 -37.05
C LEU D 153 -21.20 28.05 -38.25
N GLY D 154 -22.16 28.97 -38.24
CA GLY D 154 -23.13 29.04 -39.31
C GLY D 154 -24.28 28.10 -39.04
N TYR D 155 -25.25 28.12 -39.96
CA TYR D 155 -26.48 27.33 -39.82
C TYR D 155 -27.18 27.65 -38.51
N GLY D 156 -27.14 28.93 -38.12
CA GLY D 156 -27.71 29.35 -36.86
C GLY D 156 -27.02 28.76 -35.66
N LEU D 157 -25.71 28.52 -35.76
CA LEU D 157 -24.93 27.92 -34.69
C LEU D 157 -23.64 28.67 -34.47
N LYS D 158 -23.24 28.78 -33.21
CA LYS D 158 -21.97 29.37 -32.83
C LYS D 158 -21.31 28.45 -31.82
N SER D 159 -19.99 28.57 -31.70
CA SER D 159 -19.21 27.72 -30.81
C SER D 159 -18.30 28.57 -29.96
N ARG D 160 -18.12 28.16 -28.71
CA ARG D 160 -17.21 28.80 -27.77
C ARG D 160 -16.41 27.70 -27.09
N GLY D 161 -15.08 27.68 -27.32
CA GLY D 161 -14.27 26.57 -26.89
C GLY D 161 -13.04 27.01 -26.15
N PHE D 162 -12.42 26.04 -25.48
CA PHE D 162 -11.23 26.25 -24.67
C PHE D 162 -10.40 24.99 -24.70
N MET D 163 -9.08 25.14 -24.79
CA MET D 163 -8.16 24.01 -24.75
C MET D 163 -6.87 24.46 -24.12
N ASN D 164 -6.40 23.71 -23.14
CA ASN D 164 -5.14 24.03 -22.48
C ASN D 164 -3.96 23.58 -23.34
N SER D 165 -2.76 23.96 -22.92
CA SER D 165 -1.55 23.73 -23.70
C SER D 165 -0.73 22.55 -23.22
N SER D 166 -1.20 21.80 -22.23
CA SER D 166 -0.42 20.71 -21.69
C SER D 166 -0.72 19.40 -22.42
N GLY D 167 0.10 18.39 -22.14
CA GLY D 167 -0.12 17.07 -22.72
C GLY D 167 -1.35 16.38 -22.17
N HIS D 168 -1.78 16.72 -20.97
CA HIS D 168 -3.04 16.23 -20.42
C HIS D 168 -4.17 17.19 -20.81
N ALA D 169 -4.45 17.21 -22.11
CA ALA D 169 -5.28 18.25 -22.69
C ALA D 169 -6.75 18.04 -22.37
N ILE D 170 -7.45 19.13 -22.09
CA ILE D 170 -8.89 19.16 -21.94
C ILE D 170 -9.44 20.13 -22.96
N LEU D 171 -10.40 19.67 -23.76
CA LEU D 171 -11.02 20.49 -24.80
C LEU D 171 -12.50 20.62 -24.45
N GLU D 172 -12.91 21.80 -24.01
CA GLU D 172 -14.29 22.04 -23.62
C GLU D 172 -14.90 23.00 -24.64
N ILE D 173 -15.97 22.56 -25.29
CA ILE D 173 -16.64 23.34 -26.32
C ILE D 173 -18.10 23.44 -25.97
N HIS D 174 -18.70 24.61 -26.22
CA HIS D 174 -20.13 24.81 -26.11
C HIS D 174 -20.63 25.21 -27.49
N VAL D 175 -21.46 24.37 -28.09
CA VAL D 175 -22.06 24.65 -29.39
C VAL D 175 -23.50 25.07 -29.12
N THR D 176 -23.79 26.35 -29.30
CA THR D 176 -25.08 26.93 -28.95
C THR D 176 -25.73 27.54 -30.18
N LYS D 177 -27.02 27.81 -30.05
CA LYS D 177 -27.74 28.53 -31.10
C LYS D 177 -27.16 29.91 -31.28
N ALA D 178 -26.92 30.29 -32.53
CA ALA D 178 -26.36 31.61 -32.81
C ALA D 178 -27.42 32.69 -32.62
N ALA E 1 38.85 -20.65 -19.77
CA ALA E 1 39.80 -19.54 -19.77
C ALA E 1 39.09 -18.23 -20.12
N ASP E 2 39.78 -17.39 -20.89
CA ASP E 2 39.20 -16.12 -21.31
C ASP E 2 38.00 -16.35 -22.22
N VAL E 3 38.09 -17.33 -23.12
CA VAL E 3 36.98 -17.61 -24.03
C VAL E 3 35.75 -18.05 -23.25
N ALA E 4 35.93 -18.95 -22.27
CA ALA E 4 34.80 -19.41 -21.47
C ALA E 4 34.17 -18.27 -20.68
N GLY E 5 35.00 -17.40 -20.11
CA GLY E 5 34.47 -16.25 -19.40
C GLY E 5 33.68 -15.32 -20.30
N ALA E 6 34.19 -15.08 -21.51
CA ALA E 6 33.46 -14.26 -22.47
C ALA E 6 32.15 -14.91 -22.86
N VAL E 7 32.16 -16.23 -23.06
CA VAL E 7 30.92 -16.94 -23.42
C VAL E 7 29.91 -16.83 -22.29
N ILE E 8 30.35 -17.00 -21.05
CA ILE E 8 29.44 -16.90 -19.91
C ILE E 8 28.89 -15.49 -19.78
N ASP E 9 29.73 -14.47 -19.98
CA ASP E 9 29.24 -13.10 -19.91
C ASP E 9 28.23 -12.81 -21.01
N GLY E 10 28.50 -13.29 -22.23
CA GLY E 10 27.54 -13.13 -23.30
C GLY E 10 26.24 -13.86 -23.02
N ALA E 11 26.32 -15.05 -22.42
CA ALA E 11 25.12 -15.79 -22.07
C ALA E 11 24.32 -15.05 -21.01
N GLY E 12 25.00 -14.44 -20.04
CA GLY E 12 24.30 -13.65 -19.04
C GLY E 12 23.62 -12.43 -19.64
N LEU E 13 24.31 -11.75 -20.57
CA LEU E 13 23.69 -10.62 -21.26
C LEU E 13 22.47 -11.07 -22.06
N GLY E 14 22.60 -12.19 -22.76
CA GLY E 14 21.46 -12.71 -23.50
C GLY E 14 20.31 -13.11 -22.59
N PHE E 15 20.64 -13.65 -21.41
CA PHE E 15 19.62 -13.97 -20.43
C PHE E 15 18.88 -12.74 -19.96
N ASP E 16 19.62 -11.65 -19.68
CA ASP E 16 18.97 -10.41 -19.26
C ASP E 16 18.09 -9.86 -20.38
N VAL E 17 18.58 -9.88 -21.61
CA VAL E 17 17.80 -9.41 -22.74
C VAL E 17 16.54 -10.24 -22.89
N LEU E 18 16.67 -11.57 -22.78
CA LEU E 18 15.52 -12.45 -22.91
C LEU E 18 14.50 -12.22 -21.81
N LYS E 19 14.98 -12.00 -20.57
CA LYS E 19 14.06 -11.70 -19.48
C LYS E 19 13.29 -10.41 -19.76
N THR E 20 13.99 -9.37 -20.21
CA THR E 20 13.32 -8.11 -20.51
C THR E 20 12.31 -8.29 -21.64
N VAL E 21 12.70 -9.01 -22.69
CA VAL E 21 11.80 -9.21 -23.83
C VAL E 21 10.56 -10.00 -23.40
N LEU E 22 10.75 -11.05 -22.61
CA LEU E 22 9.62 -11.86 -22.18
C LEU E 22 8.69 -11.06 -21.27
N GLU E 23 9.26 -10.24 -20.38
CA GLU E 23 8.43 -9.41 -19.53
C GLU E 23 7.62 -8.41 -20.36
N ALA E 24 8.27 -7.79 -21.36
CA ALA E 24 7.55 -6.86 -22.23
C ALA E 24 6.44 -7.56 -23.00
N LEU E 25 6.72 -8.76 -23.52
CA LEU E 25 5.71 -9.50 -24.27
C LEU E 25 4.54 -9.90 -23.38
N GLY E 26 4.83 -10.30 -22.14
CA GLY E 26 3.77 -10.67 -21.21
C GLY E 26 2.99 -9.49 -20.68
N ASN E 27 3.58 -8.29 -20.71
CA ASN E 27 2.86 -7.11 -20.24
C ASN E 27 1.92 -6.54 -21.28
N VAL E 28 1.94 -7.05 -22.51
CA VAL E 28 1.02 -6.58 -23.54
C VAL E 28 -0.37 -7.11 -23.24
N LYS E 29 -1.35 -6.21 -23.22
CA LYS E 29 -2.73 -6.55 -22.91
C LYS E 29 -3.60 -6.42 -24.16
N ARG E 30 -4.32 -7.48 -24.48
CA ARG E 30 -5.29 -7.48 -25.57
C ARG E 30 -6.56 -8.12 -25.03
N LYS E 31 -7.54 -7.30 -24.67
CA LYS E 31 -8.79 -7.78 -24.13
C LYS E 31 -9.95 -7.15 -24.87
N ILE E 32 -11.07 -7.85 -24.88
CA ILE E 32 -12.28 -7.42 -25.56
C ILE E 32 -13.44 -7.53 -24.59
N ALA E 33 -14.27 -6.49 -24.53
CA ALA E 33 -15.48 -6.49 -23.73
C ALA E 33 -16.67 -6.33 -24.68
N VAL E 34 -17.49 -7.36 -24.78
CA VAL E 34 -18.62 -7.39 -25.71
C VAL E 34 -19.90 -7.12 -24.94
N GLY E 35 -20.67 -6.15 -25.40
CA GLY E 35 -21.99 -5.88 -24.86
C GLY E 35 -23.02 -5.81 -25.97
N ILE E 36 -23.97 -6.73 -25.95
CA ILE E 36 -24.96 -6.83 -27.04
C ILE E 36 -26.35 -6.66 -26.45
N ASP E 37 -27.05 -5.62 -26.90
CA ASP E 37 -28.41 -5.36 -26.48
C ASP E 37 -29.38 -6.11 -27.39
N ASN E 38 -30.34 -6.80 -26.79
CA ASN E 38 -31.31 -7.61 -27.51
C ASN E 38 -32.65 -6.89 -27.51
N GLU E 39 -32.96 -6.20 -28.59
CA GLU E 39 -34.28 -5.66 -28.85
C GLU E 39 -34.87 -6.32 -30.09
N SER E 40 -34.64 -7.62 -30.20
CA SER E 40 -35.07 -8.40 -31.36
C SER E 40 -36.46 -9.01 -31.17
N GLY E 41 -37.01 -8.95 -29.97
CA GLY E 41 -38.29 -9.56 -29.69
C GLY E 41 -38.25 -11.04 -29.44
N LYS E 42 -37.06 -11.66 -29.40
CA LYS E 42 -36.94 -13.08 -29.15
C LYS E 42 -35.82 -13.33 -28.16
N THR E 43 -35.94 -14.43 -27.42
CA THR E 43 -34.93 -14.80 -26.44
C THR E 43 -33.72 -15.44 -27.12
N TRP E 44 -32.54 -15.16 -26.60
CA TRP E 44 -31.30 -15.71 -27.11
C TRP E 44 -30.77 -16.76 -26.15
N THR E 45 -30.41 -17.93 -26.68
CA THR E 45 -29.80 -19.00 -25.92
C THR E 45 -28.36 -19.15 -26.39
N ALA E 46 -27.43 -19.13 -25.44
CA ALA E 46 -26.01 -19.23 -25.79
C ALA E 46 -25.71 -20.58 -26.40
N MET E 47 -25.00 -20.58 -27.53
CA MET E 47 -24.49 -21.81 -28.10
C MET E 47 -23.02 -22.00 -27.77
N ASN E 48 -22.16 -21.08 -28.18
CA ASN E 48 -20.74 -21.22 -27.85
C ASN E 48 -19.95 -20.02 -28.36
N THR E 49 -18.76 -19.84 -27.79
CA THR E 49 -17.81 -18.86 -28.27
C THR E 49 -16.57 -19.59 -28.76
N TYR E 50 -16.32 -19.55 -30.05
CA TYR E 50 -15.12 -20.14 -30.63
C TYR E 50 -14.00 -19.09 -30.61
N PHE E 51 -12.93 -19.36 -29.89
CA PHE E 51 -11.79 -18.46 -29.81
C PHE E 51 -10.73 -18.91 -30.80
N ARG E 52 -10.64 -18.20 -31.92
CA ARG E 52 -9.51 -18.39 -32.82
C ARG E 52 -8.21 -18.03 -32.13
N SER E 53 -8.22 -16.95 -31.34
CA SER E 53 -7.10 -16.57 -30.51
C SER E 53 -7.65 -16.14 -29.14
N GLY E 54 -6.83 -16.30 -28.12
CA GLY E 54 -7.22 -15.88 -26.79
C GLY E 54 -8.18 -16.84 -26.13
N THR E 55 -8.78 -16.36 -25.04
CA THR E 55 -9.68 -17.16 -24.24
C THR E 55 -10.54 -16.23 -23.40
N SER E 56 -11.41 -16.82 -22.59
CA SER E 56 -12.27 -16.08 -21.68
C SER E 56 -12.23 -16.72 -20.30
N ASP E 57 -12.38 -15.90 -19.27
CA ASP E 57 -12.33 -16.35 -17.89
C ASP E 57 -13.71 -16.43 -17.24
N ILE E 58 -14.78 -16.18 -18.00
CA ILE E 58 -16.12 -16.15 -17.45
C ILE E 58 -17.03 -17.06 -18.26
N VAL E 59 -18.21 -17.31 -17.71
CA VAL E 59 -19.21 -18.15 -18.37
C VAL E 59 -19.97 -17.31 -19.37
N LEU E 60 -20.18 -17.87 -20.56
CA LEU E 60 -21.01 -17.22 -21.55
C LEU E 60 -22.46 -17.26 -21.07
N PRO E 61 -23.12 -16.12 -20.89
CA PRO E 61 -24.48 -16.12 -20.31
C PRO E 61 -25.44 -16.96 -21.13
N HIS E 62 -26.08 -17.93 -20.47
CA HIS E 62 -26.87 -18.92 -21.19
C HIS E 62 -28.09 -18.29 -21.87
N LYS E 63 -28.77 -17.38 -21.18
CA LYS E 63 -29.99 -16.78 -21.70
C LYS E 63 -29.86 -15.27 -21.72
N VAL E 64 -30.33 -14.67 -22.81
CA VAL E 64 -30.41 -13.21 -22.95
C VAL E 64 -31.80 -12.91 -23.45
N ALA E 65 -32.71 -12.56 -22.54
CA ALA E 65 -34.08 -12.28 -22.91
C ALA E 65 -34.17 -10.96 -23.67
N HIS E 66 -35.29 -10.78 -24.35
CA HIS E 66 -35.53 -9.53 -25.08
C HIS E 66 -35.54 -8.37 -24.10
N GLY E 67 -34.86 -7.28 -24.47
CA GLY E 67 -34.71 -6.14 -23.60
C GLY E 67 -33.58 -6.23 -22.61
N LYS E 68 -32.84 -7.33 -22.60
CA LYS E 68 -31.69 -7.49 -21.73
C LYS E 68 -30.40 -7.35 -22.55
N ALA E 69 -29.27 -7.40 -21.85
CA ALA E 69 -27.97 -7.21 -22.49
C ALA E 69 -27.07 -8.38 -22.18
N LEU E 70 -26.44 -8.92 -23.22
CA LEU E 70 -25.38 -9.90 -23.08
C LEU E 70 -24.09 -9.18 -22.76
N LEU E 71 -23.47 -9.54 -21.63
CA LEU E 71 -22.18 -9.02 -21.22
C LEU E 71 -21.17 -10.16 -21.25
N TYR E 72 -20.06 -9.94 -21.95
CA TYR E 72 -19.05 -10.98 -22.11
C TYR E 72 -17.70 -10.31 -22.23
N ASN E 73 -16.65 -11.05 -21.95
CA ASN E 73 -15.32 -10.49 -22.14
C ASN E 73 -14.31 -11.62 -22.31
N GLY E 74 -13.22 -11.29 -22.96
CA GLY E 74 -12.13 -12.22 -23.18
C GLY E 74 -10.83 -11.47 -23.26
N GLN E 75 -9.73 -12.21 -23.31
CA GLN E 75 -8.42 -11.60 -23.39
C GLN E 75 -7.46 -12.59 -24.04
N LYS E 76 -6.28 -12.10 -24.38
CA LYS E 76 -5.27 -12.95 -24.98
C LYS E 76 -4.72 -13.93 -23.96
N ASN E 77 -4.13 -15.02 -24.47
CA ASN E 77 -3.61 -16.07 -23.61
C ASN E 77 -2.54 -15.52 -22.67
N ARG E 78 -2.59 -15.96 -21.42
CA ARG E 78 -1.59 -15.53 -20.45
C ARG E 78 -0.20 -15.96 -20.86
N GLY E 79 0.79 -15.11 -20.56
CA GLY E 79 2.15 -15.41 -20.89
C GLY E 79 2.64 -14.60 -22.08
N PRO E 80 3.93 -14.69 -22.36
CA PRO E 80 4.52 -13.90 -23.46
C PRO E 80 4.29 -14.55 -24.83
N VAL E 81 3.04 -14.53 -25.26
CA VAL E 81 2.65 -15.08 -26.55
C VAL E 81 2.14 -13.94 -27.42
N ALA E 82 2.60 -13.92 -28.67
CA ALA E 82 2.27 -12.83 -29.60
C ALA E 82 0.96 -13.13 -30.34
N THR E 83 -0.10 -13.31 -29.56
CA THR E 83 -1.43 -13.58 -30.10
C THR E 83 -2.43 -12.67 -29.41
N GLY E 84 -3.44 -12.25 -30.15
CA GLY E 84 -4.51 -11.42 -29.66
C GLY E 84 -5.68 -12.24 -29.18
N VAL E 85 -6.87 -11.64 -29.23
CA VAL E 85 -8.10 -12.34 -28.89
C VAL E 85 -9.06 -12.20 -30.07
N VAL E 86 -9.26 -13.30 -30.79
CA VAL E 86 -10.10 -13.32 -31.97
C VAL E 86 -11.10 -14.46 -31.81
N GLY E 87 -12.38 -14.17 -32.02
CA GLY E 87 -13.37 -15.20 -31.80
C GLY E 87 -14.72 -14.83 -32.38
N VAL E 88 -15.62 -15.80 -32.28
CA VAL E 88 -17.00 -15.66 -32.75
C VAL E 88 -17.91 -16.18 -31.66
N ILE E 89 -18.90 -15.37 -31.28
CA ILE E 89 -19.93 -15.75 -30.34
C ILE E 89 -21.17 -16.16 -31.12
N ALA E 90 -21.68 -17.35 -30.84
CA ALA E 90 -22.87 -17.86 -31.49
C ALA E 90 -23.95 -18.08 -30.45
N TYR E 91 -25.09 -17.42 -30.64
CA TYR E 91 -26.25 -17.52 -29.78
C TYR E 91 -27.42 -18.07 -30.58
N SER E 92 -28.21 -18.94 -29.97
CA SER E 92 -29.40 -19.45 -30.64
C SER E 92 -30.57 -18.51 -30.36
N MET E 93 -31.31 -18.18 -31.41
CA MET E 93 -32.47 -17.31 -31.29
C MET E 93 -33.75 -18.12 -31.25
N SER E 94 -34.80 -17.51 -30.70
CA SER E 94 -36.06 -18.23 -30.52
C SER E 94 -36.69 -18.63 -31.84
N ASP E 95 -36.46 -17.86 -32.90
CA ASP E 95 -37.03 -18.19 -34.21
C ASP E 95 -36.37 -19.40 -34.84
N GLY E 96 -35.29 -19.90 -34.27
CA GLY E 96 -34.57 -21.02 -34.85
C GLY E 96 -33.32 -20.65 -35.61
N ASN E 97 -32.91 -19.40 -35.60
CA ASN E 97 -31.71 -18.95 -36.30
C ASN E 97 -30.60 -18.65 -35.29
N THR E 98 -29.41 -18.39 -35.81
CA THR E 98 -28.23 -18.19 -35.01
C THR E 98 -27.72 -16.77 -35.20
N LEU E 99 -27.42 -16.09 -34.11
CA LEU E 99 -26.76 -14.79 -34.13
C LEU E 99 -25.27 -15.00 -33.91
N ALA E 100 -24.45 -14.60 -34.87
CA ALA E 100 -23.01 -14.74 -34.81
C ALA E 100 -22.37 -13.37 -34.76
N VAL E 101 -21.49 -13.16 -33.78
CA VAL E 101 -20.79 -11.90 -33.61
C VAL E 101 -19.29 -12.21 -33.62
N LEU E 102 -18.60 -11.67 -34.61
CA LEU E 102 -17.16 -11.82 -34.73
C LEU E 102 -16.46 -10.64 -34.11
N PHE E 103 -15.48 -10.91 -33.25
CA PHE E 103 -14.60 -9.89 -32.70
C PHE E 103 -13.16 -10.30 -32.98
N SER E 104 -12.30 -9.29 -33.17
CA SER E 104 -10.90 -9.55 -33.49
C SER E 104 -10.06 -8.41 -32.95
N VAL E 105 -9.31 -8.67 -31.88
CA VAL E 105 -8.36 -7.72 -31.33
C VAL E 105 -6.97 -8.32 -31.52
N PRO E 106 -6.25 -7.94 -32.56
CA PRO E 106 -4.99 -8.60 -32.87
C PRO E 106 -3.87 -8.19 -31.93
N TYR E 107 -2.82 -9.00 -31.92
CA TYR E 107 -1.64 -8.68 -31.14
C TYR E 107 -0.76 -7.67 -31.87
N ASP E 108 -0.41 -7.96 -33.11
CA ASP E 108 0.44 -7.09 -33.91
C ASP E 108 -0.42 -6.09 -34.67
N TYR E 109 -0.39 -4.84 -34.24
CA TYR E 109 -1.15 -3.78 -34.90
C TYR E 109 -0.41 -3.19 -36.09
N ASN E 110 0.81 -3.64 -36.36
CA ASN E 110 1.51 -3.18 -37.56
C ASN E 110 0.87 -3.75 -38.82
N TRP E 111 0.35 -4.97 -38.75
CA TRP E 111 -0.25 -5.63 -39.89
C TRP E 111 -1.77 -5.77 -39.79
N TYR E 112 -2.33 -5.77 -38.59
CA TYR E 112 -3.73 -6.07 -38.39
C TYR E 112 -4.41 -4.92 -37.64
N SER E 113 -5.73 -4.93 -37.67
CA SER E 113 -6.55 -3.94 -36.98
C SER E 113 -7.66 -4.65 -36.22
N ASN E 114 -8.34 -3.91 -35.36
CA ASN E 114 -9.54 -4.44 -34.72
C ASN E 114 -10.63 -4.63 -35.76
N TRP E 115 -11.31 -5.76 -35.70
CA TRP E 115 -12.42 -6.03 -36.61
C TRP E 115 -13.61 -6.59 -35.83
N TRP E 116 -14.80 -6.37 -36.37
CA TRP E 116 -15.99 -6.97 -35.80
C TRP E 116 -17.03 -7.14 -36.89
N ASN E 117 -17.96 -8.05 -36.65
CA ASN E 117 -19.00 -8.34 -37.62
C ASN E 117 -20.18 -8.93 -36.89
N VAL E 118 -21.37 -8.78 -37.48
CA VAL E 118 -22.59 -9.38 -36.95
C VAL E 118 -23.33 -10.00 -38.13
N ARG E 119 -23.84 -11.21 -37.95
CA ARG E 119 -24.55 -11.89 -39.00
C ARG E 119 -25.58 -12.82 -38.37
N VAL E 120 -26.62 -13.15 -39.14
CA VAL E 120 -27.63 -14.11 -38.73
C VAL E 120 -27.59 -15.27 -39.71
N TYR E 121 -27.41 -16.48 -39.18
CA TYR E 121 -27.38 -17.70 -39.95
C TYR E 121 -28.70 -18.43 -39.80
N LYS E 122 -29.18 -19.01 -40.90
CA LYS E 122 -30.37 -19.84 -40.83
C LYS E 122 -30.04 -21.14 -40.10
N GLY E 123 -30.95 -21.56 -39.22
CA GLY E 123 -30.73 -22.75 -38.43
C GLY E 123 -29.85 -22.49 -37.24
N GLN E 124 -29.57 -23.56 -36.49
CA GLN E 124 -28.73 -23.50 -35.30
C GLN E 124 -27.33 -23.97 -35.69
N LYS E 125 -26.37 -23.04 -35.67
CA LYS E 125 -24.99 -23.31 -36.04
C LYS E 125 -24.08 -22.89 -34.91
N ARG E 126 -23.15 -23.74 -34.54
CA ARG E 126 -22.17 -23.42 -33.52
C ARG E 126 -20.98 -22.69 -34.14
N ALA E 127 -20.45 -21.72 -33.40
CA ALA E 127 -19.29 -20.99 -33.85
C ALA E 127 -18.09 -21.91 -33.96
N ASP E 128 -17.36 -21.80 -35.06
CA ASP E 128 -16.19 -22.64 -35.29
C ASP E 128 -15.24 -21.88 -36.21
N GLN E 129 -14.22 -22.58 -36.70
CA GLN E 129 -13.23 -21.95 -37.55
C GLN E 129 -13.84 -21.47 -38.87
N ARG E 130 -14.71 -22.29 -39.45
CA ARG E 130 -15.34 -21.92 -40.73
C ARG E 130 -16.20 -20.69 -40.57
N MET E 131 -16.99 -20.61 -39.49
CA MET E 131 -17.81 -19.43 -39.26
C MET E 131 -16.95 -18.19 -39.06
N TYR E 132 -15.85 -18.33 -38.34
CA TYR E 132 -14.94 -17.21 -38.14
C TYR E 132 -14.35 -16.75 -39.46
N GLU E 133 -13.93 -17.69 -40.31
CA GLU E 133 -13.38 -17.31 -41.61
C GLU E 133 -14.43 -16.62 -42.47
N GLU E 134 -15.67 -17.12 -42.43
CA GLU E 134 -16.74 -16.48 -43.18
C GLU E 134 -16.96 -15.04 -42.71
N LEU E 135 -17.02 -14.85 -41.39
CA LEU E 135 -17.30 -13.51 -40.87
C LEU E 135 -16.12 -12.57 -41.01
N TYR E 136 -14.90 -13.08 -41.09
CA TYR E 136 -13.71 -12.24 -41.13
C TYR E 136 -13.21 -11.96 -42.54
N TYR E 137 -13.47 -12.86 -43.50
CA TYR E 137 -12.90 -12.72 -44.82
C TYR E 137 -13.92 -12.54 -45.93
N HIS E 138 -15.19 -12.91 -45.71
CA HIS E 138 -16.15 -12.94 -46.81
C HIS E 138 -17.45 -12.22 -46.53
N ARG E 139 -17.75 -11.85 -45.27
CA ARG E 139 -19.01 -11.20 -44.95
C ARG E 139 -18.84 -9.72 -44.64
N SER E 140 -17.75 -9.11 -45.10
CA SER E 140 -17.50 -7.67 -44.99
C SER E 140 -17.53 -7.22 -43.53
N PRO E 141 -16.54 -7.59 -42.73
CA PRO E 141 -16.54 -7.14 -41.34
C PRO E 141 -16.32 -5.63 -41.24
N PHE E 142 -16.86 -5.05 -40.18
CA PHE E 142 -16.63 -3.65 -39.90
C PHE E 142 -15.30 -3.47 -39.18
N ARG E 143 -14.57 -2.43 -39.56
CA ARG E 143 -13.32 -2.12 -38.87
C ARG E 143 -13.62 -1.51 -37.51
N GLY E 144 -12.82 -1.88 -36.52
CA GLY E 144 -12.92 -1.26 -35.21
C GLY E 144 -12.25 0.09 -35.23
N ASP E 145 -12.89 1.07 -35.86
CA ASP E 145 -12.28 2.37 -36.13
C ASP E 145 -12.95 3.50 -35.33
N ASN E 146 -13.45 3.18 -34.14
CA ASN E 146 -14.14 4.15 -33.29
C ASN E 146 -15.32 4.79 -34.04
N GLY E 147 -16.01 4.00 -34.84
CA GLY E 147 -17.13 4.49 -35.60
C GLY E 147 -18.34 3.59 -35.44
N TRP E 148 -19.52 4.20 -35.53
CA TRP E 148 -20.77 3.48 -35.47
C TRP E 148 -21.14 2.98 -36.86
N HIS E 149 -21.47 1.69 -36.96
CA HIS E 149 -21.86 1.08 -38.21
C HIS E 149 -23.20 0.39 -38.04
N SER E 150 -24.06 0.54 -39.04
CA SER E 150 -25.38 -0.07 -39.04
C SER E 150 -25.51 -0.96 -40.27
N ARG E 151 -26.13 -2.12 -40.09
CA ARG E 151 -26.34 -3.04 -41.20
C ARG E 151 -27.57 -3.88 -40.92
N GLY E 152 -28.43 -4.00 -41.94
CA GLY E 152 -29.60 -4.85 -41.81
C GLY E 152 -29.18 -6.31 -41.78
N LEU E 153 -29.51 -6.99 -40.68
CA LEU E 153 -29.17 -8.41 -40.54
C LEU E 153 -30.15 -9.32 -41.28
N GLY E 154 -31.32 -8.82 -41.65
CA GLY E 154 -32.32 -9.65 -42.25
C GLY E 154 -33.15 -10.35 -41.20
N TYR E 155 -34.12 -11.14 -41.66
CA TYR E 155 -35.07 -11.82 -40.79
C TYR E 155 -35.77 -10.82 -39.87
N GLY E 156 -36.07 -9.64 -40.41
CA GLY E 156 -36.67 -8.58 -39.61
C GLY E 156 -35.78 -8.08 -38.51
N LEU E 157 -34.46 -8.09 -38.72
CA LEU E 157 -33.50 -7.67 -37.73
C LEU E 157 -32.46 -6.76 -38.34
N LYS E 158 -32.05 -5.76 -37.57
CA LYS E 158 -30.97 -4.86 -37.94
C LYS E 158 -30.02 -4.72 -36.76
N SER E 159 -28.79 -4.32 -37.06
CA SER E 159 -27.76 -4.20 -36.04
C SER E 159 -27.08 -2.85 -36.15
N ARG E 160 -26.74 -2.27 -35.00
CA ARG E 160 -25.99 -1.02 -34.93
C ARG E 160 -24.88 -1.21 -33.91
N GLY E 161 -23.62 -1.15 -34.37
CA GLY E 161 -22.51 -1.52 -33.53
C GLY E 161 -21.40 -0.48 -33.54
N PHE E 162 -20.51 -0.63 -32.57
CA PHE E 162 -19.39 0.27 -32.37
C PHE E 162 -18.23 -0.52 -31.77
N MET E 163 -17.03 -0.23 -32.24
CA MET E 163 -15.83 -0.85 -31.70
C MET E 163 -14.67 0.13 -31.81
N ASN E 164 -13.97 0.33 -30.70
CA ASN E 164 -12.81 1.21 -30.71
C ASN E 164 -11.61 0.52 -31.33
N SER E 165 -10.54 1.29 -31.52
CA SER E 165 -9.36 0.81 -32.24
C SER E 165 -8.21 0.42 -31.32
N SER E 166 -8.40 0.47 -30.01
CA SER E 166 -7.32 0.19 -29.07
C SER E 166 -7.28 -1.29 -28.72
N GLY E 167 -6.20 -1.69 -28.06
CA GLY E 167 -6.06 -3.06 -27.59
C GLY E 167 -7.01 -3.41 -26.48
N HIS E 168 -7.47 -2.42 -25.71
CA HIS E 168 -8.51 -2.62 -24.71
C HIS E 168 -9.88 -2.40 -25.35
N ALA E 169 -10.22 -3.31 -26.26
CA ALA E 169 -11.34 -3.09 -27.16
C ALA E 169 -12.67 -3.29 -26.45
N ILE E 170 -13.62 -2.44 -26.80
CA ILE E 170 -15.02 -2.59 -26.37
C ILE E 170 -15.87 -2.66 -27.62
N LEU E 171 -16.70 -3.70 -27.71
CA LEU E 171 -17.58 -3.92 -28.84
C LEU E 171 -19.01 -3.85 -28.34
N GLU E 172 -19.71 -2.77 -28.66
CA GLU E 172 -21.08 -2.57 -28.23
C GLU E 172 -21.99 -2.68 -29.45
N ILE E 173 -22.93 -3.62 -29.41
CA ILE E 173 -23.84 -3.87 -30.52
C ILE E 173 -25.25 -3.83 -29.99
N HIS E 174 -26.16 -3.26 -30.79
CA HIS E 174 -27.59 -3.29 -30.51
C HIS E 174 -28.25 -4.02 -31.66
N VAL E 175 -28.84 -5.17 -31.38
CA VAL E 175 -29.56 -5.94 -32.38
C VAL E 175 -31.04 -5.71 -32.13
N THR E 176 -31.69 -4.97 -33.01
CA THR E 176 -33.07 -4.55 -32.83
C THR E 176 -33.93 -5.04 -33.98
N LYS E 177 -35.23 -4.98 -33.77
CA LYS E 177 -36.18 -5.30 -34.83
C LYS E 177 -36.02 -4.32 -35.98
N ALA E 178 -35.96 -4.85 -37.19
CA ALA E 178 -35.81 -4.00 -38.37
C ALA E 178 -37.12 -3.29 -38.68
N ALA F 1 42.04 -21.35 -10.20
CA ALA F 1 42.63 -20.39 -11.12
C ALA F 1 41.58 -19.81 -12.06
N ASP F 2 41.97 -19.60 -13.31
CA ASP F 2 41.02 -19.07 -14.29
C ASP F 2 39.89 -20.05 -14.56
N VAL F 3 40.21 -21.35 -14.61
CA VAL F 3 39.17 -22.36 -14.85
C VAL F 3 38.17 -22.36 -13.71
N ALA F 4 38.64 -22.32 -12.47
CA ALA F 4 37.73 -22.31 -11.33
C ALA F 4 36.85 -21.08 -11.33
N GLY F 5 37.43 -19.91 -11.65
CA GLY F 5 36.62 -18.71 -11.73
C GLY F 5 35.56 -18.79 -12.82
N ALA F 6 35.92 -19.34 -13.97
CA ALA F 6 34.95 -19.52 -15.04
C ALA F 6 33.85 -20.48 -14.61
N VAL F 7 34.21 -21.56 -13.92
CA VAL F 7 33.22 -22.53 -13.46
C VAL F 7 32.27 -21.88 -12.47
N ILE F 8 32.80 -21.07 -11.55
CA ILE F 8 31.96 -20.40 -10.57
C ILE F 8 31.04 -19.39 -11.25
N ASP F 9 31.55 -18.65 -12.22
CA ASP F 9 30.71 -17.69 -12.94
C ASP F 9 29.59 -18.41 -13.70
N GLY F 10 29.92 -19.53 -14.36
CA GLY F 10 28.90 -20.30 -15.03
C GLY F 10 27.87 -20.87 -14.07
N ALA F 11 28.33 -21.30 -12.90
CA ALA F 11 27.41 -21.81 -11.88
C ALA F 11 26.48 -20.70 -11.40
N GLY F 12 27.00 -19.50 -11.23
CA GLY F 12 26.16 -18.37 -10.84
C GLY F 12 25.14 -18.02 -11.90
N LEU F 13 25.56 -18.04 -13.17
CA LEU F 13 24.61 -17.80 -14.25
C LEU F 13 23.54 -18.87 -14.29
N GLY F 14 23.93 -20.13 -14.13
CA GLY F 14 22.95 -21.21 -14.07
C GLY F 14 22.02 -21.08 -12.89
N PHE F 15 22.54 -20.62 -11.75
CA PHE F 15 21.70 -20.37 -10.60
C PHE F 15 20.66 -19.29 -10.87
N ASP F 16 21.09 -18.19 -11.51
CA ASP F 16 20.14 -17.14 -11.84
C ASP F 16 19.08 -17.63 -12.83
N VAL F 17 19.50 -18.40 -13.84
CA VAL F 17 18.55 -18.96 -14.80
C VAL F 17 17.58 -19.89 -14.08
N LEU F 18 18.08 -20.73 -13.19
CA LEU F 18 17.22 -21.66 -12.47
C LEU F 18 16.24 -20.93 -11.57
N LYS F 19 16.69 -19.86 -10.90
CA LYS F 19 15.78 -19.07 -10.09
C LYS F 19 14.67 -18.46 -10.94
N THR F 20 15.04 -17.89 -12.09
CA THR F 20 14.02 -17.32 -12.97
C THR F 20 13.05 -18.37 -13.46
N VAL F 21 13.56 -19.54 -13.85
CA VAL F 21 12.70 -20.61 -14.37
C VAL F 21 11.75 -21.10 -13.28
N LEU F 22 12.28 -21.30 -12.06
CA LEU F 22 11.43 -21.78 -10.97
C LEU F 22 10.37 -20.75 -10.60
N GLU F 23 10.73 -19.47 -10.60
CA GLU F 23 9.74 -18.44 -10.32
C GLU F 23 8.65 -18.43 -11.38
N ALA F 24 9.03 -18.54 -12.66
CA ALA F 24 8.05 -18.58 -13.72
C ALA F 24 7.14 -19.81 -13.59
N LEU F 25 7.72 -20.96 -13.28
CA LEU F 25 6.92 -22.18 -13.13
C LEU F 25 5.96 -22.06 -11.96
N GLY F 26 6.41 -21.47 -10.85
CA GLY F 26 5.55 -21.29 -9.71
C GLY F 26 4.49 -20.23 -9.88
N ASN F 27 4.71 -19.28 -10.79
CA ASN F 27 3.73 -18.24 -11.05
C ASN F 27 2.60 -18.70 -11.96
N VAL F 28 2.71 -19.89 -12.55
CA VAL F 28 1.65 -20.41 -13.39
C VAL F 28 0.47 -20.83 -12.52
N LYS F 29 -0.73 -20.34 -12.87
CA LYS F 29 -1.93 -20.61 -12.11
C LYS F 29 -2.85 -21.51 -12.91
N ARG F 30 -3.27 -22.62 -12.31
CA ARG F 30 -4.26 -23.53 -12.89
C ARG F 30 -5.26 -23.84 -11.80
N LYS F 31 -6.41 -23.18 -11.84
CA LYS F 31 -7.45 -23.40 -10.85
C LYS F 31 -8.78 -23.63 -11.54
N ILE F 32 -9.66 -24.34 -10.84
CA ILE F 32 -10.97 -24.70 -11.35
C ILE F 32 -12.00 -24.33 -10.30
N ALA F 33 -13.08 -23.69 -10.73
CA ALA F 33 -14.22 -23.37 -9.87
C ALA F 33 -15.44 -24.09 -10.40
N VAL F 34 -15.95 -25.05 -9.63
CA VAL F 34 -17.05 -25.89 -10.04
C VAL F 34 -18.32 -25.40 -9.36
N GLY F 35 -19.35 -25.15 -10.15
CA GLY F 35 -20.67 -24.83 -9.62
C GLY F 35 -21.74 -25.70 -10.24
N ILE F 36 -22.39 -26.53 -9.45
CA ILE F 36 -23.35 -27.50 -9.95
C ILE F 36 -24.71 -27.21 -9.32
N ASP F 37 -25.69 -26.90 -10.14
CA ASP F 37 -27.05 -26.67 -9.69
C ASP F 37 -27.81 -27.99 -9.68
N ASN F 38 -28.52 -28.24 -8.58
CA ASN F 38 -29.25 -29.48 -8.37
C ASN F 38 -30.74 -29.19 -8.52
N GLU F 39 -31.29 -29.49 -9.69
CA GLU F 39 -32.72 -29.50 -9.93
C GLU F 39 -33.15 -30.91 -10.29
N SER F 40 -32.57 -31.89 -9.61
CA SER F 40 -32.84 -33.30 -9.86
C SER F 40 -33.97 -33.86 -9.02
N GLY F 41 -34.47 -33.10 -8.05
CA GLY F 41 -35.50 -33.57 -7.17
C GLY F 41 -35.04 -34.47 -6.04
N LYS F 42 -33.73 -34.66 -5.89
CA LYS F 42 -33.19 -35.51 -4.83
C LYS F 42 -32.00 -34.83 -4.19
N THR F 43 -31.76 -35.13 -2.92
CA THR F 43 -30.65 -34.57 -2.18
C THR F 43 -29.35 -35.27 -2.55
N TRP F 44 -28.26 -34.51 -2.62
CA TRP F 44 -26.94 -35.04 -2.92
C TRP F 44 -26.09 -35.05 -1.66
N THR F 45 -25.45 -36.18 -1.41
CA THR F 45 -24.52 -36.33 -0.29
C THR F 45 -23.13 -36.51 -0.87
N ALA F 46 -22.19 -35.69 -0.39
CA ALA F 46 -20.83 -35.75 -0.90
C ALA F 46 -20.19 -37.08 -0.57
N MET F 47 -19.56 -37.71 -1.56
CA MET F 47 -18.76 -38.89 -1.32
C MET F 47 -17.27 -38.54 -1.27
N ASN F 48 -16.73 -38.00 -2.36
CA ASN F 48 -15.31 -37.65 -2.35
C ASN F 48 -14.92 -36.98 -3.65
N THR F 49 -13.80 -36.27 -3.63
CA THR F 49 -13.20 -35.71 -4.82
C THR F 49 -11.82 -36.35 -4.99
N TYR F 50 -11.65 -37.14 -6.04
CA TYR F 50 -10.37 -37.74 -6.36
C TYR F 50 -9.60 -36.79 -7.26
N PHE F 51 -8.45 -36.32 -6.79
CA PHE F 51 -7.61 -35.41 -7.57
C PHE F 51 -6.52 -36.21 -8.25
N ARG F 52 -6.69 -36.44 -9.55
CA ARG F 52 -5.59 -36.98 -10.35
C ARG F 52 -4.42 -36.03 -10.37
N SER F 53 -4.70 -34.73 -10.46
CA SER F 53 -3.69 -33.70 -10.33
C SER F 53 -4.26 -32.57 -9.49
N GLY F 54 -3.37 -31.84 -8.82
CA GLY F 54 -3.80 -30.72 -8.03
C GLY F 54 -4.43 -31.12 -6.70
N THR F 55 -5.07 -30.16 -6.07
CA THR F 55 -5.68 -30.35 -4.76
C THR F 55 -6.73 -29.27 -4.54
N SER F 56 -7.35 -29.30 -3.37
CA SER F 56 -8.33 -28.30 -2.98
C SER F 56 -8.04 -27.83 -1.57
N ASP F 57 -8.36 -26.57 -1.29
CA ASP F 57 -8.12 -25.96 0.00
C ASP F 57 -9.39 -25.82 0.84
N ILE F 58 -10.51 -26.33 0.36
CA ILE F 58 -11.79 -26.18 1.05
C ILE F 58 -12.44 -27.54 1.24
N VAL F 59 -13.47 -27.56 2.07
CA VAL F 59 -14.22 -28.78 2.35
C VAL F 59 -15.25 -28.99 1.25
N LEU F 60 -15.35 -30.22 0.77
CA LEU F 60 -16.39 -30.57 -0.18
C LEU F 60 -17.74 -30.53 0.52
N PRO F 61 -18.67 -29.70 0.09
CA PRO F 61 -19.94 -29.55 0.81
C PRO F 61 -20.67 -30.88 0.95
N HIS F 62 -20.98 -31.24 2.20
CA HIS F 62 -21.50 -32.57 2.49
C HIS F 62 -22.87 -32.79 1.86
N LYS F 63 -23.75 -31.79 1.94
CA LYS F 63 -25.11 -31.93 1.45
C LYS F 63 -25.41 -30.83 0.44
N VAL F 64 -26.09 -31.21 -0.64
CA VAL F 64 -26.58 -30.28 -1.65
C VAL F 64 -28.03 -30.64 -1.89
N ALA F 65 -28.94 -29.93 -1.24
CA ALA F 65 -30.36 -30.23 -1.39
C ALA F 65 -30.85 -29.81 -2.77
N HIS F 66 -32.02 -30.33 -3.13
CA HIS F 66 -32.63 -29.96 -4.40
C HIS F 66 -32.93 -28.47 -4.43
N GLY F 67 -32.58 -27.82 -5.53
CA GLY F 67 -32.74 -26.39 -5.66
C GLY F 67 -31.57 -25.59 -5.12
N LYS F 68 -30.55 -26.24 -4.58
CA LYS F 68 -29.35 -25.57 -4.10
C LYS F 68 -28.21 -25.79 -5.08
N ALA F 69 -27.07 -25.17 -4.79
CA ALA F 69 -25.91 -25.23 -5.67
C ALA F 69 -24.69 -25.70 -4.90
N LEU F 70 -24.01 -26.69 -5.46
CA LEU F 70 -22.70 -27.11 -4.97
C LEU F 70 -21.64 -26.14 -5.49
N LEU F 71 -20.91 -25.54 -4.57
CA LEU F 71 -19.79 -24.66 -4.90
C LEU F 71 -18.50 -25.32 -4.42
N TYR F 72 -17.53 -25.45 -5.32
CA TYR F 72 -16.29 -26.12 -5.01
C TYR F 72 -15.19 -25.48 -5.83
N ASN F 73 -13.94 -25.64 -5.39
CA ASN F 73 -12.84 -25.13 -6.18
C ASN F 73 -11.58 -25.88 -5.82
N GLY F 74 -10.64 -25.89 -6.77
CA GLY F 74 -9.36 -26.51 -6.57
C GLY F 74 -8.32 -25.80 -7.41
N GLN F 75 -7.07 -26.18 -7.22
CA GLN F 75 -5.99 -25.57 -7.97
C GLN F 75 -4.83 -26.54 -8.02
N LYS F 76 -3.85 -26.21 -8.85
CA LYS F 76 -2.67 -27.06 -8.99
C LYS F 76 -1.81 -26.97 -7.73
N ASN F 77 -0.97 -27.99 -7.55
CA ASN F 77 -0.13 -28.08 -6.37
C ASN F 77 0.79 -26.86 -6.27
N ARG F 78 0.94 -26.35 -5.05
CA ARG F 78 1.80 -25.20 -4.83
C ARG F 78 3.24 -25.55 -5.17
N GLY F 79 3.96 -24.57 -5.71
CA GLY F 79 5.34 -24.77 -6.08
C GLY F 79 5.52 -24.91 -7.57
N PRO F 80 6.77 -24.93 -8.02
CA PRO F 80 7.07 -25.00 -9.47
C PRO F 80 6.94 -26.42 -10.02
N VAL F 81 5.72 -26.92 -10.06
CA VAL F 81 5.43 -28.25 -10.57
C VAL F 81 4.59 -28.11 -11.83
N ALA F 82 4.95 -28.86 -12.87
CA ALA F 82 4.28 -28.75 -14.17
C ALA F 82 3.08 -29.70 -14.22
N THR F 83 2.16 -29.49 -13.30
CA THR F 83 0.93 -30.27 -13.24
C THR F 83 -0.26 -29.34 -13.07
N GLY F 84 -1.37 -29.72 -13.67
CA GLY F 84 -2.61 -28.97 -13.57
C GLY F 84 -3.48 -29.44 -12.43
N VAL F 85 -4.79 -29.25 -12.59
CA VAL F 85 -5.75 -29.74 -11.62
C VAL F 85 -6.76 -30.60 -12.36
N VAL F 86 -6.69 -31.91 -12.14
CA VAL F 86 -7.55 -32.88 -12.81
C VAL F 86 -8.17 -33.76 -11.74
N GLY F 87 -9.49 -33.92 -11.80
CA GLY F 87 -10.14 -34.68 -10.75
C GLY F 87 -11.56 -35.04 -11.11
N VAL F 88 -12.16 -35.83 -10.23
CA VAL F 88 -13.53 -36.29 -10.34
C VAL F 88 -14.22 -36.08 -9.00
N ILE F 89 -15.37 -35.42 -9.02
CA ILE F 89 -16.20 -35.24 -7.84
C ILE F 89 -17.32 -36.28 -7.88
N ALA F 90 -17.47 -37.03 -6.80
CA ALA F 90 -18.49 -38.06 -6.69
C ALA F 90 -19.40 -37.69 -5.54
N TYR F 91 -20.68 -37.54 -5.84
CA TYR F 91 -21.73 -37.24 -4.87
C TYR F 91 -22.73 -38.38 -4.86
N SER F 92 -23.22 -38.73 -3.68
CA SER F 92 -24.25 -39.75 -3.58
C SER F 92 -25.62 -39.10 -3.71
N MET F 93 -26.49 -39.71 -4.52
CA MET F 93 -27.82 -39.19 -4.72
C MET F 93 -28.83 -39.98 -3.89
N SER F 94 -29.98 -39.36 -3.63
CA SER F 94 -30.97 -39.96 -2.77
C SER F 94 -31.52 -41.26 -3.33
N ASP F 95 -31.58 -41.38 -4.67
CA ASP F 95 -32.10 -42.59 -5.29
C ASP F 95 -31.17 -43.78 -5.13
N GLY F 96 -29.95 -43.56 -4.65
CA GLY F 96 -28.97 -44.63 -4.51
C GLY F 96 -27.92 -44.66 -5.60
N ASN F 97 -27.88 -43.68 -6.48
CA ASN F 97 -26.90 -43.61 -7.54
C ASN F 97 -25.87 -42.53 -7.24
N THR F 98 -24.83 -42.49 -8.07
CA THR F 98 -23.70 -41.59 -7.87
C THR F 98 -23.62 -40.61 -9.03
N LEU F 99 -23.48 -39.33 -8.71
CA LEU F 99 -23.21 -38.31 -9.72
C LEU F 99 -21.72 -38.04 -9.74
N ALA F 100 -21.09 -38.27 -10.90
CA ALA F 100 -19.66 -38.06 -11.09
C ALA F 100 -19.43 -36.94 -12.07
N VAL F 101 -18.61 -35.97 -11.68
CA VAL F 101 -18.27 -34.83 -12.51
C VAL F 101 -16.75 -34.80 -12.68
N LEU F 102 -16.28 -34.95 -13.90
CA LEU F 102 -14.87 -34.90 -14.22
C LEU F 102 -14.51 -33.50 -14.66
N PHE F 103 -13.44 -32.95 -14.08
CA PHE F 103 -12.85 -31.69 -14.53
C PHE F 103 -11.38 -31.92 -14.80
N SER F 104 -10.84 -31.17 -15.76
CA SER F 104 -9.45 -31.33 -16.15
C SER F 104 -8.94 -29.99 -16.67
N VAL F 105 -8.10 -29.34 -15.89
CA VAL F 105 -7.43 -28.11 -16.30
C VAL F 105 -5.93 -28.43 -16.37
N PRO F 106 -5.40 -28.73 -17.55
CA PRO F 106 -4.02 -29.19 -17.64
C PRO F 106 -3.02 -28.06 -17.45
N TYR F 107 -1.79 -28.46 -17.17
CA TYR F 107 -0.70 -27.50 -17.07
C TYR F 107 -0.19 -27.11 -18.44
N ASP F 108 0.18 -28.09 -19.25
CA ASP F 108 0.71 -27.87 -20.60
C ASP F 108 -0.45 -27.81 -21.58
N TYR F 109 -0.74 -26.61 -22.08
CA TYR F 109 -1.79 -26.42 -23.07
C TYR F 109 -1.33 -26.67 -24.49
N ASN F 110 -0.04 -26.96 -24.68
CA ASN F 110 0.44 -27.32 -26.01
C ASN F 110 -0.06 -28.69 -26.44
N TRP F 111 -0.23 -29.61 -25.48
CA TRP F 111 -0.68 -30.96 -25.78
C TRP F 111 -2.08 -31.26 -25.27
N TYR F 112 -2.56 -30.54 -24.26
CA TYR F 112 -3.81 -30.86 -23.60
C TYR F 112 -4.73 -29.66 -23.63
N SER F 113 -6.01 -29.91 -23.33
CA SER F 113 -7.03 -28.89 -23.27
C SER F 113 -7.86 -29.09 -22.01
N ASN F 114 -8.68 -28.09 -21.70
CA ASN F 114 -9.65 -28.25 -20.62
C ASN F 114 -10.70 -29.27 -21.03
N TRP F 115 -11.03 -30.16 -20.11
CA TRP F 115 -12.06 -31.16 -20.35
C TRP F 115 -12.99 -31.25 -19.16
N TRP F 116 -14.23 -31.66 -19.43
CA TRP F 116 -15.17 -31.92 -18.35
C TRP F 116 -16.17 -32.96 -18.82
N ASN F 117 -16.80 -33.61 -17.86
CA ASN F 117 -17.76 -34.66 -18.14
C ASN F 117 -18.70 -34.81 -16.96
N VAL F 118 -19.91 -35.29 -17.21
CA VAL F 118 -20.87 -35.59 -16.18
C VAL F 118 -21.47 -36.95 -16.48
N ARG F 119 -21.60 -37.79 -15.46
CA ARG F 119 -22.15 -39.12 -15.65
C ARG F 119 -22.84 -39.54 -14.36
N VAL F 120 -23.78 -40.46 -14.48
CA VAL F 120 -24.46 -41.06 -13.34
C VAL F 120 -24.14 -42.55 -13.33
N TYR F 121 -23.60 -43.02 -12.21
CA TYR F 121 -23.27 -44.42 -12.02
C TYR F 121 -24.34 -45.07 -11.14
N LYS F 122 -24.69 -46.31 -11.47
CA LYS F 122 -25.58 -47.07 -10.63
C LYS F 122 -24.87 -47.46 -9.34
N GLY F 123 -25.57 -47.33 -8.21
CA GLY F 123 -24.99 -47.61 -6.93
C GLY F 123 -24.16 -46.46 -6.41
N GLN F 124 -23.56 -46.68 -5.24
CA GLN F 124 -22.70 -45.69 -4.59
C GLN F 124 -21.25 -46.04 -4.89
N LYS F 125 -20.60 -45.21 -5.69
CA LYS F 125 -19.21 -45.41 -6.09
C LYS F 125 -18.41 -44.17 -5.74
N ARG F 126 -17.25 -44.38 -5.14
CA ARG F 126 -16.35 -43.28 -4.81
C ARG F 126 -15.46 -42.96 -6.00
N ALA F 127 -15.19 -41.67 -6.18
CA ALA F 127 -14.29 -41.25 -7.26
C ALA F 127 -12.88 -41.78 -7.01
N ASP F 128 -12.28 -42.32 -8.06
CA ASP F 128 -10.93 -42.87 -7.97
C ASP F 128 -10.28 -42.78 -9.34
N GLN F 129 -9.12 -43.43 -9.48
CA GLN F 129 -8.40 -43.38 -10.74
C GLN F 129 -9.19 -44.03 -11.87
N ARG F 130 -9.83 -45.17 -11.58
CA ARG F 130 -10.59 -45.86 -12.62
C ARG F 130 -11.77 -45.02 -13.09
N MET F 131 -12.48 -44.39 -12.18
CA MET F 131 -13.59 -43.52 -12.57
C MET F 131 -13.10 -42.35 -13.40
N TYR F 132 -11.96 -41.77 -13.02
CA TYR F 132 -11.41 -40.67 -13.80
C TYR F 132 -11.04 -41.12 -15.20
N GLU F 133 -10.42 -42.30 -15.33
CA GLU F 133 -10.06 -42.80 -16.64
C GLU F 133 -11.30 -43.08 -17.48
N GLU F 134 -12.35 -43.62 -16.86
CA GLU F 134 -13.60 -43.85 -17.58
C GLU F 134 -14.17 -42.54 -18.09
N LEU F 135 -14.22 -41.52 -17.24
CA LEU F 135 -14.84 -40.27 -17.63
C LEU F 135 -13.99 -39.48 -18.61
N TYR F 136 -12.67 -39.68 -18.61
CA TYR F 136 -11.78 -38.89 -19.44
C TYR F 136 -11.45 -39.56 -20.77
N TYR F 137 -11.49 -40.89 -20.85
CA TYR F 137 -11.05 -41.59 -22.04
C TYR F 137 -12.14 -42.38 -22.74
N HIS F 138 -13.23 -42.73 -22.06
CA HIS F 138 -14.20 -43.65 -22.63
C HIS F 138 -15.64 -43.17 -22.60
N ARG F 139 -15.96 -42.11 -21.84
CA ARG F 139 -17.33 -41.65 -21.72
C ARG F 139 -17.57 -40.35 -22.48
N SER F 140 -16.72 -40.04 -23.46
CA SER F 140 -16.88 -38.88 -24.34
C SER F 140 -16.97 -37.58 -23.55
N PRO F 141 -15.88 -37.13 -22.94
CA PRO F 141 -15.92 -35.86 -22.21
C PRO F 141 -16.13 -34.68 -23.14
N PHE F 142 -16.76 -33.65 -22.60
CA PHE F 142 -16.93 -32.40 -23.35
C PHE F 142 -15.67 -31.56 -23.23
N ARG F 143 -15.28 -30.95 -24.33
CA ARG F 143 -14.14 -30.05 -24.29
C ARG F 143 -14.53 -28.74 -23.62
N GLY F 144 -13.60 -28.20 -22.84
CA GLY F 144 -13.81 -26.89 -22.25
C GLY F 144 -13.54 -25.81 -23.27
N ASP F 145 -14.47 -25.65 -24.22
CA ASP F 145 -14.27 -24.78 -25.37
C ASP F 145 -15.17 -23.55 -25.35
N ASN F 146 -15.50 -23.07 -24.17
CA ASN F 146 -16.40 -21.93 -24.00
C ASN F 146 -17.74 -22.17 -24.69
N GLY F 147 -18.23 -23.40 -24.62
CA GLY F 147 -19.48 -23.76 -25.24
C GLY F 147 -20.37 -24.51 -24.27
N TRP F 148 -21.67 -24.33 -24.47
CA TRP F 148 -22.68 -25.04 -23.68
C TRP F 148 -22.95 -26.40 -24.31
N HIS F 149 -22.91 -27.43 -23.48
CA HIS F 149 -23.18 -28.80 -23.93
C HIS F 149 -24.26 -29.41 -23.07
N SER F 150 -25.19 -30.12 -23.70
CA SER F 150 -26.27 -30.80 -23.02
C SER F 150 -26.21 -32.29 -23.32
N ARG F 151 -26.48 -33.11 -22.31
CA ARG F 151 -26.47 -34.54 -22.50
C ARG F 151 -27.40 -35.18 -21.49
N GLY F 152 -28.24 -36.10 -21.96
CA GLY F 152 -29.10 -36.83 -21.05
C GLY F 152 -28.29 -37.79 -20.20
N LEU F 153 -28.36 -37.60 -18.89
CA LEU F 153 -27.64 -38.45 -17.95
C LEU F 153 -28.35 -39.77 -17.70
N GLY F 154 -29.63 -39.86 -18.03
CA GLY F 154 -30.40 -41.06 -17.72
C GLY F 154 -30.94 -40.99 -16.31
N TYR F 155 -31.67 -42.04 -15.94
CA TYR F 155 -32.35 -42.11 -14.64
C TYR F 155 -33.25 -40.90 -14.44
N GLY F 156 -33.89 -40.46 -15.52
CA GLY F 156 -34.73 -39.28 -15.47
C GLY F 156 -33.96 -38.01 -15.18
N LEU F 157 -32.71 -37.94 -15.63
CA LEU F 157 -31.86 -36.79 -15.37
C LEU F 157 -31.14 -36.37 -16.65
N LYS F 158 -30.99 -35.05 -16.80
CA LYS F 158 -30.24 -34.47 -17.90
C LYS F 158 -29.31 -33.41 -17.33
N SER F 159 -28.25 -33.12 -18.07
CA SER F 159 -27.25 -32.16 -17.63
C SER F 159 -26.98 -31.14 -18.73
N ARG F 160 -26.74 -29.90 -18.32
CA ARG F 160 -26.38 -28.81 -19.24
C ARG F 160 -25.21 -28.07 -18.62
N GLY F 161 -24.05 -28.12 -19.27
CA GLY F 161 -22.83 -27.61 -18.68
C GLY F 161 -22.07 -26.69 -19.59
N PHE F 162 -21.12 -25.98 -18.99
CA PHE F 162 -20.30 -25.00 -19.67
C PHE F 162 -18.94 -24.97 -18.98
N MET F 163 -17.88 -24.86 -19.79
CA MET F 163 -16.53 -24.74 -19.26
C MET F 163 -15.70 -23.91 -20.22
N ASN F 164 -15.02 -22.89 -19.69
CA ASN F 164 -14.17 -22.06 -20.52
C ASN F 164 -12.85 -22.77 -20.82
N SER F 165 -12.05 -22.16 -21.68
CA SER F 165 -10.83 -22.77 -22.17
C SER F 165 -9.56 -22.23 -21.50
N SER F 166 -9.69 -21.34 -20.52
CA SER F 166 -8.54 -20.73 -19.91
C SER F 166 -8.06 -21.55 -18.72
N GLY F 167 -6.87 -21.20 -18.22
CA GLY F 167 -6.35 -21.85 -17.02
C GLY F 167 -7.10 -21.51 -15.76
N HIS F 168 -7.77 -20.37 -15.73
CA HIS F 168 -8.67 -20.02 -14.62
C HIS F 168 -10.07 -20.53 -14.93
N ALA F 169 -10.18 -21.86 -14.95
CA ALA F 169 -11.36 -22.50 -15.49
C ALA F 169 -12.55 -22.41 -14.54
N ILE F 170 -13.73 -22.19 -15.12
CA ILE F 170 -14.99 -22.25 -14.41
C ILE F 170 -15.86 -23.30 -15.09
N LEU F 171 -16.36 -24.24 -14.31
CA LEU F 171 -17.20 -25.33 -14.81
C LEU F 171 -18.56 -25.18 -14.15
N GLU F 172 -19.55 -24.75 -14.93
CA GLU F 172 -20.90 -24.56 -14.42
C GLU F 172 -21.81 -25.61 -15.05
N ILE F 173 -22.43 -26.42 -14.20
CA ILE F 173 -23.29 -27.52 -14.65
C ILE F 173 -24.64 -27.37 -13.98
N HIS F 174 -25.71 -27.67 -14.72
CA HIS F 174 -27.06 -27.75 -14.17
C HIS F 174 -27.55 -29.17 -14.41
N VAL F 175 -27.76 -29.91 -13.34
CA VAL F 175 -28.30 -31.27 -13.42
C VAL F 175 -29.77 -31.19 -13.04
N THR F 176 -30.64 -31.36 -14.02
CA THR F 176 -32.07 -31.17 -13.86
C THR F 176 -32.81 -32.46 -14.19
N LYS F 177 -34.07 -32.49 -13.77
CA LYS F 177 -34.93 -33.61 -14.13
C LYS F 177 -35.12 -33.65 -15.65
N ALA F 178 -34.97 -34.84 -16.22
CA ALA F 178 -35.13 -34.99 -17.66
C ALA F 178 -36.59 -34.91 -18.06
N ALA G 1 45.78 -14.85 -3.41
CA ALA G 1 46.02 -14.66 -4.84
C ALA G 1 44.80 -15.07 -5.66
N ASP G 2 45.06 -15.70 -6.81
CA ASP G 2 43.95 -16.15 -7.66
C ASP G 2 43.13 -17.23 -6.98
N VAL G 3 43.79 -18.13 -6.26
CA VAL G 3 43.08 -19.20 -5.56
C VAL G 3 42.16 -18.62 -4.49
N ALA G 4 42.67 -17.66 -3.71
CA ALA G 4 41.85 -17.05 -2.66
C ALA G 4 40.66 -16.31 -3.25
N GLY G 5 40.87 -15.60 -4.36
CA GLY G 5 39.76 -14.92 -5.01
C GLY G 5 38.72 -15.89 -5.52
N ALA G 6 39.15 -17.00 -6.10
CA ALA G 6 38.22 -18.03 -6.55
C ALA G 6 37.45 -18.62 -5.38
N VAL G 7 38.15 -18.87 -4.26
CA VAL G 7 37.49 -19.43 -3.09
C VAL G 7 36.44 -18.46 -2.55
N ILE G 8 36.77 -17.17 -2.51
CA ILE G 8 35.83 -16.17 -2.02
C ILE G 8 34.63 -16.06 -2.95
N ASP G 9 34.85 -16.10 -4.27
CA ASP G 9 33.75 -16.05 -5.21
C ASP G 9 32.84 -17.28 -5.06
N GLY G 10 33.44 -18.45 -4.91
CA GLY G 10 32.64 -19.64 -4.68
C GLY G 10 31.87 -19.58 -3.39
N ALA G 11 32.49 -19.03 -2.34
CA ALA G 11 31.79 -18.87 -1.07
C ALA G 11 30.62 -17.90 -1.20
N GLY G 12 30.79 -16.83 -1.96
CA GLY G 12 29.68 -15.92 -2.20
C GLY G 12 28.55 -16.56 -2.98
N LEU G 13 28.90 -17.35 -4.00
CA LEU G 13 27.87 -18.07 -4.73
C LEU G 13 27.14 -19.06 -3.83
N GLY G 14 27.88 -19.79 -3.00
CA GLY G 14 27.25 -20.70 -2.06
C GLY G 14 26.38 -19.97 -1.06
N PHE G 15 26.80 -18.78 -0.63
CA PHE G 15 25.98 -17.97 0.26
C PHE G 15 24.67 -17.56 -0.41
N ASP G 16 24.73 -17.13 -1.67
CA ASP G 16 23.52 -16.76 -2.38
C ASP G 16 22.59 -17.96 -2.54
N VAL G 17 23.16 -19.12 -2.90
CA VAL G 17 22.37 -20.33 -3.03
C VAL G 17 21.72 -20.69 -1.70
N LEU G 18 22.49 -20.61 -0.61
CA LEU G 18 21.96 -20.94 0.70
C LEU G 18 20.86 -19.98 1.11
N LYS G 19 21.02 -18.69 0.83
CA LYS G 19 19.97 -17.73 1.13
C LYS G 19 18.70 -18.06 0.38
N THR G 20 18.82 -18.36 -0.92
CA THR G 20 17.65 -18.71 -1.71
C THR G 20 16.98 -19.98 -1.18
N VAL G 21 17.78 -20.99 -0.85
CA VAL G 21 17.24 -22.25 -0.35
C VAL G 21 16.52 -22.03 0.98
N LEU G 22 17.14 -21.27 1.89
CA LEU G 22 16.52 -21.03 3.19
C LEU G 22 15.24 -20.23 3.05
N GLU G 23 15.22 -19.24 2.15
CA GLU G 23 13.98 -18.48 1.93
C GLU G 23 12.89 -19.38 1.38
N ALA G 24 13.23 -20.26 0.44
CA ALA G 24 12.24 -21.18 -0.11
C ALA G 24 11.72 -22.12 0.97
N LEU G 25 12.62 -22.64 1.80
CA LEU G 25 12.20 -23.56 2.86
C LEU G 25 11.30 -22.86 3.87
N GLY G 26 11.63 -21.61 4.22
CA GLY G 26 10.81 -20.86 5.14
C GLY G 26 9.49 -20.40 4.57
N ASN G 27 9.39 -20.29 3.25
CA ASN G 27 8.14 -19.89 2.62
C ASN G 27 7.14 -21.03 2.49
N VAL G 28 7.55 -22.26 2.79
CA VAL G 28 6.63 -23.40 2.73
C VAL G 28 5.67 -23.31 3.91
N LYS G 29 4.37 -23.40 3.62
CA LYS G 29 3.33 -23.29 4.63
C LYS G 29 2.66 -24.64 4.81
N ARG G 30 2.60 -25.11 6.05
CA ARG G 30 1.88 -26.33 6.42
C ARG G 30 1.05 -25.99 7.65
N LYS G 31 -0.24 -25.74 7.46
CA LYS G 31 -1.11 -25.41 8.57
C LYS G 31 -2.36 -26.28 8.50
N ILE G 32 -2.97 -26.47 9.67
CA ILE G 32 -4.15 -27.30 9.82
C ILE G 32 -5.19 -26.51 10.60
N ALA G 33 -6.42 -26.53 10.11
CA ALA G 33 -7.56 -25.92 10.80
C ALA G 33 -8.55 -27.01 11.14
N VAL G 34 -8.73 -27.27 12.43
CA VAL G 34 -9.59 -28.34 12.92
C VAL G 34 -10.89 -27.75 13.40
N GLY G 35 -12.00 -28.28 12.89
CA GLY G 35 -13.32 -27.93 13.36
C GLY G 35 -14.13 -29.16 13.69
N ILE G 36 -14.49 -29.33 14.96
CA ILE G 36 -15.17 -30.53 15.43
C ILE G 36 -16.51 -30.15 16.02
N ASP G 37 -17.58 -30.66 15.42
CA ASP G 37 -18.93 -30.42 15.93
C ASP G 37 -19.29 -31.49 16.94
N ASN G 38 -19.83 -31.06 18.08
CA ASN G 38 -20.17 -31.93 19.18
C ASN G 38 -21.69 -32.09 19.23
N GLU G 39 -22.19 -33.19 18.67
CA GLU G 39 -23.57 -33.60 18.82
C GLU G 39 -23.61 -34.94 19.56
N SER G 40 -22.74 -35.08 20.56
CA SER G 40 -22.62 -36.31 21.32
C SER G 40 -23.50 -36.34 22.55
N GLY G 41 -24.14 -35.22 22.90
CA GLY G 41 -24.96 -35.16 24.09
C GLY G 41 -24.20 -34.95 25.38
N LYS G 42 -22.88 -34.77 25.33
CA LYS G 42 -22.09 -34.57 26.52
C LYS G 42 -21.09 -33.44 26.28
N THR G 43 -20.71 -32.77 27.37
CA THR G 43 -19.77 -31.67 27.29
C THR G 43 -18.34 -32.20 27.19
N TRP G 44 -17.53 -31.49 26.41
CA TRP G 44 -16.13 -31.85 26.21
C TRP G 44 -15.25 -30.87 26.97
N THR G 45 -14.30 -31.39 27.73
CA THR G 45 -13.30 -30.58 28.43
C THR G 45 -11.95 -30.85 27.81
N ALA G 46 -11.25 -29.78 27.43
CA ALA G 46 -9.96 -29.93 26.78
C ALA G 46 -8.95 -30.55 27.74
N MET G 47 -8.24 -31.56 27.26
CA MET G 47 -7.11 -32.11 28.01
C MET G 47 -5.80 -31.56 27.49
N ASN G 48 -5.48 -31.81 26.22
CA ASN G 48 -4.21 -31.30 25.68
C ASN G 48 -4.09 -31.64 24.21
N THR G 49 -3.23 -30.91 23.53
CA THR G 49 -2.85 -31.20 22.14
C THR G 49 -1.37 -31.53 22.12
N TYR G 50 -1.04 -32.78 21.82
CA TYR G 50 0.35 -33.20 21.67
C TYR G 50 0.76 -33.00 20.22
N PHE G 51 1.76 -32.14 20.01
CA PHE G 51 2.28 -31.86 18.67
C PHE G 51 3.51 -32.71 18.43
N ARG G 52 3.34 -33.78 17.65
CA ARG G 52 4.50 -34.51 17.16
C ARG G 52 5.37 -33.63 16.28
N SER G 53 4.73 -32.82 15.44
CA SER G 53 5.41 -31.81 14.65
C SER G 53 4.59 -30.53 14.69
N GLY G 54 5.27 -29.41 14.53
CA GLY G 54 4.58 -28.13 14.48
C GLY G 54 4.16 -27.65 15.86
N THR G 55 3.31 -26.64 15.86
CA THR G 55 2.84 -26.00 17.09
C THR G 55 1.55 -25.25 16.79
N SER G 56 1.02 -24.60 17.82
CA SER G 56 -0.18 -23.79 17.70
C SER G 56 0.03 -22.46 18.37
N ASP G 57 -0.62 -21.42 17.84
CA ASP G 57 -0.49 -20.06 18.35
C ASP G 57 -1.70 -19.63 19.16
N ILE G 58 -2.67 -20.52 19.40
CA ILE G 58 -3.89 -20.16 20.09
C ILE G 58 -4.12 -21.13 21.24
N VAL G 59 -5.06 -20.76 22.10
CA VAL G 59 -5.43 -21.58 23.24
C VAL G 59 -6.40 -22.65 22.80
N LEU G 60 -6.18 -23.88 23.26
CA LEU G 60 -7.13 -24.95 23.01
C LEU G 60 -8.39 -24.68 23.81
N PRO G 61 -9.56 -24.55 23.17
CA PRO G 61 -10.77 -24.18 23.91
C PRO G 61 -11.08 -25.16 25.02
N HIS G 62 -11.22 -24.62 26.23
CA HIS G 62 -11.33 -25.48 27.41
C HIS G 62 -12.61 -26.30 27.40
N LYS G 63 -13.73 -25.69 27.02
CA LYS G 63 -15.02 -26.36 27.05
C LYS G 63 -15.68 -26.29 25.68
N VAL G 64 -16.26 -27.42 25.27
CA VAL G 64 -17.04 -27.51 24.05
C VAL G 64 -18.35 -28.19 24.43
N ALA G 65 -19.40 -27.40 24.67
CA ALA G 65 -20.68 -27.96 25.06
C ALA G 65 -21.33 -28.67 23.88
N HIS G 66 -22.32 -29.51 24.21
CA HIS G 66 -23.09 -30.20 23.18
C HIS G 66 -23.78 -29.19 22.28
N GLY G 67 -23.69 -29.42 20.97
CA GLY G 67 -24.24 -28.49 20.01
C GLY G 67 -23.32 -27.36 19.63
N LYS G 68 -22.14 -27.28 20.21
CA LYS G 68 -21.15 -26.27 19.87
C LYS G 68 -20.04 -26.89 19.03
N ALA G 69 -19.11 -26.04 18.58
CA ALA G 69 -18.03 -26.48 17.70
C ALA G 69 -16.69 -26.09 18.31
N LEU G 70 -15.79 -27.05 18.36
CA LEU G 70 -14.39 -26.80 18.70
C LEU G 70 -13.68 -26.26 17.47
N LEU G 71 -13.09 -25.08 17.60
CA LEU G 71 -12.28 -24.48 16.55
C LEU G 71 -10.84 -24.40 17.03
N TYR G 72 -9.92 -24.93 16.22
CA TYR G 72 -8.53 -24.98 16.60
C TYR G 72 -7.69 -24.88 15.34
N ASN G 73 -6.44 -24.48 15.49
CA ASN G 73 -5.56 -24.46 14.33
C ASN G 73 -4.11 -24.53 14.79
N GLY G 74 -3.27 -25.02 13.89
CA GLY G 74 -1.85 -25.10 14.14
C GLY G 74 -1.11 -24.97 12.83
N GLN G 75 0.21 -24.89 12.93
CA GLN G 75 1.05 -24.78 11.74
C GLN G 75 2.43 -25.32 12.07
N LYS G 76 3.23 -25.46 11.01
CA LYS G 76 4.59 -25.95 11.18
C LYS G 76 5.45 -24.89 11.88
N ASN G 77 6.55 -25.36 12.46
CA ASN G 77 7.45 -24.48 13.20
C ASN G 77 7.98 -23.38 12.31
N ARG G 78 8.04 -22.16 12.83
CA ARG G 78 8.56 -21.04 12.07
C ARG G 78 10.03 -21.27 11.72
N GLY G 79 10.41 -20.81 10.54
CA GLY G 79 11.77 -20.95 10.07
C GLY G 79 11.91 -22.03 9.02
N PRO G 80 13.09 -22.12 8.42
CA PRO G 80 13.32 -23.10 7.33
C PRO G 80 13.57 -24.50 7.86
N VAL G 81 12.54 -25.11 8.42
CA VAL G 81 12.61 -26.47 8.95
C VAL G 81 11.70 -27.35 8.12
N ALA G 82 12.20 -28.53 7.76
CA ALA G 82 11.47 -29.44 6.89
C ALA G 82 10.58 -30.37 7.71
N THR G 83 9.69 -29.76 8.48
CA THR G 83 8.73 -30.49 9.29
C THR G 83 7.34 -29.91 9.08
N GLY G 84 6.34 -30.79 9.14
CA GLY G 84 4.95 -30.40 9.01
C GLY G 84 4.31 -30.13 10.35
N VAL G 85 3.00 -30.32 10.41
CA VAL G 85 2.25 -30.19 11.66
C VAL G 85 1.49 -31.49 11.88
N VAL G 86 1.94 -32.27 12.86
CA VAL G 86 1.35 -33.56 13.18
C VAL G 86 1.06 -33.59 14.66
N GLY G 87 -0.17 -33.96 15.02
CA GLY G 87 -0.52 -33.92 16.43
C GLY G 87 -1.79 -34.67 16.71
N VAL G 88 -2.10 -34.75 18.00
CA VAL G 88 -3.31 -35.40 18.51
C VAL G 88 -3.94 -34.47 19.53
N ILE G 89 -5.23 -34.21 19.35
CA ILE G 89 -6.03 -33.43 20.30
C ILE G 89 -6.80 -34.39 21.17
N ALA G 90 -6.68 -34.23 22.48
CA ALA G 90 -7.37 -35.08 23.46
C ALA G 90 -8.28 -34.20 24.28
N TYR G 91 -9.58 -34.52 24.25
CA TYR G 91 -10.62 -33.83 25.01
C TYR G 91 -11.25 -34.82 25.96
N SER G 92 -11.55 -34.37 27.17
CA SER G 92 -12.25 -35.21 28.13
C SER G 92 -13.75 -35.07 27.92
N MET G 93 -14.45 -36.20 27.92
CA MET G 93 -15.90 -36.20 27.73
C MET G 93 -16.59 -36.39 29.08
N SER G 94 -17.86 -35.96 29.12
CA SER G 94 -18.60 -35.99 30.38
C SER G 94 -18.79 -37.40 30.91
N ASP G 95 -18.88 -38.39 30.01
CA ASP G 95 -19.07 -39.77 30.44
C ASP G 95 -17.83 -40.36 31.10
N GLY G 96 -16.70 -39.66 31.05
CA GLY G 96 -15.46 -40.17 31.60
C GLY G 96 -14.49 -40.74 30.60
N ASN G 97 -14.78 -40.62 29.30
CA ASN G 97 -13.90 -41.12 28.25
C ASN G 97 -13.21 -39.96 27.56
N THR G 98 -12.27 -40.30 26.69
CA THR G 98 -11.44 -39.32 26.01
C THR G 98 -11.68 -39.39 24.51
N LEU G 99 -11.89 -38.23 23.90
CA LEU G 99 -11.97 -38.13 22.45
C LEU G 99 -10.62 -37.69 21.91
N ALA G 100 -10.02 -38.52 21.07
CA ALA G 100 -8.72 -38.25 20.49
C ALA G 100 -8.86 -38.07 18.98
N VAL G 101 -8.31 -36.97 18.48
CA VAL G 101 -8.35 -36.64 17.05
C VAL G 101 -6.93 -36.46 16.57
N LEU G 102 -6.50 -37.32 15.66
CA LEU G 102 -5.16 -37.24 15.08
C LEU G 102 -5.24 -36.47 13.77
N PHE G 103 -4.34 -35.51 13.61
CA PHE G 103 -4.16 -34.80 12.36
C PHE G 103 -2.69 -34.88 11.96
N SER G 104 -2.44 -34.90 10.66
CA SER G 104 -1.07 -35.03 10.16
C SER G 104 -0.99 -34.34 8.80
N VAL G 105 -0.32 -33.19 8.78
CA VAL G 105 -0.04 -32.47 7.54
C VAL G 105 1.47 -32.48 7.35
N PRO G 106 2.00 -33.40 6.57
CA PRO G 106 3.46 -33.56 6.48
C PRO G 106 4.11 -32.44 5.67
N TYR G 107 5.41 -32.32 5.85
CA TYR G 107 6.18 -31.36 5.06
C TYR G 107 6.50 -31.92 3.68
N ASP G 108 7.09 -33.12 3.63
CA ASP G 108 7.47 -33.76 2.38
C ASP G 108 6.29 -34.58 1.87
N TYR G 109 5.65 -34.11 0.81
CA TYR G 109 4.54 -34.82 0.21
C TYR G 109 4.99 -35.88 -0.79
N ASN G 110 6.29 -36.00 -1.04
CA ASN G 110 6.78 -37.07 -1.90
C ASN G 110 6.65 -38.41 -1.22
N TRP G 111 6.81 -38.47 0.10
CA TRP G 111 6.74 -39.72 0.85
C TRP G 111 5.51 -39.83 1.72
N TYR G 112 4.90 -38.72 2.12
CA TYR G 112 3.82 -38.73 3.09
C TYR G 112 2.59 -38.05 2.52
N SER G 113 1.46 -38.25 3.19
CA SER G 113 0.20 -37.65 2.80
C SER G 113 -0.47 -37.09 4.04
N ASN G 114 -1.53 -36.30 3.83
CA ASN G 114 -2.36 -35.87 4.94
C ASN G 114 -3.09 -37.06 5.53
N TRP G 115 -3.11 -37.14 6.86
CA TRP G 115 -3.83 -38.20 7.54
C TRP G 115 -4.64 -37.62 8.69
N TRP G 116 -5.72 -38.31 9.03
CA TRP G 116 -6.50 -37.94 10.20
C TRP G 116 -7.19 -39.18 10.74
N ASN G 117 -7.55 -39.11 12.01
CA ASN G 117 -8.20 -40.22 12.67
C ASN G 117 -9.00 -39.69 13.85
N VAL G 118 -10.03 -40.43 14.24
CA VAL G 118 -10.82 -40.12 15.42
C VAL G 118 -11.04 -41.40 16.20
N ARG G 119 -10.87 -41.34 17.52
CA ARG G 119 -11.04 -42.51 18.34
C ARG G 119 -11.51 -42.08 19.72
N VAL G 120 -12.15 -42.98 20.43
CA VAL G 120 -12.58 -42.76 21.81
C VAL G 120 -11.86 -43.76 22.68
N TYR G 121 -11.15 -43.26 23.69
CA TYR G 121 -10.44 -44.07 24.65
C TYR G 121 -11.22 -44.14 25.95
N LYS G 122 -11.23 -45.31 26.57
CA LYS G 122 -11.83 -45.44 27.89
C LYS G 122 -10.98 -44.72 28.92
N GLY G 123 -11.63 -44.00 29.83
CA GLY G 123 -10.92 -43.24 30.82
C GLY G 123 -10.43 -41.91 30.29
N GLN G 124 -9.73 -41.18 31.16
CA GLN G 124 -9.16 -39.89 30.81
C GLN G 124 -7.68 -40.08 30.48
N LYS G 125 -7.33 -39.91 29.22
CA LYS G 125 -5.97 -40.08 28.74
C LYS G 125 -5.52 -38.82 28.02
N ARG G 126 -4.32 -38.36 28.34
CA ARG G 126 -3.75 -37.19 27.68
C ARG G 126 -3.04 -37.61 26.40
N ALA G 127 -3.15 -36.76 25.39
CA ALA G 127 -2.47 -37.02 24.13
C ALA G 127 -0.97 -36.99 24.32
N ASP G 128 -0.28 -37.97 23.76
CA ASP G 128 1.16 -38.07 23.88
C ASP G 128 1.69 -38.82 22.65
N GLN G 129 2.97 -39.18 22.70
CA GLN G 129 3.59 -39.86 21.57
C GLN G 129 2.97 -41.23 21.34
N ARG G 130 2.68 -41.96 22.42
CA ARG G 130 2.10 -43.29 22.27
C ARG G 130 0.71 -43.22 21.65
N MET G 131 -0.11 -42.26 22.08
CA MET G 131 -1.44 -42.10 21.49
C MET G 131 -1.33 -41.73 20.02
N TYR G 132 -0.39 -40.86 19.68
CA TYR G 132 -0.20 -40.50 18.27
C TYR G 132 0.21 -41.71 17.45
N GLU G 133 1.13 -42.53 17.97
CA GLU G 133 1.55 -43.71 17.24
C GLU G 133 0.39 -44.69 17.07
N GLU G 134 -0.43 -44.85 18.11
CA GLU G 134 -1.60 -45.72 18.01
C GLU G 134 -2.54 -45.22 16.93
N LEU G 135 -2.84 -43.92 16.92
CA LEU G 135 -3.80 -43.39 15.96
C LEU G 135 -3.25 -43.34 14.55
N TYR G 136 -1.94 -43.25 14.39
CA TYR G 136 -1.34 -43.09 13.06
C TYR G 136 -0.91 -44.41 12.43
N TYR G 137 -0.58 -45.42 13.23
CA TYR G 137 -0.02 -46.65 12.70
C TYR G 137 -0.88 -47.89 12.94
N HIS G 138 -1.79 -47.87 13.90
CA HIS G 138 -2.49 -49.08 14.29
C HIS G 138 -4.01 -48.96 14.33
N ARG G 139 -4.56 -47.74 14.29
CA ARG G 139 -6.01 -47.58 14.39
C ARG G 139 -6.64 -47.20 13.05
N SER G 140 -5.96 -47.48 11.94
CA SER G 140 -6.49 -47.27 10.60
C SER G 140 -6.90 -45.82 10.38
N PRO G 141 -5.95 -44.89 10.29
CA PRO G 141 -6.32 -43.50 10.04
C PRO G 141 -6.88 -43.32 8.64
N PHE G 142 -7.75 -42.32 8.51
CA PHE G 142 -8.30 -41.96 7.22
C PHE G 142 -7.33 -41.05 6.48
N ARG G 143 -7.18 -41.28 5.19
CA ARG G 143 -6.34 -40.42 4.39
C ARG G 143 -7.04 -39.09 4.13
N GLY G 144 -6.27 -38.01 4.16
CA GLY G 144 -6.80 -36.71 3.81
C GLY G 144 -6.90 -36.58 2.31
N ASP G 145 -7.88 -37.25 1.72
CA ASP G 145 -8.00 -37.38 0.27
C ASP G 145 -9.20 -36.66 -0.29
N ASN G 146 -9.60 -35.55 0.35
CA ASN G 146 -10.78 -34.78 -0.05
C ASN G 146 -12.03 -35.66 -0.10
N GLY G 147 -12.14 -36.57 0.85
CA GLY G 147 -13.27 -37.48 0.90
C GLY G 147 -13.86 -37.51 2.28
N TRP G 148 -15.17 -37.75 2.32
CA TRP G 148 -15.90 -37.90 3.58
C TRP G 148 -15.81 -39.34 4.04
N HIS G 149 -15.44 -39.53 5.30
CA HIS G 149 -15.34 -40.85 5.90
C HIS G 149 -16.16 -40.91 7.18
N SER G 150 -16.87 -42.00 7.36
CA SER G 150 -17.69 -42.22 8.54
C SER G 150 -17.23 -43.48 9.25
N ARG G 151 -17.20 -43.44 10.58
CA ARG G 151 -16.80 -44.60 11.36
C ARG G 151 -17.46 -44.53 12.71
N GLY G 152 -18.03 -45.66 13.14
CA GLY G 152 -18.61 -45.72 14.47
C GLY G 152 -17.52 -45.70 15.52
N LEU G 153 -17.57 -44.68 16.39
CA LEU G 153 -16.60 -44.56 17.46
C LEU G 153 -16.89 -45.46 18.65
N GLY G 154 -18.12 -45.96 18.75
CA GLY G 154 -18.49 -46.74 19.91
C GLY G 154 -18.96 -45.84 21.03
N TYR G 155 -19.34 -46.47 22.14
CA TYR G 155 -19.92 -45.76 23.29
C TYR G 155 -21.11 -44.92 22.87
N GLY G 156 -21.90 -45.45 21.95
CA GLY G 156 -23.04 -44.70 21.41
C GLY G 156 -22.63 -43.47 20.65
N LEU G 157 -21.48 -43.50 19.99
CA LEU G 157 -20.97 -42.36 19.25
C LEU G 157 -20.47 -42.78 17.89
N LYS G 158 -20.71 -41.92 16.90
CA LYS G 158 -20.20 -42.11 15.56
C LYS G 158 -19.58 -40.80 15.09
N SER G 159 -18.69 -40.90 14.11
CA SER G 159 -17.97 -39.74 13.60
C SER G 159 -18.05 -39.70 12.08
N ARG G 160 -18.17 -38.49 11.54
CA ARG G 160 -18.16 -38.27 10.09
C ARG G 160 -17.21 -37.12 9.83
N GLY G 161 -16.12 -37.38 9.10
CA GLY G 161 -15.07 -36.40 8.96
C GLY G 161 -14.65 -36.22 7.50
N PHE G 162 -13.91 -35.15 7.29
CA PHE G 162 -13.42 -34.76 5.98
C PHE G 162 -12.09 -34.03 6.15
N MET G 163 -11.15 -34.31 5.26
CA MET G 163 -9.87 -33.63 5.27
C MET G 163 -9.35 -33.54 3.85
N ASN G 164 -8.96 -32.34 3.42
CA ASN G 164 -8.42 -32.14 2.10
C ASN G 164 -6.97 -32.61 2.03
N SER G 165 -6.42 -32.62 0.83
CA SER G 165 -5.10 -33.18 0.58
C SER G 165 -4.01 -32.12 0.45
N SER G 166 -4.33 -30.85 0.63
CA SER G 166 -3.37 -29.79 0.43
C SER G 166 -2.61 -29.49 1.73
N GLY G 167 -1.55 -28.70 1.60
CA GLY G 167 -0.81 -28.27 2.77
C GLY G 167 -1.56 -27.31 3.66
N HIS G 168 -2.52 -26.58 3.11
CA HIS G 168 -3.42 -25.74 3.90
C HIS G 168 -4.63 -26.56 4.33
N ALA G 169 -4.37 -27.55 5.18
CA ALA G 169 -5.35 -28.58 5.46
C ALA G 169 -6.47 -28.09 6.36
N ILE G 170 -7.68 -28.52 6.07
CA ILE G 170 -8.84 -28.31 6.91
C ILE G 170 -9.41 -29.67 7.27
N LEU G 171 -9.59 -29.91 8.56
CA LEU G 171 -10.12 -31.17 9.07
C LEU G 171 -11.43 -30.87 9.78
N GLU G 172 -12.54 -31.26 9.16
CA GLU G 172 -13.86 -31.01 9.71
C GLU G 172 -14.47 -32.34 10.13
N ILE G 173 -14.79 -32.48 11.40
CA ILE G 173 -15.33 -33.71 11.96
C ILE G 173 -16.63 -33.39 12.67
N HIS G 174 -17.61 -34.28 12.55
CA HIS G 174 -18.85 -34.21 13.30
C HIS G 174 -18.94 -35.48 14.14
N VAL G 175 -18.88 -35.33 15.45
CA VAL G 175 -19.01 -36.45 16.37
C VAL G 175 -20.42 -36.39 16.94
N THR G 176 -21.26 -37.33 16.52
CA THR G 176 -22.68 -37.33 16.85
C THR G 176 -23.04 -38.61 17.58
N LYS G 177 -24.22 -38.58 18.20
CA LYS G 177 -24.76 -39.77 18.84
C LYS G 177 -25.00 -40.86 17.80
N ALA G 178 -24.55 -42.07 18.09
CA ALA G 178 -24.72 -43.18 17.16
C ALA G 178 -26.17 -43.64 17.15
N ALA H 1 47.86 -4.94 -3.40
CA ALA H 1 47.98 -5.73 -4.63
C ALA H 1 46.88 -6.78 -4.70
N ASP H 2 47.24 -7.96 -5.21
CA ASP H 2 46.27 -9.06 -5.30
C ASP H 2 45.83 -9.50 -3.92
N VAL H 3 46.75 -9.57 -2.96
CA VAL H 3 46.40 -9.99 -1.60
C VAL H 3 45.41 -9.01 -0.98
N ALA H 4 45.67 -7.70 -1.13
CA ALA H 4 44.77 -6.71 -0.55
C ALA H 4 43.38 -6.79 -1.20
N GLY H 5 43.33 -6.98 -2.51
CA GLY H 5 42.04 -7.12 -3.17
C GLY H 5 41.28 -8.35 -2.69
N ALA H 6 41.99 -9.47 -2.52
CA ALA H 6 41.36 -10.67 -1.99
C ALA H 6 40.86 -10.44 -0.56
N VAL H 7 41.65 -9.74 0.26
CA VAL H 7 41.23 -9.46 1.62
C VAL H 7 39.98 -8.59 1.63
N ILE H 8 39.94 -7.57 0.77
CA ILE H 8 38.78 -6.70 0.72
C ILE H 8 37.55 -7.46 0.23
N ASP H 9 37.71 -8.33 -0.77
CA ASP H 9 36.58 -9.12 -1.24
C ASP H 9 36.07 -10.06 -0.15
N GLY H 10 36.99 -10.70 0.57
CA GLY H 10 36.57 -11.55 1.68
C GLY H 10 35.87 -10.76 2.77
N ALA H 11 36.36 -9.56 3.05
CA ALA H 11 35.71 -8.70 4.04
C ALA H 11 34.31 -8.30 3.60
N GLY H 12 34.14 -8.02 2.31
CA GLY H 12 32.81 -7.72 1.81
C GLY H 12 31.87 -8.90 1.90
N LEU H 13 32.36 -10.09 1.57
CA LEU H 13 31.55 -11.30 1.72
C LEU H 13 31.17 -11.52 3.18
N GLY H 14 32.13 -11.34 4.09
CA GLY H 14 31.82 -11.48 5.50
C GLY H 14 30.84 -10.43 5.97
N PHE H 15 30.93 -9.22 5.43
CA PHE H 15 29.96 -8.18 5.76
C PHE H 15 28.56 -8.56 5.30
N ASP H 16 28.44 -9.09 4.09
CA ASP H 16 27.13 -9.52 3.60
C ASP H 16 26.57 -10.65 4.46
N VAL H 17 27.43 -11.62 4.80
CA VAL H 17 26.99 -12.72 5.65
C VAL H 17 26.55 -12.20 7.01
N LEU H 18 27.31 -11.27 7.58
CA LEU H 18 26.97 -10.72 8.89
C LEU H 18 25.66 -9.94 8.83
N LYS H 19 25.44 -9.18 7.76
CA LYS H 19 24.18 -8.48 7.61
C LYS H 19 23.01 -9.45 7.55
N THR H 20 23.15 -10.51 6.77
CA THR H 20 22.09 -11.50 6.67
C THR H 20 21.83 -12.16 8.01
N VAL H 21 22.90 -12.53 8.72
CA VAL H 21 22.75 -13.19 10.01
C VAL H 21 22.08 -12.27 11.01
N LEU H 22 22.50 -11.01 11.06
CA LEU H 22 21.90 -10.06 12.00
C LEU H 22 20.44 -9.81 11.68
N GLU H 23 20.10 -9.71 10.39
CA GLU H 23 18.70 -9.53 10.03
C GLU H 23 17.87 -10.74 10.44
N ALA H 24 18.39 -11.95 10.22
CA ALA H 24 17.68 -13.14 10.63
C ALA H 24 17.50 -13.19 12.15
N LEU H 25 18.55 -12.84 12.90
CA LEU H 25 18.46 -12.86 14.35
C LEU H 25 17.45 -11.82 14.86
N GLY H 26 17.43 -10.65 14.23
CA GLY H 26 16.48 -9.63 14.63
C GLY H 26 15.06 -9.91 14.21
N ASN H 27 14.86 -10.74 13.19
CA ASN H 27 13.52 -11.10 12.75
C ASN H 27 12.88 -12.18 13.61
N VAL H 28 13.63 -12.79 14.52
CA VAL H 28 13.07 -13.80 15.41
C VAL H 28 12.18 -13.11 16.44
N LYS H 29 10.95 -13.61 16.58
CA LYS H 29 9.97 -13.04 17.48
C LYS H 29 9.71 -14.00 18.63
N ARG H 30 9.86 -13.51 19.86
CA ARG H 30 9.53 -14.25 21.07
C ARG H 30 8.71 -13.33 21.94
N LYS H 31 7.39 -13.51 21.93
CA LYS H 31 6.51 -12.68 22.74
C LYS H 31 5.56 -13.56 23.53
N ILE H 32 5.08 -13.02 24.64
CA ILE H 32 4.19 -13.72 25.56
C ILE H 32 3.02 -12.82 25.85
N ALA H 33 1.81 -13.37 25.79
CA ALA H 33 0.59 -12.67 26.15
C ALA H 33 -0.04 -13.41 27.33
N VAL H 34 -0.07 -12.74 28.49
CA VAL H 34 -0.56 -13.34 29.72
C VAL H 34 -1.96 -12.82 30.00
N GLY H 35 -2.90 -13.75 30.22
CA GLY H 35 -4.24 -13.40 30.64
C GLY H 35 -4.66 -14.21 31.85
N ILE H 36 -4.88 -13.53 32.97
CA ILE H 36 -5.16 -14.20 34.23
C ILE H 36 -6.54 -13.76 34.73
N ASP H 37 -7.45 -14.71 34.85
CA ASP H 37 -8.78 -14.45 35.37
C ASP H 37 -8.77 -14.60 36.89
N ASN H 38 -9.36 -13.61 37.57
CA ASN H 38 -9.38 -13.55 39.02
C ASN H 38 -10.79 -13.90 39.50
N GLU H 39 -10.99 -15.16 39.90
CA GLU H 39 -12.19 -15.59 40.59
C GLU H 39 -11.82 -16.07 41.99
N SER H 40 -10.89 -15.35 42.62
CA SER H 40 -10.39 -15.69 43.93
C SER H 40 -11.17 -15.03 45.06
N GLY H 41 -12.07 -14.11 44.76
CA GLY H 41 -12.81 -13.41 45.77
C GLY H 41 -12.08 -12.26 46.43
N LYS H 42 -10.87 -11.94 45.97
CA LYS H 42 -10.10 -10.84 46.54
C LYS H 42 -9.48 -10.01 45.42
N THR H 43 -9.25 -8.74 45.72
CA THR H 43 -8.66 -7.83 44.75
C THR H 43 -7.16 -8.04 44.68
N TRP H 44 -6.61 -7.91 43.47
CA TRP H 44 -5.17 -8.05 43.24
C TRP H 44 -4.57 -6.69 42.97
N THR H 45 -3.48 -6.38 43.66
CA THR H 45 -2.71 -5.16 43.44
C THR H 45 -1.37 -5.53 42.84
N ALA H 46 -1.02 -4.90 41.72
CA ALA H 46 0.22 -5.22 41.05
C ALA H 46 1.41 -4.84 41.92
N MET H 47 2.36 -5.76 42.05
CA MET H 47 3.63 -5.44 42.70
C MET H 47 4.71 -5.18 41.66
N ASN H 48 5.03 -6.16 40.82
CA ASN H 48 6.06 -5.93 39.81
C ASN H 48 6.19 -7.15 38.92
N THR H 49 6.78 -6.93 37.74
CA THR H 49 7.16 -8.01 36.84
C THR H 49 8.68 -8.00 36.69
N TYR H 50 9.32 -9.04 37.19
CA TYR H 50 10.76 -9.20 37.03
C TYR H 50 11.03 -9.95 35.74
N PHE H 51 11.73 -9.30 34.81
CA PHE H 51 12.08 -9.91 33.53
C PHE H 51 13.48 -10.48 33.62
N ARG H 52 13.59 -11.79 33.76
CA ARG H 52 14.89 -12.44 33.61
C ARG H 52 15.42 -12.26 32.20
N SER H 53 14.54 -12.34 31.21
CA SER H 53 14.87 -12.03 29.83
C SER H 53 13.73 -11.24 29.23
N GLY H 54 14.05 -10.41 28.23
CA GLY H 54 13.03 -9.65 27.56
C GLY H 54 12.56 -8.45 28.35
N THR H 55 11.46 -7.87 27.90
CA THR H 55 10.90 -6.67 28.51
C THR H 55 9.43 -6.56 28.11
N SER H 56 8.79 -5.49 28.57
CA SER H 56 7.41 -5.21 28.23
C SER H 56 7.27 -3.75 27.83
N ASP H 57 6.33 -3.48 26.92
CA ASP H 57 6.09 -2.14 26.42
C ASP H 57 4.86 -1.49 27.01
N ILE H 58 4.19 -2.14 27.97
CA ILE H 58 2.95 -1.63 28.53
C ILE H 58 3.07 -1.59 30.04
N VAL H 59 2.10 -0.91 30.65
CA VAL H 59 2.04 -0.79 32.11
C VAL H 59 1.39 -2.03 32.68
N LEU H 60 1.97 -2.57 33.74
CA LEU H 60 1.35 -3.67 34.46
C LEU H 60 0.10 -3.17 35.17
N PRO H 61 -1.09 -3.70 34.87
CA PRO H 61 -2.32 -3.15 35.45
C PRO H 61 -2.28 -3.17 36.96
N HIS H 62 -2.50 -1.99 37.56
CA HIS H 62 -2.31 -1.84 38.99
C HIS H 62 -3.31 -2.66 39.79
N LYS H 63 -4.57 -2.67 39.38
CA LYS H 63 -5.62 -3.34 40.11
C LYS H 63 -6.34 -4.34 39.21
N VAL H 64 -6.60 -5.53 39.76
CA VAL H 64 -7.39 -6.55 39.09
C VAL H 64 -8.43 -7.02 40.10
N ALA H 65 -9.64 -6.47 40.01
CA ALA H 65 -10.69 -6.83 40.94
C ALA H 65 -11.18 -8.26 40.68
N HIS H 66 -11.87 -8.80 41.67
CA HIS H 66 -12.46 -10.13 41.52
C HIS H 66 -13.46 -10.13 40.38
N GLY H 67 -13.37 -11.16 39.53
CA GLY H 67 -14.21 -11.24 38.36
C GLY H 67 -13.67 -10.53 37.15
N LYS H 68 -12.52 -9.86 37.26
CA LYS H 68 -11.89 -9.20 36.14
C LYS H 68 -10.69 -10.01 35.67
N ALA H 69 -10.06 -9.55 34.59
CA ALA H 69 -8.94 -10.26 33.98
C ALA H 69 -7.74 -9.34 33.87
N LEU H 70 -6.60 -9.83 34.32
CA LEU H 70 -5.31 -9.18 34.10
C LEU H 70 -4.84 -9.50 32.68
N LEU H 71 -4.60 -8.46 31.89
CA LEU H 71 -4.05 -8.59 30.55
C LEU H 71 -2.68 -7.97 30.53
N TYR H 72 -1.68 -8.73 30.07
CA TYR H 72 -0.31 -8.26 30.07
C TYR H 72 0.40 -8.90 28.88
N ASN H 73 1.50 -8.28 28.45
CA ASN H 73 2.28 -8.90 27.39
C ASN H 73 3.70 -8.39 27.45
N GLY H 74 4.60 -9.19 26.90
CA GLY H 74 6.00 -8.84 26.82
C GLY H 74 6.60 -9.49 25.61
N GLN H 75 7.86 -9.14 25.34
CA GLN H 75 8.56 -9.71 24.19
C GLN H 75 10.05 -9.64 24.46
N LYS H 76 10.81 -10.31 23.60
CA LYS H 76 12.26 -10.30 23.73
C LYS H 76 12.82 -8.93 23.37
N ASN H 77 14.04 -8.68 23.85
CA ASN H 77 14.68 -7.40 23.63
C ASN H 77 14.84 -7.11 22.15
N ARG H 78 14.59 -5.87 21.75
CA ARG H 78 14.73 -5.49 20.36
C ARG H 78 16.18 -5.64 19.91
N GLY H 79 16.36 -6.03 18.66
CA GLY H 79 17.67 -6.21 18.11
C GLY H 79 18.06 -7.66 17.98
N PRO H 80 19.19 -7.93 17.34
CA PRO H 80 19.63 -9.32 17.10
C PRO H 80 20.29 -9.93 18.32
N VAL H 81 19.50 -10.17 19.36
CA VAL H 81 19.98 -10.77 20.60
C VAL H 81 19.31 -12.13 20.76
N ALA H 82 20.10 -13.13 21.12
CA ALA H 82 19.61 -14.51 21.23
C ALA H 82 19.06 -14.77 22.63
N THR H 83 18.07 -13.98 23.00
CA THR H 83 17.40 -14.11 24.29
C THR H 83 15.90 -14.09 24.08
N GLY H 84 15.20 -14.85 24.90
CA GLY H 84 13.75 -14.90 24.87
C GLY H 84 13.12 -13.93 25.83
N VAL H 85 11.92 -14.25 26.30
CA VAL H 85 11.24 -13.45 27.30
C VAL H 85 10.88 -14.36 28.47
N VAL H 86 11.58 -14.18 29.58
CA VAL H 86 11.40 -15.00 30.77
C VAL H 86 11.20 -14.06 31.95
N GLY H 87 10.14 -14.31 32.73
CA GLY H 87 9.87 -13.40 33.81
C GLY H 87 8.87 -13.97 34.80
N VAL H 88 8.67 -13.21 35.87
CA VAL H 88 7.73 -13.54 36.92
C VAL H 88 6.90 -12.30 37.24
N ILE H 89 5.58 -12.45 37.23
CA ILE H 89 4.64 -11.40 37.60
C ILE H 89 4.22 -11.64 39.04
N ALA H 90 4.36 -10.62 39.88
CA ALA H 90 3.99 -10.69 41.28
C ALA H 90 2.91 -9.66 41.54
N TYR H 91 1.75 -10.15 42.02
CA TYR H 91 0.60 -9.33 42.37
C TYR H 91 0.32 -9.50 43.85
N SER H 92 -0.03 -8.41 44.52
CA SER H 92 -0.42 -8.49 45.92
C SER H 92 -1.90 -8.80 46.02
N MET H 93 -2.27 -9.74 46.88
CA MET H 93 -3.66 -10.12 47.08
C MET H 93 -4.20 -9.47 48.35
N SER H 94 -5.53 -9.35 48.39
CA SER H 94 -6.18 -8.65 49.50
C SER H 94 -5.94 -9.35 50.84
N ASP H 95 -5.78 -10.67 50.82
CA ASP H 95 -5.55 -11.41 52.06
C ASP H 95 -4.17 -11.17 52.64
N GLY H 96 -3.28 -10.51 51.91
CA GLY H 96 -1.93 -10.28 52.36
C GLY H 96 -0.89 -11.20 51.76
N ASN H 97 -1.26 -12.04 50.79
CA ASN H 97 -0.34 -12.95 50.14
C ASN H 97 -0.03 -12.45 48.74
N THR H 98 0.92 -13.12 48.10
CA THR H 98 1.42 -12.73 46.78
C THR H 98 1.12 -13.83 45.78
N LEU H 99 0.56 -13.46 44.63
CA LEU H 99 0.38 -14.37 43.52
C LEU H 99 1.53 -14.18 42.54
N ALA H 100 2.30 -15.24 42.31
CA ALA H 100 3.44 -15.21 41.41
C ALA H 100 3.17 -16.12 40.22
N VAL H 101 3.36 -15.57 39.03
CA VAL H 101 3.16 -16.30 37.78
C VAL H 101 4.45 -16.24 36.99
N LEU H 102 5.06 -17.40 36.76
CA LEU H 102 6.28 -17.50 35.99
C LEU H 102 5.93 -17.84 34.55
N PHE H 103 6.51 -17.10 33.61
CA PHE H 103 6.43 -17.40 32.19
C PHE H 103 7.84 -17.47 31.62
N SER H 104 8.02 -18.33 30.63
CA SER H 104 9.34 -18.52 30.03
C SER H 104 9.15 -18.91 28.57
N VAL H 105 9.46 -17.98 27.67
CA VAL H 105 9.47 -18.25 26.24
C VAL H 105 10.92 -18.12 25.76
N PRO H 106 11.65 -19.22 25.64
CA PRO H 106 13.07 -19.14 25.35
C PRO H 106 13.34 -18.76 23.90
N TYR H 107 14.57 -18.33 23.66
CA TYR H 107 15.01 -18.04 22.30
C TYR H 107 15.39 -19.31 21.57
N ASP H 108 16.28 -20.09 22.16
CA ASP H 108 16.76 -21.34 21.56
C ASP H 108 15.84 -22.48 21.96
N TYR H 109 15.04 -22.96 21.03
CA TYR H 109 14.15 -24.08 21.29
C TYR H 109 14.82 -25.43 21.13
N ASN H 110 16.10 -25.45 20.72
CA ASN H 110 16.82 -26.72 20.65
C ASN H 110 17.12 -27.26 22.04
N TRP H 111 17.34 -26.37 23.02
CA TRP H 111 17.67 -26.78 24.37
C TRP H 111 16.57 -26.48 25.38
N TYR H 112 15.70 -25.53 25.10
CA TYR H 112 14.71 -25.06 26.06
C TYR H 112 13.31 -25.18 25.47
N SER H 113 12.32 -25.08 26.36
CA SER H 113 10.92 -25.12 25.98
C SER H 113 10.17 -24.00 26.69
N ASN H 114 8.94 -23.77 26.27
CA ASN H 114 8.07 -22.85 27.00
C ASN H 114 7.73 -23.43 28.36
N TRP H 115 7.80 -22.60 29.39
CA TRP H 115 7.45 -23.03 30.73
C TRP H 115 6.57 -21.98 31.39
N TRP H 116 5.74 -22.44 32.33
CA TRP H 116 4.95 -21.52 33.13
C TRP H 116 4.67 -22.17 34.48
N ASN H 117 4.36 -21.33 35.45
CA ASN H 117 4.09 -21.79 36.80
C ASN H 117 3.23 -20.75 37.51
N VAL H 118 2.48 -21.21 38.50
CA VAL H 118 1.69 -20.32 39.34
C VAL H 118 1.89 -20.77 40.78
N ARG H 119 2.09 -19.80 41.68
CA ARG H 119 2.30 -20.11 43.07
C ARG H 119 1.80 -18.96 43.92
N VAL H 120 1.47 -19.25 45.17
CA VAL H 120 1.07 -18.24 46.13
C VAL H 120 2.09 -18.24 47.26
N TYR H 121 2.67 -17.07 47.53
CA TYR H 121 3.63 -16.89 48.59
C TYR H 121 2.97 -16.19 49.77
N LYS H 122 3.32 -16.62 50.98
CA LYS H 122 2.84 -15.93 52.16
C LYS H 122 3.51 -14.57 52.27
N GLY H 123 2.74 -13.57 52.62
CA GLY H 123 3.25 -12.22 52.72
C GLY H 123 3.32 -11.54 51.36
N GLN H 124 3.82 -10.31 51.39
CA GLN H 124 3.99 -9.51 50.18
C GLN H 124 5.45 -9.61 49.73
N LYS H 125 5.67 -10.28 48.60
CA LYS H 125 7.00 -10.49 48.05
C LYS H 125 7.04 -9.98 46.62
N ARG H 126 8.08 -9.22 46.28
CA ARG H 126 8.26 -8.73 44.93
C ARG H 126 8.99 -9.77 44.09
N ALA H 127 8.59 -9.86 42.83
CA ALA H 127 9.26 -10.79 41.91
C ALA H 127 10.70 -10.36 41.70
N ASP H 128 11.60 -11.33 41.75
CA ASP H 128 13.02 -11.06 41.58
C ASP H 128 13.68 -12.33 41.03
N GLN H 129 15.02 -12.34 41.01
CA GLN H 129 15.73 -13.47 40.46
C GLN H 129 15.51 -14.72 41.31
N ARG H 130 15.50 -14.57 42.64
CA ARG H 130 15.31 -15.73 43.50
C ARG H 130 13.93 -16.35 43.31
N MET H 131 12.89 -15.50 43.21
CA MET H 131 11.54 -16.02 42.97
C MET H 131 11.46 -16.73 41.62
N TYR H 132 12.11 -16.17 40.60
CA TYR H 132 12.12 -16.82 39.30
C TYR H 132 12.80 -18.17 39.36
N GLU H 133 13.95 -18.25 40.06
CA GLU H 133 14.64 -19.52 40.18
C GLU H 133 13.80 -20.54 40.94
N GLU H 134 13.11 -20.09 42.00
CA GLU H 134 12.23 -20.99 42.74
C GLU H 134 11.13 -21.53 41.84
N LEU H 135 10.48 -20.65 41.07
CA LEU H 135 9.37 -21.08 40.25
C LEU H 135 9.80 -21.90 39.05
N TYR H 136 11.03 -21.73 38.57
CA TYR H 136 11.49 -22.39 37.37
C TYR H 136 12.24 -23.68 37.64
N TYR H 137 12.88 -23.81 38.79
CA TYR H 137 13.74 -24.96 39.06
C TYR H 137 13.28 -25.84 40.22
N HIS H 138 12.44 -25.34 41.12
CA HIS H 138 12.13 -26.07 42.33
C HIS H 138 10.65 -26.22 42.63
N ARG H 139 9.77 -25.47 41.96
CA ARG H 139 8.34 -25.54 42.24
C ARG H 139 7.56 -26.27 41.16
N SER H 140 8.23 -27.11 40.37
CA SER H 140 7.61 -27.96 39.36
C SER H 140 6.80 -27.14 38.37
N PRO H 141 7.44 -26.36 37.51
CA PRO H 141 6.69 -25.60 36.51
C PRO H 141 6.02 -26.50 35.50
N PHE H 142 4.90 -26.02 34.96
CA PHE H 142 4.20 -26.73 33.90
C PHE H 142 4.85 -26.41 32.56
N ARG H 143 4.98 -27.42 31.72
CA ARG H 143 5.51 -27.19 30.38
C ARG H 143 4.46 -26.53 29.52
N GLY H 144 4.89 -25.60 28.67
CA GLY H 144 4.00 -24.99 27.71
C GLY H 144 3.79 -25.92 26.54
N ASP H 145 3.00 -26.99 26.75
CA ASP H 145 2.87 -28.07 25.79
C ASP H 145 1.47 -28.13 25.18
N ASN H 146 0.81 -26.98 25.05
CA ASN H 146 -0.55 -26.91 24.52
C ASN H 146 -1.51 -27.78 25.33
N GLY H 147 -1.30 -27.83 26.64
CA GLY H 147 -2.14 -28.63 27.50
C GLY H 147 -2.63 -27.84 28.69
N TRP H 148 -3.81 -28.20 29.16
CA TRP H 148 -4.40 -27.60 30.34
C TRP H 148 -3.89 -28.31 31.58
N HIS H 149 -3.42 -27.52 32.56
CA HIS H 149 -2.91 -28.06 33.81
C HIS H 149 -3.62 -27.38 34.97
N SER H 150 -3.99 -28.17 35.97
CA SER H 150 -4.65 -27.67 37.16
C SER H 150 -3.83 -28.02 38.38
N ARG H 151 -3.73 -27.09 39.32
CA ARG H 151 -2.98 -27.32 40.55
C ARG H 151 -3.57 -26.48 41.66
N GLY H 152 -3.78 -27.10 42.81
CA GLY H 152 -4.25 -26.37 43.98
C GLY H 152 -3.16 -25.44 44.49
N LEU H 153 -3.45 -24.14 44.49
CA LEU H 153 -2.50 -23.16 44.97
C LEU H 153 -2.47 -23.06 46.50
N GLY H 154 -3.48 -23.56 47.17
CA GLY H 154 -3.58 -23.40 48.60
C GLY H 154 -4.22 -22.08 48.96
N TYR H 155 -4.36 -21.86 50.27
CA TYR H 155 -5.04 -20.68 50.80
C TYR H 155 -6.44 -20.56 50.22
N GLY H 156 -7.10 -21.71 50.05
CA GLY H 156 -8.42 -21.73 49.44
C GLY H 156 -8.43 -21.28 48.00
N LEU H 157 -7.34 -21.55 47.27
CA LEU H 157 -7.22 -21.13 45.89
C LEU H 157 -6.69 -22.27 45.04
N LYS H 158 -7.21 -22.36 43.82
CA LYS H 158 -6.74 -23.31 42.82
C LYS H 158 -6.53 -22.57 41.52
N SER H 159 -5.70 -23.14 40.65
CA SER H 159 -5.37 -22.53 39.37
C SER H 159 -5.53 -23.54 38.25
N ARG H 160 -6.00 -23.07 37.11
CA ARG H 160 -6.13 -23.87 35.90
C ARG H 160 -5.57 -23.06 34.75
N GLY H 161 -4.49 -23.54 34.14
CA GLY H 161 -3.75 -22.76 33.17
C GLY H 161 -3.47 -23.52 31.90
N PHE H 162 -3.07 -22.77 30.88
CA PHE H 162 -2.79 -23.29 29.56
C PHE H 162 -1.71 -22.41 28.92
N MET H 163 -0.77 -23.06 28.23
CA MET H 163 0.26 -22.33 27.52
C MET H 163 0.66 -23.14 26.28
N ASN H 164 0.67 -22.48 25.13
CA ASN H 164 1.08 -23.15 23.90
C ASN H 164 2.59 -23.28 23.83
N SER H 165 3.06 -24.00 22.82
CA SER H 165 4.48 -24.34 22.69
C SER H 165 5.21 -23.47 21.67
N SER H 166 4.55 -22.50 21.07
CA SER H 166 5.18 -21.69 20.03
C SER H 166 5.87 -20.48 20.63
N GLY H 167 6.66 -19.80 19.80
CA GLY H 167 7.31 -18.58 20.22
C GLY H 167 6.37 -17.42 20.43
N HIS H 168 5.21 -17.44 19.78
CA HIS H 168 4.15 -16.46 20.03
C HIS H 168 3.24 -16.97 21.14
N ALA H 169 3.82 -17.06 22.34
CA ALA H 169 3.19 -17.79 23.42
C ALA H 169 2.02 -17.02 24.01
N ILE H 170 0.96 -17.75 24.36
CA ILE H 170 -0.17 -17.22 25.11
C ILE H 170 -0.30 -18.06 26.37
N LEU H 171 -0.35 -17.40 27.52
CA LEU H 171 -0.48 -18.05 28.81
C LEU H 171 -1.78 -17.59 29.44
N GLU H 172 -2.77 -18.48 29.47
CA GLU H 172 -4.07 -18.16 30.02
C GLU H 172 -4.25 -18.95 31.31
N ILE H 173 -4.47 -18.24 32.41
CA ILE H 173 -4.61 -18.85 33.72
C ILE H 173 -5.92 -18.37 34.34
N HIS H 174 -6.61 -19.26 35.04
CA HIS H 174 -7.78 -18.92 35.83
C HIS H 174 -7.45 -19.28 37.27
N VAL H 175 -7.38 -18.27 38.14
CA VAL H 175 -7.15 -18.48 39.56
C VAL H 175 -8.49 -18.31 40.26
N THR H 176 -9.05 -19.42 40.74
CA THR H 176 -10.38 -19.44 41.30
C THR H 176 -10.34 -19.93 42.74
N LYS H 177 -11.45 -19.69 43.44
CA LYS H 177 -11.59 -20.22 44.79
C LYS H 177 -11.57 -21.74 44.76
N ALA H 178 -10.78 -22.34 45.65
CA ALA H 178 -10.69 -23.80 45.72
C ALA H 178 -11.95 -24.38 46.32
#